data_1OJL
#
_entry.id   1OJL
#
_cell.length_a   107.440
_cell.length_b   114.740
_cell.length_c   187.260
_cell.angle_alpha   90.00
_cell.angle_beta   90.00
_cell.angle_gamma   90.00
#
_symmetry.space_group_name_H-M   'P 2 2 21'
#
loop_
_entity.id
_entity.type
_entity.pdbx_description
1 polymer 'TRANSCRIPTIONAL REGULATORY PROTEIN ZRAR'
2 non-polymer 'PHOSPHATE ION'
3 non-polymer "ADENOSINE-5'-TRIPHOSPHATE"
4 water water
#
_entity_poly.entity_id   1
_entity_poly.type   'polypeptide(L)'
_entity_poly.pdbx_seq_one_letter_code
;GSHMIGSSPAMQHLLNEIAMVAPSDATVLIHGDSGTGKELVARALHACSARSDRPLVTLNCAALNESLLESELFGHEKGA
FTGADKRREGRFVEADGGTLFLDEIGDISPLMQVRLLRAIQEREVQRVGSNQTISVDVRLIAATHRDLAEEVSAGRFRQD
LYYRLNVVAIEMPSLRQRREDIPLLADHFLRRFAERNRKVVKGFTPQAMDLLIHYDWPGNIRELENAIERAVVLLTGEYI
SERELPLAIAATPIKTEYSGEIQPLVDVEKEVILAALEKTGGNKTEAARQLGITRKTLLAKLSR
;
_entity_poly.pdbx_strand_id   A,B,C,D,E,F
#
# COMPACT_ATOMS: atom_id res chain seq x y z
N HIS A 3 -40.75 25.68 -4.80
CA HIS A 3 -40.64 24.19 -4.69
C HIS A 3 -40.74 23.77 -3.24
N MET A 4 -41.51 22.72 -2.98
CA MET A 4 -41.72 22.23 -1.64
C MET A 4 -42.41 20.92 -1.86
N ILE A 5 -41.97 19.89 -1.16
CA ILE A 5 -42.55 18.58 -1.40
C ILE A 5 -43.43 18.24 -0.26
N GLY A 6 -44.66 17.87 -0.56
CA GLY A 6 -45.51 17.60 0.57
C GLY A 6 -46.85 16.96 0.41
N SER A 7 -47.11 16.09 1.36
CA SER A 7 -48.43 15.56 1.60
C SER A 7 -48.31 14.59 2.73
N SER A 8 -48.53 15.14 3.90
CA SER A 8 -48.59 14.46 5.17
C SER A 8 -49.38 15.51 5.92
N PRO A 9 -50.13 15.09 6.92
CA PRO A 9 -51.02 16.01 7.62
C PRO A 9 -50.35 17.37 7.94
N ALA A 10 -49.39 17.37 8.84
CA ALA A 10 -48.79 18.64 9.17
C ALA A 10 -48.52 19.42 7.91
N MET A 11 -47.58 18.91 7.13
CA MET A 11 -47.20 19.58 5.92
C MET A 11 -48.41 20.12 5.19
N GLN A 12 -49.53 19.41 5.31
CA GLN A 12 -50.72 19.86 4.63
C GLN A 12 -51.23 21.15 5.30
N HIS A 13 -51.40 21.07 6.61
CA HIS A 13 -51.86 22.22 7.37
C HIS A 13 -51.04 23.45 7.05
N LEU A 14 -49.73 23.29 6.99
CA LEU A 14 -48.82 24.41 6.72
C LEU A 14 -49.15 25.11 5.41
N LEU A 15 -49.47 24.34 4.38
CA LEU A 15 -49.82 24.88 3.07
C LEU A 15 -51.09 25.67 3.24
N ASN A 16 -52.05 25.03 3.88
CA ASN A 16 -53.31 25.67 4.19
C ASN A 16 -53.08 27.04 4.79
N GLU A 17 -52.10 27.13 5.68
CA GLU A 17 -51.85 28.40 6.33
C GLU A 17 -51.27 29.41 5.34
N ILE A 18 -50.18 29.03 4.68
CA ILE A 18 -49.55 29.91 3.68
C ILE A 18 -50.56 30.62 2.76
N ALA A 19 -51.48 29.86 2.19
CA ALA A 19 -52.46 30.39 1.25
C ALA A 19 -53.42 31.35 1.91
N MET A 20 -53.95 30.90 3.04
CA MET A 20 -54.85 31.71 3.85
C MET A 20 -54.23 33.07 4.01
N VAL A 21 -53.12 33.11 4.72
CA VAL A 21 -52.50 34.36 5.08
C VAL A 21 -51.86 35.19 3.99
N ALA A 22 -51.36 34.58 2.94
CA ALA A 22 -50.56 35.33 1.97
C ALA A 22 -50.91 36.79 1.66
N PRO A 23 -52.14 37.09 1.24
CA PRO A 23 -52.52 38.48 0.92
C PRO A 23 -51.69 39.54 1.70
N SER A 24 -51.10 40.42 0.90
CA SER A 24 -49.99 41.29 1.30
C SER A 24 -49.89 42.07 2.61
N ASP A 25 -50.82 42.94 2.94
CA ASP A 25 -50.57 43.75 4.13
C ASP A 25 -49.96 43.19 5.43
N ALA A 26 -50.29 41.99 5.88
CA ALA A 26 -49.85 41.64 7.22
C ALA A 26 -48.46 41.06 7.37
N THR A 27 -47.79 41.42 8.47
CA THR A 27 -46.46 40.88 8.77
C THR A 27 -46.55 39.45 9.24
N VAL A 28 -45.52 38.67 8.88
CA VAL A 28 -45.49 37.23 9.10
C VAL A 28 -44.21 36.68 9.73
N LEU A 29 -44.33 36.11 10.92
CA LEU A 29 -43.17 35.66 11.67
C LEU A 29 -43.08 34.16 11.64
N ILE A 30 -41.93 33.62 11.25
CA ILE A 30 -41.88 32.19 11.12
C ILE A 30 -41.11 31.59 12.24
N HIS A 31 -41.70 30.57 12.85
CA HIS A 31 -41.11 29.93 14.01
C HIS A 31 -40.85 28.48 13.69
N GLY A 32 -39.79 27.90 14.25
CA GLY A 32 -39.45 26.50 14.02
C GLY A 32 -37.96 26.20 14.12
N ASP A 33 -37.59 25.01 14.57
CA ASP A 33 -36.17 24.71 14.64
C ASP A 33 -35.57 24.98 13.31
N SER A 34 -34.34 25.46 13.31
CA SER A 34 -33.62 25.65 12.06
C SER A 34 -33.56 24.28 11.55
N GLY A 35 -33.55 24.13 10.24
CA GLY A 35 -33.33 22.84 9.67
C GLY A 35 -34.52 22.49 8.85
N THR A 36 -35.49 23.37 8.87
CA THR A 36 -36.63 23.12 8.04
C THR A 36 -36.97 24.34 7.16
N GLY A 37 -37.59 24.10 6.03
CA GLY A 37 -37.73 25.13 5.03
C GLY A 37 -38.39 26.45 5.37
N LYS A 38 -37.88 27.15 6.38
CA LYS A 38 -38.50 28.44 6.70
C LYS A 38 -38.29 29.41 5.53
N GLU A 39 -37.05 29.56 5.07
CA GLU A 39 -36.83 30.40 3.90
C GLU A 39 -37.82 30.06 2.77
N LEU A 40 -37.96 28.77 2.46
CA LEU A 40 -38.95 28.35 1.46
C LEU A 40 -40.35 28.85 1.81
N VAL A 41 -40.76 28.65 3.05
CA VAL A 41 -42.08 29.06 3.50
C VAL A 41 -42.25 30.56 3.29
N ALA A 42 -41.13 31.27 3.32
CA ALA A 42 -41.20 32.70 3.07
C ALA A 42 -41.32 32.90 1.57
N ARG A 43 -40.57 32.11 0.82
CA ARG A 43 -40.60 32.15 -0.63
C ARG A 43 -42.05 31.91 -1.05
N ALA A 44 -42.63 30.83 -0.54
CA ALA A 44 -44.03 30.50 -0.78
C ALA A 44 -44.97 31.67 -0.46
N LEU A 45 -44.74 32.28 0.68
CA LEU A 45 -45.59 33.37 1.07
C LEU A 45 -45.47 34.40 -0.04
N HIS A 46 -44.23 34.72 -0.37
CA HIS A 46 -43.96 35.77 -1.33
C HIS A 46 -44.66 35.48 -2.62
N ALA A 47 -44.52 34.24 -3.07
CA ALA A 47 -45.18 33.84 -4.29
C ALA A 47 -46.69 34.11 -4.30
N CYS A 48 -47.39 33.72 -3.24
CA CYS A 48 -48.85 33.63 -3.27
C CYS A 48 -49.90 34.75 -3.39
N SER A 49 -49.69 35.98 -2.94
CA SER A 49 -50.82 36.88 -3.17
C SER A 49 -50.69 38.05 -4.14
N ALA A 50 -49.95 39.12 -3.84
CA ALA A 50 -49.89 40.16 -4.89
C ALA A 50 -48.61 40.93 -5.20
N ARG A 51 -47.50 40.65 -4.54
CA ARG A 51 -46.28 41.31 -4.97
C ARG A 51 -45.47 40.23 -5.61
N SER A 52 -46.22 39.35 -6.26
CA SER A 52 -45.70 38.16 -6.90
C SER A 52 -44.63 38.51 -7.90
N ASP A 53 -44.77 39.70 -8.48
CA ASP A 53 -43.88 40.13 -9.55
C ASP A 53 -42.71 40.96 -9.07
N ARG A 54 -42.91 41.74 -8.03
CA ARG A 54 -41.84 42.55 -7.49
C ARG A 54 -40.67 41.70 -7.01
N PRO A 55 -39.50 42.30 -6.88
CA PRO A 55 -38.33 41.59 -6.34
C PRO A 55 -38.62 41.11 -4.93
N LEU A 56 -37.76 40.22 -4.42
CA LEU A 56 -37.89 39.67 -3.09
C LEU A 56 -36.62 39.88 -2.27
N VAL A 57 -36.45 41.07 -1.73
CA VAL A 57 -35.26 41.35 -0.95
C VAL A 57 -35.28 40.44 0.24
N THR A 58 -34.11 39.95 0.61
CA THR A 58 -34.00 39.04 1.73
C THR A 58 -32.60 39.05 2.28
N LEU A 59 -32.45 39.38 3.56
CA LEU A 59 -31.13 39.23 4.17
C LEU A 59 -31.29 38.44 5.43
N ASN A 60 -30.23 37.72 5.83
CA ASN A 60 -30.22 36.97 7.07
C ASN A 60 -29.38 37.71 8.09
N CYS A 61 -30.02 38.18 9.13
CA CYS A 61 -29.33 38.89 10.21
C CYS A 61 -28.22 38.09 10.93
N ALA A 62 -28.04 36.86 10.48
CA ALA A 62 -27.01 35.92 10.91
C ALA A 62 -26.24 36.20 12.18
N ALA A 63 -25.20 36.98 12.08
CA ALA A 63 -24.48 37.39 13.25
C ALA A 63 -24.29 38.90 13.10
N LEU A 64 -24.12 39.37 11.86
CA LEU A 64 -23.82 40.78 11.58
C LEU A 64 -23.73 41.73 12.75
N ASN A 65 -22.58 42.37 12.91
CA ASN A 65 -22.44 43.24 14.06
C ASN A 65 -23.47 44.29 13.90
N GLU A 66 -24.00 44.74 15.04
CA GLU A 66 -24.96 45.82 15.04
C GLU A 66 -24.77 46.76 13.84
N SER A 67 -23.54 47.21 13.63
CA SER A 67 -23.26 48.23 12.62
C SER A 67 -23.60 47.76 11.21
N LEU A 68 -22.76 46.89 10.68
CA LEU A 68 -22.97 46.39 9.32
C LEU A 68 -24.43 46.00 9.11
N LEU A 69 -25.07 45.44 10.13
CA LEU A 69 -26.49 45.18 10.03
C LEU A 69 -27.29 46.49 9.81
N GLU A 70 -27.06 47.48 10.68
CA GLU A 70 -27.77 48.73 10.54
C GLU A 70 -27.68 49.17 9.09
N SER A 71 -26.46 49.32 8.60
CA SER A 71 -26.22 49.72 7.23
C SER A 71 -26.97 48.78 6.30
N GLU A 72 -26.43 47.58 6.12
CA GLU A 72 -27.07 46.65 5.22
C GLU A 72 -28.58 46.85 5.23
N LEU A 73 -29.16 46.83 6.42
CA LEU A 73 -30.60 46.99 6.56
C LEU A 73 -31.23 48.31 6.14
N PHE A 74 -30.70 49.43 6.61
CA PHE A 74 -31.30 50.72 6.22
C PHE A 74 -30.38 51.31 5.19
N GLY A 75 -29.18 51.65 5.60
CA GLY A 75 -28.24 52.05 4.59
C GLY A 75 -27.76 53.45 4.84
N HIS A 76 -26.51 53.64 4.52
CA HIS A 76 -25.89 54.92 4.54
C HIS A 76 -25.68 55.17 3.05
N GLU A 77 -26.50 56.02 2.45
CA GLU A 77 -26.36 56.24 1.03
C GLU A 77 -25.58 57.52 0.84
N LYS A 78 -25.39 58.22 1.96
CA LYS A 78 -24.66 59.46 1.98
C LYS A 78 -23.30 59.28 2.64
N GLY A 79 -22.26 59.74 1.94
CA GLY A 79 -20.88 59.64 2.36
C GLY A 79 -20.54 59.58 3.83
N ALA A 80 -21.16 58.66 4.56
CA ALA A 80 -20.85 58.44 5.96
C ALA A 80 -19.45 57.83 6.05
N PHE A 81 -19.35 56.51 6.06
CA PHE A 81 -18.05 55.82 6.11
C PHE A 81 -17.29 56.01 4.79
N THR A 82 -16.08 56.55 4.86
CA THR A 82 -15.25 56.79 3.67
C THR A 82 -14.34 55.61 3.36
N LYS A 86 -18.42 53.76 -3.27
CA LYS A 86 -18.53 54.47 -2.00
C LYS A 86 -19.97 54.65 -1.52
N ARG A 87 -20.83 53.64 -1.68
CA ARG A 87 -22.18 53.72 -1.13
C ARG A 87 -23.09 52.47 -1.22
N ARG A 88 -23.95 52.32 -0.23
CA ARG A 88 -24.98 51.27 -0.18
C ARG A 88 -26.36 51.86 0.14
N GLU A 89 -27.34 51.59 -0.72
CA GLU A 89 -28.71 52.09 -0.57
C GLU A 89 -29.39 51.62 0.71
N GLY A 90 -29.67 50.33 0.78
CA GLY A 90 -30.35 49.76 1.91
C GLY A 90 -31.17 48.59 1.44
N ARG A 91 -31.70 47.81 2.37
CA ARG A 91 -32.47 46.63 1.99
C ARG A 91 -33.96 46.83 2.14
N PHE A 92 -34.34 47.70 3.05
CA PHE A 92 -35.74 47.97 3.20
C PHE A 92 -36.12 48.70 1.94
N VAL A 93 -35.42 49.78 1.69
CA VAL A 93 -35.64 50.53 0.47
C VAL A 93 -35.61 49.54 -0.68
N GLU A 94 -34.56 48.73 -0.76
CA GLU A 94 -34.43 47.81 -1.87
C GLU A 94 -35.71 47.03 -2.12
N ALA A 95 -36.57 46.98 -1.10
CA ALA A 95 -37.80 46.23 -1.23
C ALA A 95 -38.99 47.14 -1.39
N ASP A 96 -38.80 48.43 -1.24
CA ASP A 96 -39.96 49.32 -1.31
C ASP A 96 -40.93 48.86 -2.40
N GLY A 97 -42.14 48.58 -1.95
CA GLY A 97 -43.17 48.09 -2.84
C GLY A 97 -42.96 46.62 -3.07
N GLY A 98 -42.17 46.01 -2.19
CA GLY A 98 -41.89 44.59 -2.30
C GLY A 98 -42.20 43.85 -1.02
N THR A 99 -41.38 42.85 -0.72
CA THR A 99 -41.55 41.98 0.42
C THR A 99 -40.19 41.67 1.00
N LEU A 100 -40.02 41.98 2.27
CA LEU A 100 -38.75 41.78 2.93
C LEU A 100 -38.74 40.50 3.74
N PHE A 101 -37.63 39.77 3.64
CA PHE A 101 -37.44 38.56 4.43
C PHE A 101 -36.23 38.63 5.33
N LEU A 102 -36.45 38.97 6.60
CA LEU A 102 -35.37 38.92 7.56
C LEU A 102 -35.36 37.55 8.26
N ASP A 103 -34.17 36.94 8.29
CA ASP A 103 -33.97 35.62 8.83
C ASP A 103 -33.19 35.67 10.12
N GLU A 104 -33.56 34.77 11.03
CA GLU A 104 -32.93 34.71 12.33
C GLU A 104 -32.98 36.11 12.85
N ILE A 105 -34.16 36.51 13.28
CA ILE A 105 -34.36 37.86 13.73
C ILE A 105 -34.34 37.98 15.24
N GLY A 106 -34.20 36.87 15.92
CA GLY A 106 -34.29 36.96 17.36
C GLY A 106 -32.98 37.29 17.98
N ASP A 107 -31.96 37.66 17.20
CA ASP A 107 -30.69 38.03 17.86
C ASP A 107 -30.23 39.44 17.52
N ILE A 108 -31.13 40.21 16.90
CA ILE A 108 -30.77 41.53 16.55
C ILE A 108 -30.65 42.23 17.88
N SER A 109 -29.82 43.26 17.96
CA SER A 109 -29.57 43.94 19.19
C SER A 109 -30.75 44.75 19.50
N PRO A 110 -30.78 45.30 20.70
CA PRO A 110 -31.79 46.27 21.10
C PRO A 110 -31.86 47.36 20.10
N LEU A 111 -30.79 48.14 19.95
CA LEU A 111 -30.92 49.31 19.08
C LEU A 111 -31.70 48.88 17.86
N MET A 112 -31.22 47.84 17.22
CA MET A 112 -31.86 47.37 16.02
C MET A 112 -33.33 47.14 16.22
N GLN A 113 -33.70 46.60 17.36
CA GLN A 113 -35.09 46.29 17.60
C GLN A 113 -35.87 47.60 17.50
N VAL A 114 -35.40 48.62 18.20
CA VAL A 114 -36.02 49.92 18.12
C VAL A 114 -36.16 50.32 16.68
N ARG A 115 -35.05 50.34 15.96
CA ARG A 115 -35.09 50.78 14.57
C ARG A 115 -36.07 50.00 13.72
N LEU A 116 -35.82 48.70 13.62
CA LEU A 116 -36.70 47.82 12.88
C LEU A 116 -38.13 48.20 13.19
N LEU A 117 -38.44 48.47 14.46
CA LEU A 117 -39.81 48.78 14.78
C LEU A 117 -40.17 50.09 14.13
N ARG A 118 -39.52 51.19 14.50
CA ARG A 118 -39.83 52.46 13.82
C ARG A 118 -40.11 52.20 12.33
N ALA A 119 -39.25 51.43 11.69
CA ALA A 119 -39.43 51.17 10.29
C ALA A 119 -40.70 50.35 10.04
N ILE A 120 -41.20 49.66 11.04
CA ILE A 120 -42.43 48.93 10.84
C ILE A 120 -43.57 49.81 11.25
N GLN A 121 -43.32 50.68 12.22
CA GLN A 121 -44.38 51.44 12.81
C GLN A 121 -44.85 52.57 11.93
N GLU A 122 -43.91 53.39 11.49
CA GLU A 122 -44.21 54.45 10.55
C GLU A 122 -43.20 54.34 9.40
N ARG A 123 -43.73 54.10 8.22
CA ARG A 123 -42.97 53.67 7.07
C ARG A 123 -41.60 54.25 6.75
N GLU A 124 -41.16 55.26 7.46
CA GLU A 124 -39.87 55.84 7.12
C GLU A 124 -38.63 55.02 7.47
N VAL A 125 -37.51 55.47 6.92
CA VAL A 125 -36.22 54.84 7.13
C VAL A 125 -35.14 55.87 6.91
N GLN A 126 -34.63 56.41 8.01
CA GLN A 126 -33.52 57.32 7.91
C GLN A 126 -32.36 56.48 7.35
N ARG A 127 -31.19 57.08 7.17
CA ARG A 127 -29.98 56.35 6.83
C ARG A 127 -29.01 56.65 7.96
N VAL A 128 -27.99 55.81 8.13
CA VAL A 128 -27.10 55.91 9.28
C VAL A 128 -26.46 57.28 9.49
N GLY A 129 -26.72 57.89 10.65
CA GLY A 129 -26.07 59.15 11.01
C GLY A 129 -26.51 60.48 10.43
N SER A 130 -27.40 60.48 9.45
CA SER A 130 -27.94 61.75 8.92
C SER A 130 -29.47 61.70 8.91
N ASN A 131 -30.12 62.82 8.66
CA ASN A 131 -31.58 62.84 8.62
C ASN A 131 -32.15 62.79 7.19
N GLN A 132 -31.73 61.78 6.44
CA GLN A 132 -32.19 61.54 5.07
C GLN A 132 -33.53 60.80 5.13
N THR A 133 -34.55 61.48 5.63
CA THR A 133 -35.85 60.91 5.99
C THR A 133 -36.67 59.99 5.08
N ILE A 134 -36.01 59.32 4.14
CA ILE A 134 -36.71 58.46 3.18
C ILE A 134 -37.94 57.68 3.71
N SER A 135 -38.92 57.49 2.83
CA SER A 135 -40.16 56.77 3.17
C SER A 135 -40.38 55.52 2.31
N VAL A 136 -40.98 54.50 2.92
CA VAL A 136 -41.21 53.23 2.22
C VAL A 136 -42.51 52.51 2.58
N ASP A 137 -42.69 51.36 1.93
CA ASP A 137 -43.79 50.45 2.21
C ASP A 137 -43.38 49.03 1.82
N VAL A 138 -43.21 48.21 2.84
CA VAL A 138 -42.72 46.85 2.65
C VAL A 138 -43.57 45.80 3.34
N ARG A 139 -43.81 44.67 2.69
CA ARG A 139 -44.45 43.57 3.40
C ARG A 139 -43.37 42.80 4.17
N LEU A 140 -43.52 42.67 5.48
CA LEU A 140 -42.50 42.04 6.32
C LEU A 140 -42.65 40.56 6.60
N ILE A 141 -41.60 39.81 6.30
CA ILE A 141 -41.62 38.44 6.66
C ILE A 141 -40.29 38.14 7.31
N ALA A 142 -40.39 37.64 8.54
CA ALA A 142 -39.24 37.42 9.37
C ALA A 142 -39.43 36.16 10.20
N ALA A 143 -38.34 35.49 10.50
CA ALA A 143 -38.47 34.25 11.20
C ALA A 143 -37.26 33.90 12.08
N THR A 144 -37.53 33.11 13.12
CA THR A 144 -36.46 32.75 14.01
C THR A 144 -36.77 31.47 14.74
N HIS A 145 -35.71 30.84 15.22
CA HIS A 145 -35.84 29.65 16.01
C HIS A 145 -35.77 30.04 17.48
N ARG A 146 -36.44 31.09 17.90
CA ARG A 146 -36.21 31.47 19.26
C ARG A 146 -37.50 31.80 19.94
N ASP A 147 -37.61 31.48 21.24
CA ASP A 147 -38.89 31.69 21.86
C ASP A 147 -39.10 33.18 22.12
N LEU A 148 -39.54 33.92 21.09
CA LEU A 148 -39.63 35.34 21.29
C LEU A 148 -40.23 35.70 22.61
N ALA A 149 -41.41 35.17 22.94
CA ALA A 149 -41.92 35.59 24.24
C ALA A 149 -40.76 35.50 25.19
N GLU A 150 -40.19 34.30 25.26
CA GLU A 150 -39.16 34.00 26.20
C GLU A 150 -38.08 35.06 26.22
N GLU A 151 -37.81 35.61 25.05
CA GLU A 151 -36.77 36.60 24.92
C GLU A 151 -37.34 37.89 25.58
N VAL A 152 -38.62 38.09 25.38
CA VAL A 152 -39.17 39.29 25.94
C VAL A 152 -39.04 39.26 27.42
N SER A 153 -39.59 38.22 28.05
CA SER A 153 -39.61 38.18 29.53
C SER A 153 -38.25 38.19 30.08
N ALA A 154 -37.30 37.65 29.35
CA ALA A 154 -35.94 37.71 29.82
C ALA A 154 -35.41 39.12 29.68
N GLY A 155 -36.01 39.88 28.78
CA GLY A 155 -35.57 41.25 28.58
C GLY A 155 -34.49 41.44 27.54
N ARG A 156 -34.44 40.59 26.52
CA ARG A 156 -33.40 40.79 25.54
C ARG A 156 -34.08 41.20 24.31
N PHE A 157 -35.40 41.08 24.31
CA PHE A 157 -36.23 41.47 23.16
C PHE A 157 -37.41 42.28 23.71
N ARG A 158 -38.06 43.08 22.88
CA ARG A 158 -39.08 43.96 23.45
C ARG A 158 -40.49 43.81 22.97
N GLN A 159 -41.46 44.18 23.79
CA GLN A 159 -42.80 43.86 23.38
C GLN A 159 -43.14 44.54 22.07
N ASP A 160 -43.09 45.87 22.07
CA ASP A 160 -43.47 46.63 20.90
C ASP A 160 -43.10 45.94 19.65
N LEU A 161 -41.83 45.71 19.42
CA LEU A 161 -41.47 45.02 18.18
C LEU A 161 -42.15 43.71 18.17
N TYR A 162 -41.97 42.92 19.22
CA TYR A 162 -42.53 41.58 19.29
C TYR A 162 -44.02 41.50 18.89
N TYR A 163 -44.84 42.35 19.50
CA TYR A 163 -46.25 42.43 19.17
C TYR A 163 -46.51 42.88 17.75
N ARG A 164 -45.52 43.51 17.11
CA ARG A 164 -45.71 43.96 15.75
C ARG A 164 -45.17 42.93 14.82
N LEU A 165 -44.53 41.91 15.36
CA LEU A 165 -43.98 40.89 14.52
C LEU A 165 -44.80 39.64 14.65
N ASN A 166 -45.26 39.36 15.85
CA ASN A 166 -46.01 38.16 16.14
C ASN A 166 -47.40 38.33 15.71
N VAL A 167 -47.63 39.13 14.67
CA VAL A 167 -49.00 39.35 14.17
C VAL A 167 -49.57 38.05 13.65
N VAL A 168 -48.97 37.54 12.59
CA VAL A 168 -49.40 36.28 11.95
C VAL A 168 -48.40 35.13 12.12
N ALA A 169 -48.76 34.08 12.86
CA ALA A 169 -47.81 33.00 13.25
C ALA A 169 -47.87 31.67 12.49
N ILE A 170 -46.76 31.25 11.93
CA ILE A 170 -46.71 30.02 11.23
C ILE A 170 -45.68 29.22 11.91
N GLU A 171 -46.04 28.03 12.36
CA GLU A 171 -45.09 27.16 13.04
C GLU A 171 -44.60 26.05 12.10
N MET A 172 -43.34 26.14 11.68
CA MET A 172 -42.75 25.16 10.80
C MET A 172 -42.64 23.85 11.54
N PRO A 173 -43.15 22.81 10.95
CA PRO A 173 -43.14 21.51 11.59
C PRO A 173 -41.87 20.72 11.32
N SER A 174 -41.49 19.88 12.29
CA SER A 174 -40.29 19.03 12.18
C SER A 174 -40.47 17.84 11.26
N LEU A 175 -39.38 17.19 10.89
CA LEU A 175 -39.53 16.04 10.00
C LEU A 175 -40.22 14.99 10.83
N ARG A 176 -39.71 14.72 12.02
CA ARG A 176 -40.34 13.74 12.88
C ARG A 176 -41.84 13.95 12.85
N GLN A 177 -42.30 15.18 12.64
CA GLN A 177 -43.74 15.36 12.55
C GLN A 177 -44.27 15.16 11.15
N ARG A 178 -43.42 14.87 10.18
CA ARG A 178 -43.97 14.59 8.85
C ARG A 178 -43.42 13.33 8.13
N ARG A 179 -43.14 12.28 8.91
CA ARG A 179 -42.58 11.01 8.43
C ARG A 179 -43.00 10.79 7.01
N GLU A 180 -44.32 10.67 6.84
CA GLU A 180 -44.90 10.32 5.56
C GLU A 180 -44.16 10.97 4.39
N ASP A 181 -43.59 12.15 4.60
CA ASP A 181 -42.88 12.80 3.51
C ASP A 181 -41.50 12.19 3.28
N ILE A 182 -40.74 12.11 4.34
CA ILE A 182 -39.38 11.63 4.25
C ILE A 182 -39.04 10.86 3.00
N PRO A 183 -39.70 9.73 2.75
CA PRO A 183 -39.36 8.92 1.56
C PRO A 183 -39.38 9.80 0.32
N LEU A 184 -40.51 10.46 0.11
CA LEU A 184 -40.65 11.31 -1.05
C LEU A 184 -39.51 12.32 -1.04
N LEU A 185 -39.36 12.95 0.10
CA LEU A 185 -38.26 13.87 0.29
C LEU A 185 -36.95 13.09 -0.02
N ALA A 186 -36.66 12.09 0.80
CA ALA A 186 -35.49 11.25 0.63
C ALA A 186 -35.20 11.03 -0.84
N ASP A 187 -36.23 10.73 -1.61
CA ASP A 187 -35.98 10.34 -2.98
C ASP A 187 -35.49 11.56 -3.71
N HIS A 188 -36.04 12.71 -3.33
CA HIS A 188 -35.64 13.94 -3.97
C HIS A 188 -34.13 14.16 -3.91
N PHE A 189 -33.56 14.04 -2.72
CA PHE A 189 -32.10 14.21 -2.59
C PHE A 189 -31.31 13.09 -3.31
N LEU A 190 -31.83 11.88 -3.19
CA LEU A 190 -31.13 10.78 -3.76
C LEU A 190 -31.05 11.06 -5.23
N ARG A 191 -31.89 11.93 -5.73
CA ARG A 191 -31.81 12.20 -7.14
C ARG A 191 -30.83 13.30 -7.43
N ARG A 192 -30.77 14.28 -6.55
CA ARG A 192 -29.83 15.37 -6.78
C ARG A 192 -28.38 14.88 -6.73
N PHE A 193 -28.04 14.10 -5.71
CA PHE A 193 -26.63 13.81 -5.56
C PHE A 193 -26.13 12.66 -6.38
N ALA A 194 -27.05 11.84 -6.86
CA ALA A 194 -26.62 10.77 -7.72
C ALA A 194 -26.23 11.48 -8.98
N GLU A 195 -26.83 12.65 -9.18
CA GLU A 195 -26.54 13.34 -10.40
C GLU A 195 -25.30 14.15 -10.23
N ARG A 196 -25.18 14.80 -9.09
CA ARG A 196 -24.08 15.72 -8.94
C ARG A 196 -22.75 14.98 -8.93
N ASN A 197 -22.82 13.69 -8.66
CA ASN A 197 -21.63 12.86 -8.63
C ASN A 197 -21.60 11.86 -9.79
N ARG A 198 -22.46 12.11 -10.76
CA ARG A 198 -22.58 11.22 -11.90
C ARG A 198 -22.47 9.78 -11.48
N LYS A 199 -23.03 9.42 -10.35
CA LYS A 199 -23.04 8.02 -9.93
C LYS A 199 -24.35 7.50 -10.40
N VAL A 200 -24.45 6.20 -10.56
CA VAL A 200 -25.72 5.68 -11.03
C VAL A 200 -26.32 4.97 -9.89
N VAL A 201 -26.97 5.72 -9.04
CA VAL A 201 -27.65 5.16 -7.92
C VAL A 201 -29.12 5.01 -8.23
N LYS A 202 -29.77 4.02 -7.61
CA LYS A 202 -31.23 4.12 -7.66
C LYS A 202 -32.07 3.25 -6.75
N GLY A 203 -32.46 3.88 -5.64
CA GLY A 203 -33.30 3.28 -4.63
C GLY A 203 -32.61 3.05 -3.32
N PHE A 204 -33.41 2.94 -2.25
CA PHE A 204 -32.96 2.62 -0.90
C PHE A 204 -33.35 1.19 -0.53
N THR A 205 -32.47 0.43 0.08
CA THR A 205 -32.92 -0.88 0.55
C THR A 205 -34.01 -0.66 1.57
N PRO A 206 -35.02 -1.49 1.53
CA PRO A 206 -36.16 -1.33 2.43
C PRO A 206 -35.66 -1.19 3.83
N GLN A 207 -34.50 -1.74 4.13
CA GLN A 207 -33.97 -1.57 5.47
C GLN A 207 -33.61 -0.09 5.71
N ALA A 208 -32.64 0.41 4.97
CA ALA A 208 -32.28 1.82 5.09
C ALA A 208 -33.50 2.73 5.14
N MET A 209 -34.31 2.66 4.10
CA MET A 209 -35.48 3.52 4.01
C MET A 209 -36.31 3.43 5.25
N ASP A 210 -36.25 2.26 5.89
CA ASP A 210 -37.01 2.09 7.10
C ASP A 210 -36.38 2.94 8.21
N LEU A 211 -35.07 2.91 8.36
CA LEU A 211 -34.50 3.77 9.41
C LEU A 211 -34.76 5.22 9.10
N LEU A 212 -34.54 5.62 7.85
CA LEU A 212 -34.76 7.00 7.51
C LEU A 212 -36.19 7.45 7.96
N ILE A 213 -37.18 6.64 7.73
CA ILE A 213 -38.54 7.03 8.04
C ILE A 213 -38.73 7.20 9.52
N HIS A 214 -37.99 6.47 10.34
CA HIS A 214 -38.18 6.66 11.78
C HIS A 214 -37.23 7.59 12.50
N TYR A 215 -36.24 8.11 11.81
CA TYR A 215 -35.38 9.08 12.44
C TYR A 215 -35.40 10.44 11.70
N ASP A 216 -34.19 10.96 11.40
CA ASP A 216 -34.00 12.28 10.81
C ASP A 216 -34.65 13.35 11.63
N TRP A 217 -34.26 13.49 12.90
CA TRP A 217 -34.93 14.46 13.70
C TRP A 217 -34.17 15.77 13.76
N PRO A 218 -33.26 15.83 14.70
CA PRO A 218 -32.64 17.06 15.15
C PRO A 218 -32.32 18.08 14.12
N GLY A 219 -31.90 17.76 12.89
CA GLY A 219 -31.57 18.77 11.88
C GLY A 219 -32.50 18.49 10.74
N ASN A 220 -33.73 18.65 11.03
CA ASN A 220 -34.64 18.14 10.08
C ASN A 220 -34.19 18.02 8.64
N ILE A 221 -34.51 18.96 7.76
CA ILE A 221 -34.14 18.65 6.41
C ILE A 221 -32.64 18.70 6.24
N ARG A 222 -31.97 19.74 6.78
CA ARG A 222 -30.51 19.79 6.60
C ARG A 222 -29.76 18.47 6.95
N GLU A 223 -30.12 17.76 8.02
CA GLU A 223 -29.41 16.55 8.39
C GLU A 223 -29.73 15.40 7.47
N LEU A 224 -30.91 15.43 6.87
CA LEU A 224 -31.25 14.35 5.98
C LEU A 224 -30.47 14.69 4.76
N GLU A 225 -30.62 15.91 4.27
CA GLU A 225 -29.85 16.26 3.09
C GLU A 225 -28.40 15.84 3.20
N ASN A 226 -27.82 15.98 4.38
CA ASN A 226 -26.43 15.58 4.64
C ASN A 226 -26.33 14.07 4.55
N ALA A 227 -27.08 13.38 5.40
CA ALA A 227 -27.17 11.90 5.34
C ALA A 227 -27.23 11.35 3.93
N ILE A 228 -28.19 11.78 3.16
CA ILE A 228 -28.08 11.11 1.91
C ILE A 228 -26.79 11.45 1.23
N GLU A 229 -26.61 12.73 0.86
CA GLU A 229 -25.38 13.11 0.17
C GLU A 229 -24.20 12.26 0.64
N ARG A 230 -24.09 12.02 1.93
CA ARG A 230 -22.94 11.20 2.32
C ARG A 230 -23.09 9.83 1.69
N ALA A 231 -24.32 9.35 1.69
CA ALA A 231 -24.58 8.00 1.23
C ALA A 231 -24.27 7.88 -0.22
N VAL A 232 -24.62 8.87 -1.04
CA VAL A 232 -24.27 8.64 -2.42
C VAL A 232 -22.78 8.79 -2.61
N VAL A 233 -22.19 9.74 -1.95
CA VAL A 233 -20.78 9.80 -2.14
C VAL A 233 -20.10 8.48 -1.90
N LEU A 234 -20.55 7.69 -0.90
CA LEU A 234 -19.81 6.45 -0.49
C LEU A 234 -20.25 5.17 -1.23
N LEU A 235 -21.52 5.15 -1.59
CA LEU A 235 -22.09 3.99 -2.26
C LEU A 235 -21.14 3.40 -3.32
N THR A 236 -20.86 2.10 -3.25
CA THR A 236 -20.11 1.42 -4.31
C THR A 236 -21.00 0.30 -4.75
N GLY A 237 -22.13 0.65 -5.32
CA GLY A 237 -23.15 -0.32 -5.71
C GLY A 237 -24.43 0.39 -6.08
N GLU A 238 -25.55 -0.30 -6.06
CA GLU A 238 -26.68 0.41 -6.63
C GLU A 238 -27.78 0.93 -5.74
N TYR A 239 -27.89 0.35 -4.54
CA TYR A 239 -28.92 0.76 -3.59
C TYR A 239 -28.31 1.34 -2.31
N ILE A 240 -28.75 2.50 -1.81
CA ILE A 240 -28.07 2.94 -0.57
C ILE A 240 -28.65 2.12 0.58
N SER A 241 -27.82 1.66 1.49
CA SER A 241 -28.27 0.81 2.59
C SER A 241 -27.80 1.24 4.00
N GLU A 242 -28.29 0.51 5.00
CA GLU A 242 -27.96 0.80 6.35
C GLU A 242 -26.48 1.21 6.47
N ARG A 243 -25.58 0.51 5.81
CA ARG A 243 -24.18 0.75 6.06
C ARG A 243 -23.59 1.80 5.14
N GLU A 244 -24.39 2.82 4.90
CA GLU A 244 -23.94 3.94 4.08
C GLU A 244 -24.51 5.16 4.77
N LEU A 245 -25.64 4.99 5.48
CA LEU A 245 -26.18 6.09 6.25
C LEU A 245 -25.27 6.39 7.42
N PRO A 246 -25.30 7.62 7.86
CA PRO A 246 -24.41 8.09 8.94
C PRO A 246 -24.68 7.39 10.31
N LEU A 247 -23.58 6.97 10.94
CA LEU A 247 -23.64 6.21 12.20
C LEU A 247 -24.83 6.58 13.02
N ALA A 248 -24.92 7.86 13.33
CA ALA A 248 -26.02 8.37 14.12
C ALA A 248 -27.41 7.80 13.83
N ILE A 249 -27.60 7.21 12.67
CA ILE A 249 -28.96 6.75 12.34
C ILE A 249 -29.32 5.37 12.90
N ALA A 250 -28.32 4.57 13.25
CA ALA A 250 -28.51 3.23 13.87
C ALA A 250 -29.06 3.29 15.32
N TYR A 258 -28.55 -2.05 23.67
CA TYR A 258 -28.02 -0.70 23.90
C TYR A 258 -27.93 0.10 22.59
N SER A 259 -27.10 -0.37 21.66
CA SER A 259 -27.01 0.30 20.35
C SER A 259 -26.75 -0.67 19.19
N GLY A 260 -26.38 -0.13 18.03
CA GLY A 260 -26.17 -0.96 16.87
C GLY A 260 -24.80 -0.84 16.24
N GLU A 261 -23.87 -0.17 16.92
CA GLU A 261 -22.52 -0.11 16.42
C GLU A 261 -21.68 -1.14 17.18
N ILE A 262 -20.74 -1.78 16.46
CA ILE A 262 -19.87 -2.75 17.07
C ILE A 262 -19.28 -2.20 18.38
N GLN A 263 -19.34 -2.98 19.46
CA GLN A 263 -18.64 -2.62 20.69
C GLN A 263 -17.72 -3.80 21.02
N PRO A 264 -16.60 -3.51 21.65
CA PRO A 264 -15.52 -4.49 21.94
C PRO A 264 -15.82 -5.76 22.74
N LEU A 265 -15.39 -6.94 22.27
CA LEU A 265 -15.50 -8.19 22.95
C LEU A 265 -15.35 -7.97 24.44
N VAL A 266 -14.21 -7.44 24.81
CA VAL A 266 -13.92 -7.27 26.20
C VAL A 266 -15.11 -6.71 26.91
N ASP A 267 -15.72 -5.72 26.32
CA ASP A 267 -16.82 -5.14 27.03
C ASP A 267 -18.06 -6.05 26.97
N VAL A 268 -18.39 -6.52 25.78
CA VAL A 268 -19.54 -7.37 25.67
C VAL A 268 -19.42 -8.57 26.60
N GLU A 269 -18.23 -9.15 26.74
CA GLU A 269 -18.21 -10.27 27.67
C GLU A 269 -18.49 -9.87 29.08
N LYS A 270 -17.89 -8.77 29.55
CA LYS A 270 -18.20 -8.33 30.92
C LYS A 270 -19.67 -8.07 31.02
N GLU A 271 -20.27 -7.74 29.91
CA GLU A 271 -21.68 -7.46 29.95
C GLU A 271 -22.35 -8.79 30.16
N VAL A 272 -21.91 -9.80 29.42
CA VAL A 272 -22.53 -11.08 29.58
C VAL A 272 -22.23 -11.69 30.95
N ILE A 273 -20.97 -11.69 31.39
CA ILE A 273 -20.64 -12.43 32.64
C ILE A 273 -21.19 -11.77 33.87
N LEU A 274 -21.89 -10.65 33.70
CA LEU A 274 -22.46 -9.88 34.81
C LEU A 274 -23.96 -10.17 34.86
N ALA A 275 -24.51 -10.38 33.67
CA ALA A 275 -25.87 -10.84 33.56
C ALA A 275 -25.92 -12.25 34.17
N ALA A 276 -25.05 -13.16 33.70
CA ALA A 276 -25.15 -14.48 34.26
C ALA A 276 -25.06 -14.32 35.75
N LEU A 277 -24.07 -13.57 36.20
CA LEU A 277 -24.00 -13.36 37.63
C LEU A 277 -25.36 -12.93 38.19
N GLU A 278 -25.91 -11.87 37.66
CA GLU A 278 -27.20 -11.39 38.19
C GLU A 278 -28.25 -12.50 38.22
N LYS A 279 -28.19 -13.43 37.28
CA LYS A 279 -29.20 -14.46 37.23
C LYS A 279 -28.77 -15.67 38.01
N THR A 280 -27.77 -15.59 38.86
CA THR A 280 -27.51 -16.72 39.75
C THR A 280 -27.18 -16.22 41.13
N GLY A 281 -27.60 -15.00 41.45
CA GLY A 281 -27.46 -14.44 42.78
C GLY A 281 -26.01 -14.26 43.12
N GLY A 282 -25.22 -13.88 42.15
CA GLY A 282 -23.81 -13.64 42.42
C GLY A 282 -23.04 -14.90 42.68
N ASN A 283 -23.65 -16.02 42.38
CA ASN A 283 -22.86 -17.18 42.52
C ASN A 283 -21.87 -17.33 41.40
N LYS A 284 -20.62 -16.92 41.63
CA LYS A 284 -19.67 -17.15 40.51
C LYS A 284 -19.65 -18.58 39.90
N THR A 285 -19.46 -19.62 40.71
CA THR A 285 -19.22 -20.95 40.20
C THR A 285 -20.26 -21.28 39.18
N GLU A 286 -21.51 -21.18 39.61
CA GLU A 286 -22.62 -21.45 38.72
C GLU A 286 -22.47 -20.56 37.42
N ALA A 287 -22.37 -19.25 37.58
CA ALA A 287 -22.19 -18.40 36.44
C ALA A 287 -21.20 -18.99 35.50
N ALA A 288 -20.08 -19.43 36.04
CA ALA A 288 -19.12 -19.89 35.09
C ALA A 288 -19.64 -21.13 34.45
N ARG A 289 -20.17 -22.05 35.27
CA ARG A 289 -20.62 -23.34 34.75
C ARG A 289 -21.50 -23.14 33.57
N GLN A 290 -22.55 -22.35 33.73
CA GLN A 290 -23.46 -22.15 32.63
C GLN A 290 -22.68 -21.43 31.57
N LEU A 291 -21.83 -20.48 31.96
CA LEU A 291 -21.13 -19.71 30.92
C LEU A 291 -20.18 -20.59 30.17
N GLY A 292 -20.04 -21.85 30.56
CA GLY A 292 -19.07 -22.67 29.85
C GLY A 292 -17.62 -22.20 30.03
N ILE A 293 -17.25 -21.69 31.21
CA ILE A 293 -15.84 -21.38 31.51
C ILE A 293 -15.45 -21.57 33.01
N THR A 294 -14.19 -21.89 33.23
CA THR A 294 -13.64 -22.00 34.56
C THR A 294 -14.03 -20.86 35.46
N ARG A 295 -14.26 -21.13 36.75
CA ARG A 295 -14.49 -20.08 37.73
C ARG A 295 -13.31 -19.12 37.63
N LYS A 296 -12.10 -19.67 37.54
CA LYS A 296 -10.87 -18.85 37.47
C LYS A 296 -10.90 -17.93 36.29
N THR A 297 -11.45 -18.41 35.18
CA THR A 297 -11.55 -17.56 34.00
C THR A 297 -12.43 -16.35 34.25
N LEU A 298 -13.72 -16.59 34.50
CA LEU A 298 -14.69 -15.53 34.79
C LEU A 298 -14.04 -14.58 35.73
N LEU A 299 -13.40 -15.12 36.74
CA LEU A 299 -12.70 -14.20 37.62
C LEU A 299 -11.83 -13.20 36.83
N ALA A 300 -11.11 -13.67 35.84
CA ALA A 300 -10.25 -12.80 35.07
C ALA A 300 -11.01 -12.02 34.03
N LYS A 301 -11.81 -12.73 33.25
CA LYS A 301 -12.44 -12.11 32.11
C LYS A 301 -13.04 -10.75 32.46
N LEU A 302 -13.21 -10.47 33.74
CA LEU A 302 -13.89 -9.26 34.12
C LEU A 302 -13.07 -8.50 35.07
N SER A 303 -11.86 -8.96 35.31
CA SER A 303 -10.97 -8.24 36.19
C SER A 303 -9.86 -7.81 35.34
N ARG A 304 -10.20 -7.51 34.08
CA ARG A 304 -9.24 -7.08 33.07
C ARG A 304 -8.92 -5.58 33.20
N SER B 2 -0.94 8.74 -0.89
CA SER B 2 -0.23 7.75 -0.03
C SER B 2 1.03 8.35 0.60
N HIS B 3 0.87 9.34 1.48
CA HIS B 3 2.03 9.99 2.08
C HIS B 3 2.51 9.20 3.28
N MET B 4 1.57 8.96 4.17
CA MET B 4 1.74 8.35 5.48
C MET B 4 2.11 6.89 5.59
N ILE B 5 2.83 6.62 6.68
CA ILE B 5 3.34 5.30 7.02
C ILE B 5 2.18 4.39 7.18
N GLY B 6 2.14 3.45 6.24
CA GLY B 6 1.12 2.45 6.05
C GLY B 6 0.83 1.35 7.06
N SER B 7 -0.28 0.76 6.73
CA SER B 7 -1.10 -0.11 7.55
C SER B 7 -0.82 -0.89 8.81
N SER B 8 -1.94 -0.85 9.51
CA SER B 8 -2.32 -1.37 10.77
C SER B 8 -3.80 -1.28 10.48
N PRO B 9 -4.62 -2.14 11.04
CA PRO B 9 -6.03 -2.05 10.74
C PRO B 9 -6.45 -0.63 10.61
N ALA B 10 -6.63 0.04 11.71
CA ALA B 10 -7.07 1.42 11.54
C ALA B 10 -6.37 2.09 10.37
N MET B 11 -5.07 1.95 10.33
CA MET B 11 -4.39 2.80 9.39
C MET B 11 -4.81 2.37 7.99
N GLN B 12 -5.35 1.19 7.90
CA GLN B 12 -5.75 0.62 6.62
C GLN B 12 -7.15 1.13 6.30
N HIS B 13 -8.00 1.21 7.29
CA HIS B 13 -9.36 1.69 7.11
C HIS B 13 -9.40 3.11 6.74
N LEU B 14 -8.38 3.88 7.17
CA LEU B 14 -8.32 5.30 6.83
C LEU B 14 -7.93 5.50 5.38
N LEU B 15 -7.00 4.71 4.86
CA LEU B 15 -6.70 4.90 3.45
C LEU B 15 -7.89 4.40 2.68
N ASN B 16 -8.69 3.62 3.35
CA ASN B 16 -9.74 3.02 2.57
C ASN B 16 -10.81 4.03 2.44
N GLU B 17 -10.98 4.82 3.51
CA GLU B 17 -11.95 5.91 3.48
C GLU B 17 -11.42 6.95 2.51
N ILE B 18 -10.17 7.38 2.71
CA ILE B 18 -9.57 8.38 1.86
C ILE B 18 -9.65 8.11 0.43
N ALA B 19 -9.76 6.86 0.07
CA ALA B 19 -9.77 6.55 -1.34
C ALA B 19 -11.17 6.67 -1.88
N MET B 20 -12.13 6.08 -1.18
CA MET B 20 -13.52 6.11 -1.68
C MET B 20 -14.00 7.51 -1.81
N VAL B 21 -13.71 8.33 -0.81
CA VAL B 21 -14.22 9.70 -0.72
C VAL B 21 -13.70 10.72 -1.66
N ALA B 22 -12.50 10.58 -2.12
CA ALA B 22 -11.90 11.81 -2.66
C ALA B 22 -12.37 12.48 -3.99
N PRO B 23 -13.20 11.87 -4.83
CA PRO B 23 -13.66 12.48 -6.10
C PRO B 23 -14.36 13.77 -5.63
N SER B 24 -13.80 14.86 -6.12
CA SER B 24 -14.03 16.25 -5.66
C SER B 24 -15.19 16.78 -4.82
N ASP B 25 -16.42 16.72 -5.31
CA ASP B 25 -17.49 17.48 -4.66
C ASP B 25 -17.73 17.40 -3.15
N ALA B 26 -17.45 16.28 -2.51
CA ALA B 26 -17.92 16.29 -1.14
C ALA B 26 -16.98 16.86 -0.12
N THR B 27 -17.54 17.75 0.67
CA THR B 27 -16.81 18.42 1.72
C THR B 27 -16.39 17.40 2.68
N VAL B 28 -15.22 17.57 3.31
CA VAL B 28 -14.79 16.60 4.35
C VAL B 28 -14.36 17.23 5.65
N LEU B 29 -14.73 16.57 6.78
CA LEU B 29 -14.40 16.98 8.15
C LEU B 29 -13.48 16.02 8.82
N ILE B 30 -12.23 16.36 9.06
CA ILE B 30 -11.34 15.38 9.65
C ILE B 30 -11.24 15.69 11.09
N HIS B 31 -11.67 14.72 11.90
CA HIS B 31 -11.83 14.89 13.33
C HIS B 31 -10.83 13.99 14.03
N GLY B 32 -10.26 14.47 15.12
CA GLY B 32 -9.32 13.63 15.86
C GLY B 32 -8.45 14.36 16.89
N ASP B 33 -7.98 13.65 17.92
CA ASP B 33 -7.08 14.23 18.89
C ASP B 33 -6.04 15.03 18.08
N SER B 34 -5.65 16.22 18.55
CA SER B 34 -4.59 16.93 17.88
C SER B 34 -3.30 16.11 18.10
N GLY B 35 -2.41 16.10 17.13
CA GLY B 35 -1.23 15.29 17.31
C GLY B 35 -1.15 14.16 16.34
N THR B 36 -2.10 14.09 15.46
CA THR B 36 -1.93 13.06 14.47
C THR B 36 -2.05 13.65 13.04
N GLY B 37 -1.88 12.87 12.00
CA GLY B 37 -1.72 13.48 10.71
C GLY B 37 -2.88 14.17 10.00
N LYS B 38 -3.67 14.99 10.67
CA LYS B 38 -4.85 15.43 9.96
C LYS B 38 -4.38 16.01 8.70
N GLU B 39 -3.50 17.00 8.82
CA GLU B 39 -2.90 17.67 7.68
C GLU B 39 -2.53 16.69 6.58
N LEU B 40 -1.58 15.80 6.81
CA LEU B 40 -1.34 14.79 5.76
C LEU B 40 -2.66 14.20 5.17
N VAL B 41 -3.54 13.75 6.04
CA VAL B 41 -4.78 13.22 5.55
C VAL B 41 -5.41 14.23 4.57
N ALA B 42 -5.20 15.53 4.82
CA ALA B 42 -5.77 16.57 3.94
C ALA B 42 -5.07 16.45 2.60
N ARG B 43 -3.79 16.71 2.60
CA ARG B 43 -2.99 16.50 1.42
C ARG B 43 -3.43 15.24 0.71
N ALA B 44 -3.41 14.12 1.43
CA ALA B 44 -3.70 12.87 0.75
C ALA B 44 -5.05 12.95 0.07
N LEU B 45 -5.94 13.69 0.70
CA LEU B 45 -7.27 13.78 0.16
C LEU B 45 -7.08 14.53 -1.09
N HIS B 46 -6.38 15.65 -0.99
CA HIS B 46 -6.15 16.51 -2.14
C HIS B 46 -5.64 15.70 -3.27
N ALA B 47 -4.49 15.10 -3.00
CA ALA B 47 -3.79 14.30 -3.98
C ALA B 47 -4.77 13.37 -4.65
N CYS B 48 -5.12 12.30 -3.97
CA CYS B 48 -5.90 11.26 -4.56
C CYS B 48 -7.05 11.63 -5.44
N SER B 49 -7.74 12.73 -5.27
CA SER B 49 -8.91 12.71 -6.10
C SER B 49 -8.92 13.41 -7.42
N ALA B 50 -9.21 14.68 -7.53
CA ALA B 50 -9.30 15.04 -8.94
C ALA B 50 -8.68 16.35 -9.33
N ARG B 51 -8.63 17.25 -8.37
CA ARG B 51 -8.09 18.53 -8.58
C ARG B 51 -6.70 18.35 -8.06
N SER B 52 -6.02 17.36 -8.61
CA SER B 52 -4.76 16.94 -8.02
C SER B 52 -3.69 17.83 -8.58
N ASP B 53 -4.02 18.44 -9.70
CA ASP B 53 -3.14 19.34 -10.42
C ASP B 53 -3.19 20.75 -9.86
N ARG B 54 -4.36 21.16 -9.39
CA ARG B 54 -4.48 22.52 -8.87
C ARG B 54 -3.74 22.70 -7.54
N PRO B 55 -3.66 23.93 -7.08
CA PRO B 55 -2.89 24.24 -5.87
C PRO B 55 -3.69 23.78 -4.66
N LEU B 56 -3.05 23.65 -3.50
CA LEU B 56 -3.79 23.32 -2.32
C LEU B 56 -3.75 24.41 -1.27
N VAL B 57 -4.53 25.46 -1.47
CA VAL B 57 -4.61 26.51 -0.47
C VAL B 57 -4.99 25.90 0.85
N THR B 58 -4.49 26.51 1.92
CA THR B 58 -4.76 26.04 3.24
C THR B 58 -4.40 27.10 4.27
N LEU B 59 -5.33 27.37 5.18
CA LEU B 59 -5.06 28.30 6.27
C LEU B 59 -5.49 27.69 7.57
N ASN B 60 -4.84 28.12 8.63
CA ASN B 60 -5.11 27.57 9.94
C ASN B 60 -5.89 28.60 10.64
N CYS B 61 -7.07 28.26 11.13
CA CYS B 61 -7.87 29.26 11.81
C CYS B 61 -7.40 29.51 13.22
N ALA B 62 -6.47 28.66 13.66
CA ALA B 62 -5.93 28.65 15.03
C ALA B 62 -6.33 29.75 16.00
N ALA B 63 -5.84 30.98 15.83
CA ALA B 63 -6.23 31.98 16.81
C ALA B 63 -6.23 33.30 16.15
N LEU B 64 -6.90 33.39 15.01
CA LEU B 64 -6.84 34.62 14.24
C LEU B 64 -8.08 35.34 14.64
N ASN B 65 -7.95 36.57 15.12
CA ASN B 65 -9.13 37.27 15.56
C ASN B 65 -10.21 37.25 14.48
N GLU B 66 -11.46 37.35 14.92
CA GLU B 66 -12.58 37.40 14.00
C GLU B 66 -12.15 38.14 12.78
N SER B 67 -11.57 39.32 12.99
CA SER B 67 -11.20 40.19 11.90
C SER B 67 -10.15 39.67 10.92
N LEU B 68 -8.93 39.41 11.40
CA LEU B 68 -7.89 38.92 10.50
C LEU B 68 -8.37 37.69 9.72
N LEU B 69 -9.13 36.81 10.37
CA LEU B 69 -9.58 35.64 9.66
C LEU B 69 -10.56 36.04 8.56
N GLU B 70 -11.37 37.07 8.82
CA GLU B 70 -12.40 37.40 7.83
C GLU B 70 -11.71 37.67 6.56
N SER B 71 -10.72 38.54 6.69
CA SER B 71 -9.99 39.00 5.55
C SER B 71 -9.16 37.90 5.01
N GLU B 72 -8.32 37.32 5.86
CA GLU B 72 -7.47 36.23 5.47
C GLU B 72 -8.27 35.21 4.65
N LEU B 73 -9.49 34.89 5.08
CA LEU B 73 -10.30 33.92 4.33
C LEU B 73 -10.90 34.54 3.07
N PHE B 74 -11.60 35.64 3.27
CA PHE B 74 -12.34 36.27 2.19
C PHE B 74 -11.58 37.34 1.42
N GLY B 75 -12.26 38.43 1.11
CA GLY B 75 -11.66 39.51 0.38
C GLY B 75 -11.54 40.76 1.22
N HIS B 76 -10.70 41.66 0.76
CA HIS B 76 -10.52 42.93 1.41
C HIS B 76 -9.59 43.76 0.51
N GLU B 77 -10.08 44.93 0.13
CA GLU B 77 -9.41 45.79 -0.83
C GLU B 77 -8.63 46.87 -0.15
N LYS B 78 -9.22 48.05 -0.11
CA LYS B 78 -8.63 49.20 0.57
C LYS B 78 -9.15 49.22 2.00
N GLY B 79 -10.39 48.78 2.15
CA GLY B 79 -11.17 48.82 3.38
C GLY B 79 -10.63 48.65 4.79
N ALA B 80 -10.02 47.50 5.08
CA ALA B 80 -9.63 47.16 6.46
C ALA B 80 -9.12 48.34 7.27
N PHE B 81 -8.20 49.07 6.67
CA PHE B 81 -7.69 50.31 7.25
C PHE B 81 -6.73 50.14 8.41
N THR B 82 -6.00 49.03 8.43
CA THR B 82 -5.08 48.79 9.54
C THR B 82 -3.68 49.29 9.24
N GLY B 83 -3.52 49.98 8.10
CA GLY B 83 -2.24 50.61 7.78
C GLY B 83 -2.01 50.96 6.32
N ALA B 84 -1.75 49.93 5.54
CA ALA B 84 -1.56 50.02 4.10
C ALA B 84 -2.51 49.00 3.51
N ASP B 85 -3.37 49.46 2.62
CA ASP B 85 -4.34 48.57 2.05
C ASP B 85 -4.10 48.50 0.57
N LYS B 86 -3.30 47.53 0.19
CA LYS B 86 -3.19 47.18 -1.20
C LYS B 86 -4.26 46.15 -1.02
N ARG B 87 -4.82 45.68 -2.10
CA ARG B 87 -5.91 44.75 -1.95
C ARG B 87 -5.43 43.32 -1.69
N ARG B 88 -6.11 42.61 -0.80
CA ARG B 88 -5.81 41.19 -0.57
C ARG B 88 -6.89 40.37 -1.24
N GLU B 89 -6.49 39.54 -2.19
CA GLU B 89 -7.48 38.75 -2.90
C GLU B 89 -8.25 37.88 -1.88
N GLY B 90 -7.64 36.82 -1.37
CA GLY B 90 -8.34 35.97 -0.42
C GLY B 90 -7.91 34.52 -0.52
N ARG B 91 -8.50 33.65 0.27
CA ARG B 91 -8.04 32.29 0.22
C ARG B 91 -9.02 31.46 -0.59
N PHE B 92 -10.30 31.75 -0.42
CA PHE B 92 -11.28 30.96 -1.11
C PHE B 92 -10.98 31.13 -2.54
N VAL B 93 -11.08 32.37 -2.99
CA VAL B 93 -10.79 32.66 -4.37
C VAL B 93 -9.51 31.97 -4.77
N GLU B 94 -8.44 32.22 -4.05
CA GLU B 94 -7.13 31.62 -4.34
C GLU B 94 -7.24 30.13 -4.68
N ALA B 95 -8.20 29.44 -4.05
CA ALA B 95 -8.35 28.05 -4.32
C ALA B 95 -9.25 27.84 -5.49
N ASP B 96 -9.93 28.88 -5.93
CA ASP B 96 -10.97 28.67 -6.92
C ASP B 96 -10.66 27.56 -7.89
N GLY B 97 -11.56 26.60 -8.02
CA GLY B 97 -11.26 25.49 -8.90
C GLY B 97 -10.12 24.68 -8.31
N GLY B 98 -9.93 24.79 -6.98
CA GLY B 98 -8.87 24.07 -6.31
C GLY B 98 -9.37 23.33 -5.09
N THR B 99 -8.54 23.27 -4.05
CA THR B 99 -8.90 22.64 -2.78
C THR B 99 -8.47 23.46 -1.54
N LEU B 100 -9.43 23.70 -0.65
CA LEU B 100 -9.19 24.52 0.51
C LEU B 100 -9.17 23.65 1.73
N PHE B 101 -8.23 23.90 2.64
CA PHE B 101 -8.10 23.13 3.86
C PHE B 101 -8.04 24.06 5.05
N LEU B 102 -9.04 24.06 5.89
CA LEU B 102 -9.06 24.96 7.01
C LEU B 102 -8.88 24.14 8.30
N ASP B 103 -7.72 24.27 8.92
CA ASP B 103 -7.45 23.50 10.11
C ASP B 103 -7.94 24.23 11.33
N GLU B 104 -8.25 23.44 12.33
CA GLU B 104 -8.70 24.00 13.56
C GLU B 104 -9.89 24.91 13.37
N ILE B 105 -10.93 24.42 12.72
CA ILE B 105 -12.10 25.26 12.46
C ILE B 105 -13.08 25.35 13.61
N GLY B 106 -12.77 24.74 14.74
CA GLY B 106 -13.80 24.60 15.74
C GLY B 106 -14.02 25.78 16.63
N ASP B 107 -13.10 26.73 16.64
CA ASP B 107 -13.25 27.80 17.59
C ASP B 107 -13.55 29.08 16.89
N ILE B 108 -13.95 28.99 15.63
CA ILE B 108 -14.10 30.21 14.90
C ILE B 108 -15.34 30.91 15.41
N SER B 109 -15.32 32.24 15.46
CA SER B 109 -16.48 33.00 15.93
C SER B 109 -17.75 32.75 15.14
N PRO B 110 -18.88 32.97 15.79
CA PRO B 110 -20.20 32.82 15.17
C PRO B 110 -20.33 33.47 13.81
N LEU B 111 -20.09 34.76 13.78
CA LEU B 111 -20.19 35.43 12.52
C LEU B 111 -19.40 34.65 11.49
N MET B 112 -18.21 34.19 11.88
CA MET B 112 -17.43 33.50 10.89
C MET B 112 -18.16 32.26 10.43
N GLN B 113 -18.93 31.64 11.34
CA GLN B 113 -19.72 30.45 11.00
C GLN B 113 -20.64 30.94 9.84
N VAL B 114 -21.54 31.84 10.16
CA VAL B 114 -22.40 32.36 9.10
C VAL B 114 -21.70 32.50 7.76
N ARG B 115 -20.63 33.29 7.73
CA ARG B 115 -19.90 33.51 6.50
C ARG B 115 -19.39 32.23 5.84
N LEU B 116 -18.61 31.48 6.60
CA LEU B 116 -18.09 30.21 6.08
C LEU B 116 -19.23 29.39 5.43
N LEU B 117 -20.39 29.39 6.04
CA LEU B 117 -21.50 28.65 5.50
C LEU B 117 -21.96 29.27 4.24
N ARG B 118 -21.92 30.59 4.18
CA ARG B 118 -22.35 31.23 2.94
C ARG B 118 -21.40 30.78 1.84
N ALA B 119 -20.11 30.72 2.15
CA ALA B 119 -19.15 30.27 1.15
C ALA B 119 -19.37 28.82 0.74
N ILE B 120 -20.03 28.05 1.58
CA ILE B 120 -20.21 26.70 1.13
C ILE B 120 -21.56 26.51 0.51
N GLN B 121 -22.54 27.22 1.07
CA GLN B 121 -23.95 27.12 0.72
C GLN B 121 -24.23 27.65 -0.68
N GLU B 122 -23.95 28.93 -0.88
CA GLU B 122 -24.08 29.55 -2.20
C GLU B 122 -22.73 30.12 -2.59
N ARG B 123 -22.04 29.37 -3.43
CA ARG B 123 -20.68 29.61 -3.84
C ARG B 123 -20.08 31.02 -3.99
N GLU B 124 -20.83 32.07 -3.68
CA GLU B 124 -20.29 33.42 -3.79
C GLU B 124 -19.39 33.78 -2.58
N VAL B 125 -18.74 34.91 -2.67
CA VAL B 125 -17.85 35.31 -1.61
C VAL B 125 -17.65 36.80 -1.58
N GLN B 126 -18.46 37.55 -0.87
CA GLN B 126 -18.21 38.98 -0.77
C GLN B 126 -16.76 39.20 -0.29
N ARG B 127 -16.43 40.42 0.08
CA ARG B 127 -15.11 40.75 0.63
C ARG B 127 -15.27 41.78 1.77
N VAL B 128 -14.22 42.01 2.54
CA VAL B 128 -14.36 42.88 3.70
C VAL B 128 -14.59 44.29 3.25
N GLY B 129 -15.81 44.57 2.75
CA GLY B 129 -16.14 45.91 2.30
C GLY B 129 -17.28 45.99 1.30
N SER B 130 -17.02 45.63 0.06
CA SER B 130 -17.98 45.78 -1.02
C SER B 130 -18.96 44.62 -1.28
N ASN B 131 -19.85 44.89 -2.24
CA ASN B 131 -20.78 43.88 -2.77
C ASN B 131 -20.11 43.17 -3.94
N GLN B 132 -18.81 42.94 -3.76
CA GLN B 132 -18.02 42.23 -4.75
C GLN B 132 -18.26 40.73 -4.58
N THR B 133 -19.37 40.29 -5.17
CA THR B 133 -19.75 38.91 -5.07
C THR B 133 -18.93 38.06 -6.05
N ILE B 134 -17.79 37.60 -5.56
CA ILE B 134 -16.90 36.77 -6.32
C ILE B 134 -17.34 35.32 -6.18
N SER B 135 -17.70 34.70 -7.29
CA SER B 135 -18.08 33.31 -7.24
C SER B 135 -16.85 32.43 -7.24
N VAL B 136 -16.85 31.41 -6.40
CA VAL B 136 -15.78 30.45 -6.46
C VAL B 136 -16.39 29.09 -6.45
N ASP B 137 -15.56 28.10 -6.71
CA ASP B 137 -16.00 26.72 -6.67
C ASP B 137 -14.84 25.95 -6.04
N VAL B 138 -14.99 25.59 -4.77
CA VAL B 138 -13.90 25.02 -4.03
C VAL B 138 -14.27 23.72 -3.38
N ARG B 139 -13.29 22.83 -3.23
CA ARG B 139 -13.49 21.58 -2.50
C ARG B 139 -13.03 21.92 -1.12
N LEU B 140 -13.88 21.69 -0.12
CA LEU B 140 -13.54 22.17 1.20
C LEU B 140 -13.16 21.01 1.99
N ILE B 141 -12.22 21.18 2.91
CA ILE B 141 -11.70 20.07 3.70
C ILE B 141 -11.43 20.68 5.04
N ALA B 142 -11.94 20.08 6.12
CA ALA B 142 -11.89 20.75 7.42
C ALA B 142 -11.53 19.84 8.58
N ALA B 143 -10.78 20.39 9.54
CA ALA B 143 -10.31 19.58 10.64
C ALA B 143 -10.57 20.21 11.98
N THR B 144 -10.70 19.39 13.00
CA THR B 144 -10.82 19.93 14.34
C THR B 144 -10.53 18.88 15.37
N HIS B 145 -10.20 19.33 16.56
CA HIS B 145 -10.02 18.39 17.62
C HIS B 145 -11.16 18.57 18.60
N ARG B 146 -12.33 18.88 18.12
CA ARG B 146 -13.42 19.22 19.00
C ARG B 146 -14.58 18.36 18.66
N ASP B 147 -15.51 18.17 19.60
CA ASP B 147 -16.68 17.40 19.21
C ASP B 147 -17.74 18.35 18.60
N LEU B 148 -17.51 18.77 17.36
CA LEU B 148 -18.49 19.66 16.73
C LEU B 148 -19.87 19.41 17.32
N ALA B 149 -20.24 18.16 17.54
CA ALA B 149 -21.61 18.01 17.96
C ALA B 149 -21.82 18.64 19.27
N GLU B 150 -20.89 18.49 20.17
CA GLU B 150 -21.20 18.98 21.50
C GLU B 150 -21.27 20.45 21.42
N GLU B 151 -20.43 20.97 20.58
CA GLU B 151 -20.33 22.40 20.46
C GLU B 151 -21.68 22.91 19.93
N VAL B 152 -22.26 22.11 19.05
CA VAL B 152 -23.48 22.52 18.41
C VAL B 152 -24.50 22.55 19.48
N SER B 153 -24.43 21.57 20.37
CA SER B 153 -25.48 21.44 21.35
C SER B 153 -25.33 22.39 22.46
N ALA B 154 -24.12 22.87 22.65
CA ALA B 154 -23.85 23.72 23.78
C ALA B 154 -24.13 25.09 23.32
N GLY B 155 -24.51 25.19 22.07
CA GLY B 155 -24.84 26.48 21.53
C GLY B 155 -23.67 27.30 21.03
N ARG B 156 -22.45 26.74 20.98
CA ARG B 156 -21.33 27.54 20.47
C ARG B 156 -21.05 27.41 18.97
N PHE B 157 -21.61 26.40 18.33
CA PHE B 157 -21.39 26.21 16.91
C PHE B 157 -22.71 25.86 16.29
N ARG B 158 -22.99 26.29 15.07
CA ARG B 158 -24.35 26.05 14.58
C ARG B 158 -24.54 24.91 13.60
N GLN B 159 -25.71 24.27 13.68
CA GLN B 159 -26.01 23.08 12.90
C GLN B 159 -25.77 23.27 11.41
N ASP B 160 -26.48 24.23 10.80
CA ASP B 160 -26.39 24.43 9.34
C ASP B 160 -24.96 24.24 8.87
N LEU B 161 -24.04 24.90 9.53
CA LEU B 161 -22.66 24.78 9.15
C LEU B 161 -22.23 23.38 9.52
N TYR B 162 -22.55 22.99 10.74
CA TYR B 162 -22.16 21.66 11.14
C TYR B 162 -22.56 20.67 10.11
N TYR B 163 -23.80 20.79 9.64
CA TYR B 163 -24.28 19.81 8.67
C TYR B 163 -23.76 19.96 7.25
N ARG B 164 -23.03 21.04 6.96
CA ARG B 164 -22.46 21.17 5.61
C ARG B 164 -20.98 20.94 5.71
N LEU B 165 -20.48 20.62 6.89
CA LEU B 165 -19.06 20.32 6.96
C LEU B 165 -19.02 18.84 7.21
N ASN B 166 -19.94 18.34 8.01
CA ASN B 166 -19.75 17.00 8.42
C ASN B 166 -20.48 16.12 7.46
N VAL B 167 -20.19 16.26 6.20
CA VAL B 167 -20.90 15.42 5.30
C VAL B 167 -20.28 14.07 5.33
N VAL B 168 -18.97 14.04 5.11
CA VAL B 168 -18.28 12.77 5.04
C VAL B 168 -17.13 12.90 5.96
N ALA B 169 -17.30 12.23 7.09
CA ALA B 169 -16.41 12.34 8.25
C ALA B 169 -15.22 11.35 8.29
N ILE B 170 -14.03 11.73 8.77
CA ILE B 170 -12.92 10.76 8.88
C ILE B 170 -12.26 10.89 10.19
N GLU B 171 -12.28 9.82 10.98
CA GLU B 171 -11.73 9.89 12.30
C GLU B 171 -10.25 9.61 12.31
N MET B 172 -9.42 10.61 12.62
CA MET B 172 -8.03 10.22 12.62
C MET B 172 -7.86 9.33 13.78
N PRO B 173 -7.18 8.25 13.60
CA PRO B 173 -6.93 7.35 14.70
C PRO B 173 -5.71 7.82 15.51
N SER B 174 -5.77 7.67 16.84
CA SER B 174 -4.68 8.01 17.71
C SER B 174 -3.56 7.02 17.55
N LEU B 175 -2.35 7.45 17.89
CA LEU B 175 -1.20 6.60 17.76
C LEU B 175 -1.52 5.27 18.42
N ARG B 176 -1.90 5.27 19.69
CA ARG B 176 -2.30 4.02 20.36
C ARG B 176 -3.25 3.17 19.54
N GLN B 177 -4.18 3.77 18.81
CA GLN B 177 -5.03 2.95 17.95
C GLN B 177 -4.25 2.46 16.73
N ARG B 178 -2.93 2.64 16.72
CA ARG B 178 -2.15 2.08 15.59
C ARG B 178 -0.75 1.52 15.87
N ARG B 179 -0.62 0.79 16.98
CA ARG B 179 0.68 0.24 17.41
C ARG B 179 1.53 -0.24 16.23
N GLU B 180 0.92 -1.16 15.47
CA GLU B 180 1.49 -1.76 14.27
C GLU B 180 2.28 -0.81 13.42
N ASP B 181 1.91 0.46 13.42
CA ASP B 181 2.70 1.43 12.67
C ASP B 181 3.93 1.92 13.52
N ILE B 182 3.69 2.33 14.76
CA ILE B 182 4.76 2.91 15.51
C ILE B 182 6.14 2.55 15.04
N PRO B 183 6.44 1.30 14.90
CA PRO B 183 7.83 0.95 14.66
C PRO B 183 8.19 1.60 13.38
N LEU B 184 7.26 1.59 12.47
CA LEU B 184 7.61 1.95 11.11
C LEU B 184 7.76 3.43 11.13
N LEU B 185 6.84 4.05 11.86
CA LEU B 185 6.85 5.48 12.07
C LEU B 185 8.20 5.87 12.70
N ALA B 186 8.61 5.14 13.71
CA ALA B 186 9.84 5.41 14.43
C ALA B 186 11.02 5.56 13.50
N ASP B 187 11.42 4.45 12.92
CA ASP B 187 12.51 4.44 11.97
C ASP B 187 12.48 5.70 11.13
N HIS B 188 11.29 6.09 10.65
CA HIS B 188 11.17 7.26 9.81
C HIS B 188 11.79 8.48 10.48
N PHE B 189 11.47 8.73 11.74
CA PHE B 189 12.03 9.92 12.41
C PHE B 189 13.52 9.73 12.72
N LEU B 190 13.86 8.47 13.01
CA LEU B 190 15.21 8.12 13.31
C LEU B 190 16.11 8.46 12.13
N ARG B 191 15.61 8.34 10.91
CA ARG B 191 16.43 8.69 9.74
C ARG B 191 16.60 10.20 9.53
N ARG B 192 15.50 10.93 9.63
CA ARG B 192 15.51 12.37 9.45
C ARG B 192 16.41 13.06 10.44
N PHE B 193 16.29 12.72 11.72
CA PHE B 193 17.13 13.38 12.71
C PHE B 193 18.58 12.91 12.71
N ALA B 194 18.80 11.61 12.48
CA ALA B 194 20.17 11.15 12.44
C ALA B 194 20.81 11.85 11.28
N GLU B 195 20.04 12.18 10.25
CA GLU B 195 20.62 12.95 9.18
C GLU B 195 20.80 14.41 9.59
N ARG B 196 19.76 15.01 10.15
CA ARG B 196 19.81 16.41 10.54
C ARG B 196 21.01 16.72 11.44
N ASN B 197 21.48 15.72 12.17
CA ASN B 197 22.61 15.92 13.09
C ASN B 197 23.92 15.29 12.62
N ARG B 198 23.97 14.85 11.36
CA ARG B 198 25.17 14.21 10.82
C ARG B 198 25.63 13.04 11.67
N LYS B 199 24.73 12.55 12.53
CA LYS B 199 25.03 11.40 13.37
C LYS B 199 24.85 10.06 12.66
N VAL B 200 25.79 9.16 12.89
CA VAL B 200 25.70 7.84 12.32
C VAL B 200 24.88 7.00 13.28
N VAL B 201 23.59 6.93 13.04
CA VAL B 201 22.73 6.20 13.95
C VAL B 201 22.02 5.19 13.10
N LYS B 202 21.70 4.04 13.68
CA LYS B 202 20.90 3.09 12.93
C LYS B 202 20.38 1.96 13.79
N GLY B 203 19.06 1.95 13.94
CA GLY B 203 18.38 0.91 14.68
C GLY B 203 17.94 1.33 16.06
N PHE B 204 17.05 0.54 16.65
CA PHE B 204 16.64 0.71 18.02
C PHE B 204 16.88 -0.62 18.70
N THR B 205 17.40 -0.61 19.92
CA THR B 205 17.52 -1.87 20.64
C THR B 205 16.13 -2.42 20.80
N PRO B 206 16.00 -3.72 20.62
CA PRO B 206 14.70 -4.39 20.73
C PRO B 206 13.96 -3.98 21.98
N GLN B 207 14.70 -3.65 23.03
CA GLN B 207 14.07 -3.22 24.26
C GLN B 207 13.43 -1.90 24.00
N ALA B 208 14.27 -0.92 23.72
CA ALA B 208 13.77 0.42 23.46
C ALA B 208 12.52 0.37 22.58
N MET B 209 12.65 -0.32 21.46
CA MET B 209 11.57 -0.40 20.48
C MET B 209 10.29 -0.89 21.11
N ASP B 210 10.46 -1.83 22.04
CA ASP B 210 9.31 -2.48 22.65
C ASP B 210 8.49 -1.46 23.41
N LEU B 211 9.18 -0.61 24.16
CA LEU B 211 8.50 0.46 24.88
C LEU B 211 7.81 1.43 23.90
N LEU B 212 8.60 2.04 23.02
CA LEU B 212 7.98 2.90 22.00
C LEU B 212 6.71 2.21 21.53
N ILE B 213 6.77 0.92 21.32
CA ILE B 213 5.60 0.26 20.81
C ILE B 213 4.40 0.28 21.76
N HIS B 214 4.61 0.37 23.05
CA HIS B 214 3.46 0.41 23.93
C HIS B 214 3.17 1.74 24.58
N TYR B 215 3.81 2.79 24.08
CA TYR B 215 3.45 4.12 24.53
C TYR B 215 3.22 5.22 23.43
N ASP B 216 3.68 6.44 23.68
CA ASP B 216 3.42 7.44 22.69
C ASP B 216 1.94 7.46 22.56
N TRP B 217 1.26 7.73 23.65
CA TRP B 217 -0.19 7.89 23.61
C TRP B 217 -0.47 9.38 23.46
N PRO B 218 -0.52 10.00 24.60
CA PRO B 218 -0.97 11.37 24.79
C PRO B 218 -0.79 12.38 23.70
N GLY B 219 0.36 12.49 23.03
CA GLY B 219 0.59 13.55 22.03
C GLY B 219 1.07 12.87 20.77
N ASN B 220 0.25 11.94 20.38
CA ASN B 220 0.58 11.07 19.31
C ASN B 220 1.81 11.35 18.48
N ILE B 221 1.70 11.81 17.23
CA ILE B 221 2.96 11.89 16.51
C ILE B 221 3.88 12.93 17.12
N ARG B 222 3.34 14.12 17.29
CA ARG B 222 4.09 15.20 17.91
C ARG B 222 4.96 14.74 19.06
N GLU B 223 4.50 13.80 19.87
CA GLU B 223 5.25 13.50 21.06
C GLU B 223 6.33 12.52 20.68
N LEU B 224 5.92 11.54 19.87
CA LEU B 224 6.86 10.54 19.38
C LEU B 224 7.95 11.33 18.73
N GLU B 225 7.57 12.19 17.80
CA GLU B 225 8.54 12.92 17.00
C GLU B 225 9.57 13.57 17.87
N ASN B 226 9.13 14.08 18.99
CA ASN B 226 10.08 14.72 19.86
C ASN B 226 10.85 13.63 20.58
N ALA B 227 10.14 12.66 21.11
CA ALA B 227 10.89 11.64 21.86
C ALA B 227 12.01 11.03 21.09
N ILE B 228 12.00 11.13 19.76
CA ILE B 228 13.08 10.44 19.03
C ILE B 228 14.18 11.36 18.69
N GLU B 229 13.84 12.52 18.16
CA GLU B 229 14.89 13.51 17.94
C GLU B 229 15.73 13.63 19.24
N ARG B 230 15.04 13.75 20.38
CA ARG B 230 15.79 13.88 21.60
C ARG B 230 16.81 12.77 21.69
N ALA B 231 16.37 11.56 21.35
CA ALA B 231 17.22 10.38 21.50
C ALA B 231 18.37 10.42 20.53
N VAL B 232 18.11 10.80 19.29
CA VAL B 232 19.22 10.94 18.36
C VAL B 232 20.18 11.99 18.94
N VAL B 233 19.64 13.13 19.34
CA VAL B 233 20.52 14.16 19.89
C VAL B 233 21.31 13.76 21.12
N LEU B 234 20.86 12.78 21.89
CA LEU B 234 21.67 12.37 23.04
C LEU B 234 22.61 11.21 22.73
N LEU B 235 22.23 10.43 21.72
CA LEU B 235 22.92 9.20 21.38
C LEU B 235 24.42 9.32 21.28
N THR B 236 25.10 8.58 22.13
CA THR B 236 26.54 8.52 22.06
C THR B 236 26.91 7.16 21.49
N GLY B 237 26.84 6.99 20.19
CA GLY B 237 27.16 5.70 19.60
C GLY B 237 26.22 5.32 18.48
N GLU B 238 25.64 4.13 18.54
CA GLU B 238 24.88 3.71 17.37
C GLU B 238 23.39 3.34 17.44
N TYR B 239 22.99 2.56 18.43
CA TYR B 239 21.59 2.17 18.49
C TYR B 239 20.87 2.84 19.66
N ILE B 240 19.85 3.68 19.40
CA ILE B 240 19.14 4.31 20.52
C ILE B 240 18.47 3.26 21.38
N SER B 241 18.61 3.42 22.69
CA SER B 241 18.15 2.42 23.63
C SER B 241 17.28 3.08 24.64
N GLU B 242 16.86 2.30 25.62
CA GLU B 242 16.00 2.79 26.67
C GLU B 242 16.54 4.03 27.40
N ARG B 243 17.84 4.13 27.57
CA ARG B 243 18.37 5.28 28.29
C ARG B 243 18.69 6.42 27.38
N GLU B 244 17.89 6.58 26.34
CA GLU B 244 18.06 7.67 25.38
C GLU B 244 16.68 8.21 25.05
N LEU B 245 15.66 7.55 25.57
CA LEU B 245 14.30 7.99 25.42
C LEU B 245 13.92 8.82 26.61
N PRO B 246 12.95 9.68 26.44
CA PRO B 246 12.50 10.50 27.55
C PRO B 246 12.02 9.57 28.67
N LEU B 247 12.42 9.92 29.89
CA LEU B 247 12.08 9.18 31.10
C LEU B 247 10.61 9.10 31.05
N ALA B 248 10.13 10.23 30.55
CA ALA B 248 8.78 10.68 30.71
C ALA B 248 7.64 9.67 30.74
N ILE B 249 7.49 9.05 31.91
CA ILE B 249 6.35 8.22 32.20
C ILE B 249 6.07 7.25 31.08
N ALA B 250 6.93 7.22 30.06
CA ALA B 250 6.79 6.20 29.04
C ALA B 250 6.90 4.91 29.83
N ALA B 251 7.94 4.85 30.66
CA ALA B 251 8.14 3.75 31.59
C ALA B 251 8.06 4.34 33.01
N THR B 252 6.93 4.95 33.34
CA THR B 252 6.72 5.54 34.66
C THR B 252 5.24 5.79 34.94
N SER C 2 29.89 36.04 31.45
CA SER C 2 30.17 35.25 30.22
C SER C 2 30.86 33.94 30.53
N HIS C 3 30.59 33.44 31.74
CA HIS C 3 31.10 32.17 32.20
C HIS C 3 30.19 31.89 33.36
N MET C 4 30.59 30.99 34.25
CA MET C 4 29.79 30.79 35.45
C MET C 4 30.70 30.29 36.57
N ILE C 5 30.19 30.36 37.79
CA ILE C 5 30.97 29.92 38.91
C ILE C 5 30.32 28.61 39.20
N GLY C 6 31.13 27.58 39.09
CA GLY C 6 30.61 26.24 39.08
C GLY C 6 31.21 25.30 40.07
N SER C 7 31.10 24.04 39.72
CA SER C 7 30.96 22.97 40.68
C SER C 7 30.79 22.98 42.16
N SER C 8 29.64 22.36 42.38
CA SER C 8 28.98 21.90 43.56
C SER C 8 28.29 20.80 42.74
N PRO C 9 27.85 19.72 43.35
CA PRO C 9 27.23 18.62 42.61
C PRO C 9 26.28 19.09 41.53
N ALA C 10 25.12 19.57 41.96
CA ALA C 10 24.12 19.99 41.01
C ALA C 10 24.73 20.87 39.93
N MET C 11 25.62 21.75 40.36
CA MET C 11 26.24 22.68 39.44
C MET C 11 27.00 21.97 38.34
N GLN C 12 27.59 20.85 38.72
CA GLN C 12 28.38 20.03 37.82
C GLN C 12 27.45 19.40 36.77
N HIS C 13 26.51 18.59 37.26
CA HIS C 13 25.52 17.95 36.40
C HIS C 13 25.09 18.92 35.31
N LEU C 14 24.72 20.14 35.70
CA LEU C 14 24.28 21.13 34.72
C LEU C 14 25.33 21.36 33.62
N LEU C 15 26.59 21.45 34.03
CA LEU C 15 27.69 21.68 33.10
C LEU C 15 27.78 20.50 32.19
N ASN C 16 27.59 19.31 32.76
CA ASN C 16 27.60 18.07 32.00
C ASN C 16 26.56 18.13 30.89
N GLU C 17 25.34 18.56 31.21
CA GLU C 17 24.30 18.63 30.20
C GLU C 17 24.59 19.60 29.07
N ILE C 18 24.96 20.83 29.42
CA ILE C 18 25.25 21.80 28.36
C ILE C 18 26.27 21.24 27.39
N ALA C 19 27.30 20.62 27.93
CA ALA C 19 28.39 20.09 27.14
C ALA C 19 27.84 19.10 26.14
N MET C 20 27.14 18.10 26.66
CA MET C 20 26.50 17.04 25.89
C MET C 20 25.54 17.57 24.82
N VAL C 21 24.59 18.39 25.23
CA VAL C 21 23.57 18.84 24.33
C VAL C 21 23.87 19.89 23.26
N ALA C 22 24.43 21.00 23.66
CA ALA C 22 24.72 22.10 22.74
C ALA C 22 24.95 21.90 21.22
N PRO C 23 25.56 20.79 20.75
CA PRO C 23 25.64 20.58 19.29
C PRO C 23 24.37 21.11 18.59
N SER C 24 24.57 21.93 17.56
CA SER C 24 23.54 22.87 17.06
C SER C 24 22.03 22.61 16.90
N ASP C 25 21.64 21.60 16.16
CA ASP C 25 20.23 21.57 15.81
C ASP C 25 19.12 21.55 16.89
N ALA C 26 19.32 20.94 18.04
CA ALA C 26 18.13 20.74 18.89
C ALA C 26 17.61 21.99 19.57
N THR C 27 16.31 22.24 19.54
CA THR C 27 15.85 23.40 20.28
C THR C 27 16.08 23.08 21.74
N VAL C 28 16.14 24.11 22.60
CA VAL C 28 16.39 23.83 24.00
C VAL C 28 15.62 24.64 25.02
N LEU C 29 15.01 23.94 25.98
CA LEU C 29 14.13 24.58 26.96
C LEU C 29 14.71 24.64 28.31
N ILE C 30 14.89 25.85 28.81
CA ILE C 30 15.55 26.00 30.07
C ILE C 30 14.56 26.24 31.17
N HIS C 31 14.41 25.29 32.06
CA HIS C 31 13.40 25.41 33.10
C HIS C 31 14.00 25.71 34.45
N GLY C 32 13.28 26.49 35.28
CA GLY C 32 13.75 26.85 36.62
C GLY C 32 13.20 28.14 37.20
N ASP C 33 13.11 28.25 38.52
CA ASP C 33 12.61 29.47 39.11
C ASP C 33 13.44 30.62 38.60
N SER C 34 12.90 31.81 38.75
CA SER C 34 13.57 33.02 38.33
C SER C 34 14.50 33.31 39.43
N GLY C 35 15.70 33.74 39.06
CA GLY C 35 16.68 34.12 40.05
C GLY C 35 18.01 33.44 39.83
N THR C 36 18.03 32.47 38.91
CA THR C 36 19.22 31.68 38.62
C THR C 36 19.64 31.89 37.18
N GLY C 37 20.93 32.03 36.94
CA GLY C 37 21.39 32.33 35.59
C GLY C 37 20.86 31.50 34.42
N LYS C 38 19.58 31.63 34.11
CA LYS C 38 19.12 30.93 32.93
C LYS C 38 19.75 31.60 31.72
N GLU C 39 19.67 32.92 31.65
CA GLU C 39 20.32 33.63 30.56
C GLU C 39 21.72 33.03 30.34
N LEU C 40 22.54 33.11 31.37
CA LEU C 40 23.88 32.58 31.27
C LEU C 40 23.91 31.18 30.60
N VAL C 41 23.03 30.28 31.03
CA VAL C 41 23.00 28.92 30.50
C VAL C 41 22.62 28.97 29.03
N ALA C 42 21.92 30.04 28.64
CA ALA C 42 21.62 30.19 27.23
C ALA C 42 22.91 30.53 26.56
N ARG C 43 23.59 31.52 27.14
CA ARG C 43 24.92 31.92 26.69
C ARG C 43 25.78 30.70 26.45
N ALA C 44 26.03 29.97 27.54
CA ALA C 44 26.89 28.77 27.51
C ALA C 44 26.52 27.81 26.39
N LEU C 45 25.23 27.75 26.08
CA LEU C 45 24.80 26.88 25.03
C LEU C 45 25.37 27.42 23.75
N HIS C 46 24.95 28.61 23.36
CA HIS C 46 25.42 29.18 22.12
C HIS C 46 26.89 29.02 21.99
N ALA C 47 27.60 29.36 23.04
CA ALA C 47 29.06 29.27 23.00
C ALA C 47 29.62 27.88 22.65
N CYS C 48 29.25 26.89 23.47
CA CYS C 48 29.83 25.56 23.45
C CYS C 48 29.63 24.66 22.25
N SER C 49 28.74 24.96 21.32
CA SER C 49 28.59 24.00 20.23
C SER C 49 29.05 24.41 18.83
N ALA C 50 28.15 24.92 18.00
CA ALA C 50 28.56 25.08 16.62
C ALA C 50 28.43 26.44 15.96
N ARG C 51 27.70 27.36 16.58
CA ARG C 51 27.64 28.67 15.99
C ARG C 51 28.11 29.58 17.07
N SER C 52 29.39 29.50 17.36
CA SER C 52 29.92 30.24 18.46
C SER C 52 30.45 31.55 17.91
N ASP C 53 30.54 31.61 16.59
CA ASP C 53 31.05 32.79 15.91
C ASP C 53 29.91 33.63 15.33
N ARG C 54 28.77 32.98 15.10
CA ARG C 54 27.60 33.62 14.52
C ARG C 54 26.80 34.27 15.64
N PRO C 55 25.96 35.25 15.28
CA PRO C 55 25.34 36.13 16.28
C PRO C 55 24.47 35.36 17.26
N LEU C 56 24.09 35.99 18.36
CA LEU C 56 23.21 35.39 19.35
C LEU C 56 22.07 36.34 19.63
N VAL C 57 21.05 36.33 18.79
CA VAL C 57 19.93 37.24 18.98
C VAL C 57 19.18 36.85 20.21
N THR C 58 18.64 37.82 20.91
CA THR C 58 17.97 37.45 22.14
C THR C 58 16.96 38.44 22.61
N LEU C 59 15.67 38.10 22.62
CA LEU C 59 14.70 39.00 23.26
C LEU C 59 13.94 38.31 24.37
N ASN C 60 13.27 39.11 25.17
CA ASN C 60 12.58 38.62 26.34
C ASN C 60 11.14 38.85 26.07
N CYS C 61 10.31 37.82 25.98
CA CYS C 61 8.91 38.16 25.65
C CYS C 61 8.12 38.74 26.80
N ALA C 62 8.76 38.92 27.95
CA ALA C 62 8.07 39.32 29.19
C ALA C 62 6.66 39.88 29.10
N ALA C 63 6.50 41.16 28.88
CA ALA C 63 5.12 41.62 28.85
C ALA C 63 4.68 42.29 27.57
N LEU C 64 5.44 42.18 26.48
CA LEU C 64 5.06 42.95 25.29
C LEU C 64 3.76 42.34 24.78
N ASN C 65 2.79 43.20 24.47
CA ASN C 65 1.49 42.76 23.97
C ASN C 65 1.61 42.00 22.68
N GLU C 66 0.63 41.14 22.48
CA GLU C 66 0.52 40.37 21.26
C GLU C 66 1.08 41.15 20.06
N SER C 67 0.74 42.44 19.93
CA SER C 67 1.16 43.16 18.74
C SER C 67 2.67 43.35 18.71
N LEU C 68 3.13 44.19 19.61
CA LEU C 68 4.54 44.50 19.66
C LEU C 68 5.35 43.26 19.55
N LEU C 69 4.99 42.26 20.30
CA LEU C 69 5.77 41.04 20.23
C LEU C 69 5.87 40.52 18.81
N GLU C 70 4.71 40.33 18.17
CA GLU C 70 4.64 39.80 16.82
C GLU C 70 5.70 40.45 15.98
N SER C 71 5.57 41.75 15.86
CA SER C 71 6.48 42.56 15.07
C SER C 71 7.94 42.28 15.47
N GLU C 72 8.28 42.52 16.73
CA GLU C 72 9.64 42.37 17.24
C GLU C 72 10.23 41.02 16.89
N LEU C 73 9.38 40.00 16.94
CA LEU C 73 9.81 38.67 16.66
C LEU C 73 9.87 38.55 15.18
N PHE C 74 8.72 38.64 14.54
CA PHE C 74 8.68 38.49 13.09
C PHE C 74 9.04 39.78 12.41
N GLY C 75 8.53 40.00 11.21
CA GLY C 75 9.00 41.18 10.53
C GLY C 75 7.90 42.16 10.30
N HIS C 76 8.21 43.32 9.78
CA HIS C 76 7.15 44.25 9.75
C HIS C 76 7.46 45.39 8.80
N GLU C 77 6.46 45.84 8.06
CA GLU C 77 6.65 46.92 7.10
C GLU C 77 5.75 48.13 7.33
N LYS C 78 6.07 49.21 6.64
CA LYS C 78 5.34 50.48 6.70
C LYS C 78 3.83 50.47 7.00
N GLY C 79 3.12 49.42 6.61
CA GLY C 79 1.70 49.38 6.89
C GLY C 79 1.29 48.85 8.27
N ALA C 80 1.79 49.46 9.34
CA ALA C 80 1.37 49.09 10.71
C ALA C 80 0.74 50.28 11.43
N PHE C 81 -0.42 50.02 12.03
CA PHE C 81 -1.43 51.00 12.52
C PHE C 81 -1.18 52.26 13.40
N THR C 82 -0.09 52.33 14.15
CA THR C 82 0.20 53.56 14.91
C THR C 82 1.51 54.15 14.36
N GLY C 83 1.33 55.14 13.48
CA GLY C 83 2.34 55.86 12.69
C GLY C 83 3.78 55.56 12.24
N ALA C 84 4.35 54.38 12.47
CA ALA C 84 5.74 54.14 12.02
C ALA C 84 5.87 53.26 10.76
N ASP C 85 6.43 53.87 9.72
CA ASP C 85 6.64 53.23 8.41
C ASP C 85 8.09 53.33 7.95
N LYS C 86 8.81 52.24 8.19
CA LYS C 86 10.22 52.06 7.86
C LYS C 86 10.31 50.60 8.24
N ARG C 87 10.26 49.76 7.21
CA ARG C 87 10.12 48.35 7.42
C ARG C 87 11.14 47.79 8.40
N ARG C 88 10.63 47.05 9.36
CA ARG C 88 11.48 46.41 10.34
C ARG C 88 11.70 44.98 9.91
N GLU C 89 12.94 44.54 9.99
CA GLU C 89 13.25 43.21 9.57
C GLU C 89 12.59 42.18 10.47
N GLY C 90 13.06 42.07 11.70
CA GLY C 90 12.53 41.07 12.61
C GLY C 90 13.67 40.43 13.37
N ARG C 91 13.40 39.47 14.21
CA ARG C 91 14.50 38.88 14.92
C ARG C 91 14.84 37.52 14.37
N PHE C 92 13.82 36.78 14.00
CA PHE C 92 14.09 35.44 13.61
C PHE C 92 15.05 35.59 12.48
N VAL C 93 14.66 36.41 11.51
CA VAL C 93 15.57 36.69 10.43
C VAL C 93 16.93 37.09 11.01
N GLU C 94 16.99 38.19 11.73
CA GLU C 94 18.23 38.71 12.30
C GLU C 94 19.10 37.60 12.85
N ALA C 95 18.51 36.44 13.05
CA ALA C 95 19.28 35.35 13.59
C ALA C 95 19.57 34.36 12.48
N ASP C 96 18.92 34.54 11.34
CA ASP C 96 18.97 33.52 10.31
C ASP C 96 20.32 32.88 10.17
N GLY C 97 20.43 31.62 10.60
CA GLY C 97 21.69 30.92 10.57
C GLY C 97 22.53 31.14 11.82
N GLY C 98 21.90 31.68 12.85
CA GLY C 98 22.58 31.90 14.11
C GLY C 98 21.78 31.26 15.24
N THR C 99 21.54 32.02 16.30
CA THR C 99 20.86 31.47 17.44
C THR C 99 19.96 32.49 18.11
N LEU C 100 18.69 32.13 18.24
CA LEU C 100 17.68 32.98 18.85
C LEU C 100 17.40 32.56 20.27
N PHE C 101 17.35 33.54 21.17
CA PHE C 101 17.05 33.23 22.55
C PHE C 101 15.90 34.04 23.13
N LEU C 102 14.71 33.43 23.17
CA LEU C 102 13.53 34.06 23.73
C LEU C 102 13.43 33.63 25.20
N ASP C 103 13.29 34.63 26.09
CA ASP C 103 13.20 34.43 27.53
C ASP C 103 11.80 34.75 28.08
N GLU C 104 11.39 33.95 29.07
CA GLU C 104 10.07 34.09 29.66
C GLU C 104 9.04 33.88 28.58
N ILE C 105 8.96 32.66 28.06
CA ILE C 105 8.08 32.34 26.94
C ILE C 105 6.75 31.85 27.45
N GLY C 106 6.74 31.39 28.68
CA GLY C 106 5.59 30.72 29.20
C GLY C 106 4.33 31.52 29.16
N ASP C 107 4.39 32.77 28.76
CA ASP C 107 3.14 33.51 28.71
C ASP C 107 2.74 34.09 27.39
N ILE C 108 3.36 33.68 26.28
CA ILE C 108 3.00 34.33 25.05
C ILE C 108 1.49 33.98 24.78
N SER C 109 0.78 34.83 24.03
CA SER C 109 -0.62 34.58 23.76
C SER C 109 -0.70 33.43 22.80
N PRO C 110 -1.83 32.77 22.78
CA PRO C 110 -2.07 31.65 21.87
C PRO C 110 -1.54 32.03 20.53
N LEU C 111 -2.18 33.00 19.91
CA LEU C 111 -1.78 33.43 18.57
C LEU C 111 -0.28 33.39 18.36
N MET C 112 0.45 34.05 19.23
CA MET C 112 1.89 33.94 19.14
C MET C 112 2.40 32.51 19.30
N GLN C 113 1.72 31.69 20.08
CA GLN C 113 2.15 30.30 20.15
C GLN C 113 1.99 29.79 18.75
N VAL C 114 0.78 29.90 18.23
CA VAL C 114 0.56 29.45 16.86
C VAL C 114 1.64 29.93 15.90
N ARG C 115 1.92 31.22 15.83
CA ARG C 115 2.97 31.67 14.91
C ARG C 115 4.31 31.03 15.25
N LEU C 116 4.74 31.22 16.49
CA LEU C 116 6.02 30.70 16.95
C LEU C 116 6.14 29.28 16.50
N LEU C 117 5.02 28.57 16.47
CA LEU C 117 5.07 27.17 16.04
C LEU C 117 5.58 27.11 14.62
N ARG C 118 4.78 27.60 13.68
CA ARG C 118 5.15 27.62 12.26
C ARG C 118 6.58 28.04 12.15
N ALA C 119 6.90 29.12 12.80
CA ALA C 119 8.28 29.49 12.84
C ALA C 119 9.10 28.24 12.93
N ILE C 120 8.93 27.52 14.02
CA ILE C 120 9.76 26.36 14.20
C ILE C 120 9.34 25.22 13.29
N GLN C 121 8.04 25.07 13.06
CA GLN C 121 7.57 23.92 12.29
C GLN C 121 8.25 23.91 10.93
N GLU C 122 7.98 24.93 10.13
CA GLU C 122 8.49 25.02 8.77
C GLU C 122 9.21 26.34 8.59
N ARG C 123 10.50 26.26 8.41
CA ARG C 123 11.42 27.38 8.42
C ARG C 123 10.99 28.77 8.00
N GLU C 124 9.72 28.95 7.66
CA GLU C 124 9.23 30.22 7.12
C GLU C 124 8.88 31.28 8.16
N VAL C 125 8.72 32.51 7.72
CA VAL C 125 8.46 33.59 8.64
C VAL C 125 7.84 34.72 7.90
N GLN C 126 6.52 34.85 7.98
CA GLN C 126 5.87 35.94 7.28
C GLN C 126 5.99 37.25 8.06
N ARG C 127 6.42 38.32 7.40
CA ARG C 127 6.52 39.64 8.05
C ARG C 127 5.12 40.12 8.38
N VAL C 128 5.00 40.94 9.43
CA VAL C 128 3.68 41.44 9.83
C VAL C 128 3.15 42.23 8.67
N GLY C 129 2.52 41.53 7.72
CA GLY C 129 2.00 42.12 6.51
C GLY C 129 1.80 41.15 5.34
N SER C 130 2.53 41.36 4.26
CA SER C 130 2.32 40.53 3.10
C SER C 130 2.76 39.11 3.29
N ASN C 131 2.62 38.33 2.22
CA ASN C 131 3.10 36.96 2.20
C ASN C 131 4.60 36.89 2.03
N GLN C 132 5.29 37.72 2.79
CA GLN C 132 6.72 37.64 2.85
C GLN C 132 7.01 36.25 3.43
N THR C 133 6.79 35.21 2.65
CA THR C 133 7.20 33.92 3.09
C THR C 133 8.65 34.25 3.10
N ILE C 134 9.33 33.95 4.17
CA ILE C 134 10.74 34.31 4.21
C ILE C 134 11.18 33.21 5.08
N SER C 135 11.82 32.24 4.48
CA SER C 135 12.24 31.10 5.24
C SER C 135 13.46 31.53 6.00
N VAL C 136 13.85 30.71 6.97
CA VAL C 136 15.04 30.99 7.73
C VAL C 136 15.58 29.74 8.37
N ASP C 137 16.69 29.90 9.10
CA ASP C 137 17.36 28.77 9.71
C ASP C 137 18.01 29.18 11.02
N VAL C 138 17.25 28.99 12.10
CA VAL C 138 17.70 29.36 13.42
C VAL C 138 17.70 28.25 14.43
N ARG C 139 18.66 28.32 15.36
CA ARG C 139 18.68 27.36 16.44
C ARG C 139 18.03 28.06 17.60
N LEU C 140 16.97 27.47 18.14
CA LEU C 140 16.20 28.14 19.15
C LEU C 140 16.50 27.74 20.58
N ILE C 141 16.42 28.71 21.48
CA ILE C 141 16.59 28.40 22.87
C ILE C 141 15.67 29.19 23.71
N ALA C 142 14.68 28.51 24.27
CA ALA C 142 13.67 29.17 25.09
C ALA C 142 13.94 28.89 26.57
N ALA C 143 13.45 29.81 27.39
CA ALA C 143 13.59 29.73 28.83
C ALA C 143 12.30 30.13 29.50
N THR C 144 11.98 29.52 30.61
CA THR C 144 10.83 29.96 31.34
C THR C 144 10.81 29.41 32.74
N HIS C 145 10.01 30.02 33.58
CA HIS C 145 9.92 29.54 34.96
C HIS C 145 8.55 28.94 35.27
N ARG C 146 7.79 28.55 34.26
CA ARG C 146 6.53 27.91 34.58
C ARG C 146 6.49 26.46 34.13
N ASP C 147 5.53 25.73 34.68
CA ASP C 147 5.40 24.33 34.34
C ASP C 147 4.70 24.14 32.98
N LEU C 148 5.44 24.47 31.92
CA LEU C 148 4.94 24.34 30.57
C LEU C 148 4.02 23.14 30.51
N ALA C 149 4.41 22.04 31.12
CA ALA C 149 3.57 20.88 31.08
C ALA C 149 2.21 21.23 31.66
N GLU C 150 2.20 22.01 32.73
CA GLU C 150 0.94 22.38 33.35
C GLU C 150 0.15 23.31 32.43
N GLU C 151 0.84 24.35 32.01
CA GLU C 151 0.22 25.28 31.09
C GLU C 151 -0.53 24.55 30.00
N VAL C 152 0.10 23.51 29.49
CA VAL C 152 -0.53 22.74 28.44
C VAL C 152 -1.83 22.21 28.95
N SER C 153 -1.78 21.48 30.07
CA SER C 153 -3.02 20.87 30.50
C SER C 153 -3.95 21.94 30.94
N ALA C 154 -3.43 23.01 31.48
CA ALA C 154 -4.37 24.04 31.91
C ALA C 154 -5.09 24.57 30.70
N GLY C 155 -4.55 24.29 29.52
CA GLY C 155 -5.16 24.76 28.30
C GLY C 155 -4.74 26.18 27.92
N ARG C 156 -3.64 26.66 28.50
CA ARG C 156 -3.15 28.01 28.20
C ARG C 156 -1.98 27.99 27.21
N PHE C 157 -1.53 26.80 26.85
CA PHE C 157 -0.35 26.66 26.01
C PHE C 157 -0.57 25.38 25.20
N ARG C 158 0.07 25.24 24.05
CA ARG C 158 -0.24 24.09 23.24
C ARG C 158 0.72 22.94 23.17
N GLN C 159 0.20 21.74 22.91
CA GLN C 159 1.06 20.55 22.83
C GLN C 159 2.06 20.80 21.77
N ASP C 160 1.57 20.97 20.55
CA ASP C 160 2.42 21.19 19.37
C ASP C 160 3.54 22.10 19.64
N LEU C 161 3.30 23.31 20.10
CA LEU C 161 4.48 24.12 20.49
C LEU C 161 5.31 23.51 21.57
N TYR C 162 4.65 22.84 22.52
CA TYR C 162 5.38 22.39 23.69
C TYR C 162 6.31 21.33 23.28
N TYR C 163 5.74 20.41 22.55
CA TYR C 163 6.50 19.28 22.14
C TYR C 163 7.64 19.67 21.17
N ARG C 164 7.66 20.91 20.73
CA ARG C 164 8.69 21.33 19.80
C ARG C 164 9.69 22.19 20.54
N LEU C 165 9.37 22.59 21.75
CA LEU C 165 10.33 23.38 22.51
C LEU C 165 11.08 22.48 23.50
N ASN C 166 10.33 21.65 24.21
CA ASN C 166 10.86 20.78 25.20
C ASN C 166 11.52 19.51 24.60
N VAL C 167 12.27 19.69 23.50
CA VAL C 167 13.04 18.59 22.91
C VAL C 167 14.13 18.24 23.90
N VAL C 168 15.07 19.16 24.11
CA VAL C 168 16.14 18.95 25.09
C VAL C 168 15.99 19.93 26.20
N ALA C 169 15.71 19.43 27.40
CA ALA C 169 15.40 20.30 28.50
C ALA C 169 16.46 20.34 29.55
N ILE C 170 16.87 21.54 29.92
CA ILE C 170 17.82 21.73 30.98
C ILE C 170 17.09 22.32 32.17
N GLU C 171 17.42 21.87 33.36
CA GLU C 171 16.73 22.34 34.52
C GLU C 171 17.73 23.18 35.33
N MET C 172 17.42 24.46 35.54
CA MET C 172 18.33 25.35 36.29
C MET C 172 18.33 25.22 37.82
N PRO C 173 19.43 24.78 38.39
CA PRO C 173 19.52 24.61 39.84
C PRO C 173 19.56 25.95 40.51
N SER C 174 19.12 26.00 41.75
CA SER C 174 19.10 27.25 42.50
C SER C 174 20.48 27.64 43.03
N LEU C 175 20.57 28.85 43.60
CA LEU C 175 21.82 29.27 44.15
C LEU C 175 22.11 28.26 45.25
N ARG C 176 21.12 28.01 46.11
CA ARG C 176 21.30 27.00 47.16
C ARG C 176 21.91 25.64 46.66
N GLN C 177 21.69 25.29 45.40
CA GLN C 177 22.19 24.01 44.92
C GLN C 177 23.61 24.17 44.42
N ARG C 178 24.23 25.29 44.76
CA ARG C 178 25.63 25.51 44.37
C ARG C 178 26.43 26.31 45.43
N ARG C 179 26.09 26.15 46.70
CA ARG C 179 26.77 26.86 47.75
C ARG C 179 28.12 27.27 47.25
N GLU C 180 28.95 26.24 47.02
CA GLU C 180 30.37 26.31 46.64
C GLU C 180 30.82 27.43 45.72
N ASP C 181 29.88 27.99 44.97
CA ASP C 181 30.22 29.04 44.03
C ASP C 181 30.05 30.43 44.68
N ILE C 182 28.90 30.66 45.30
CA ILE C 182 28.62 31.91 45.96
C ILE C 182 29.86 32.76 46.25
N PRO C 183 30.76 32.27 47.09
CA PRO C 183 31.90 33.09 47.48
C PRO C 183 32.53 33.70 46.25
N LEU C 184 33.06 32.85 45.38
CA LEU C 184 33.67 33.28 44.14
C LEU C 184 32.67 34.11 43.32
N LEU C 185 31.43 33.67 43.27
CA LEU C 185 30.49 34.42 42.49
C LEU C 185 30.49 35.76 43.16
N ALA C 186 30.49 35.73 44.49
CA ALA C 186 30.33 36.93 45.35
C ALA C 186 31.31 38.00 45.02
N ASP C 187 32.58 37.62 45.12
CA ASP C 187 33.71 38.48 44.80
C ASP C 187 33.46 39.19 43.48
N HIS C 188 33.05 38.45 42.47
CA HIS C 188 32.78 39.01 41.15
C HIS C 188 32.02 40.35 41.20
N PHE C 189 30.87 40.40 41.90
CA PHE C 189 30.09 41.63 42.03
C PHE C 189 30.77 42.60 43.00
N LEU C 190 31.32 42.06 44.09
CA LEU C 190 32.00 42.90 45.00
C LEU C 190 32.91 43.80 44.17
N ARG C 191 33.47 43.27 43.09
CA ARG C 191 34.38 44.04 42.25
C ARG C 191 33.69 44.97 41.25
N ARG C 192 32.61 44.51 40.64
CA ARG C 192 31.90 45.35 39.69
C ARG C 192 31.48 46.65 40.34
N PHE C 193 30.81 46.54 41.47
CA PHE C 193 30.27 47.73 42.12
C PHE C 193 31.33 48.49 42.92
N ALA C 194 32.30 47.78 43.46
CA ALA C 194 33.26 48.52 44.24
C ALA C 194 33.76 49.58 43.27
N GLU C 195 33.81 49.21 42.00
CA GLU C 195 34.33 50.09 40.97
C GLU C 195 33.28 51.10 40.54
N ARG C 196 32.08 50.62 40.25
CA ARG C 196 30.98 51.45 39.78
C ARG C 196 30.71 52.64 40.71
N ASN C 197 31.06 52.49 41.98
CA ASN C 197 30.92 53.59 42.94
C ASN C 197 32.30 54.17 43.26
N ARG C 198 33.31 53.70 42.56
CA ARG C 198 34.66 54.21 42.78
C ARG C 198 35.05 54.03 44.22
N LYS C 199 34.57 52.98 44.86
CA LYS C 199 34.86 52.83 46.28
C LYS C 199 35.94 51.85 46.50
N VAL C 200 36.81 52.18 47.42
CA VAL C 200 37.83 51.22 47.65
C VAL C 200 37.19 50.18 48.52
N VAL C 201 37.18 48.96 48.01
CA VAL C 201 36.66 47.85 48.74
C VAL C 201 37.45 46.60 48.35
N LYS C 202 37.66 45.71 49.32
CA LYS C 202 38.29 44.43 49.04
C LYS C 202 38.23 43.46 50.20
N GLY C 203 37.56 42.34 49.95
CA GLY C 203 37.40 41.30 50.95
C GLY C 203 36.08 41.36 51.70
N PHE C 204 35.59 40.19 52.08
CA PHE C 204 34.39 40.10 52.90
C PHE C 204 34.98 39.71 54.25
N THR C 205 34.29 40.03 55.34
CA THR C 205 34.80 39.55 56.61
C THR C 205 34.28 38.13 56.67
N PRO C 206 35.15 37.26 57.16
CA PRO C 206 34.88 35.82 57.20
C PRO C 206 33.49 35.53 57.72
N GLN C 207 32.95 36.43 58.52
CA GLN C 207 31.64 36.19 59.05
C GLN C 207 30.60 36.39 57.97
N ALA C 208 30.62 37.51 57.28
CA ALA C 208 29.58 37.70 56.25
C ALA C 208 29.62 36.63 55.14
N MET C 209 30.77 36.44 54.53
CA MET C 209 30.86 35.44 53.50
C MET C 209 30.20 34.14 53.92
N ASP C 210 30.21 33.87 55.22
CA ASP C 210 29.64 32.62 55.71
C ASP C 210 28.13 32.60 55.59
N LEU C 211 27.52 33.70 56.02
CA LEU C 211 26.06 33.86 55.94
C LEU C 211 25.63 33.95 54.49
N LEU C 212 26.44 34.67 53.71
CA LEU C 212 26.29 34.73 52.27
C LEU C 212 26.27 33.30 51.72
N ILE C 213 27.35 32.53 51.94
CA ILE C 213 27.45 31.12 51.47
C ILE C 213 26.28 30.32 51.99
N HIS C 214 25.79 30.72 53.15
CA HIS C 214 24.66 30.03 53.63
C HIS C 214 23.21 30.52 53.32
N TYR C 215 23.06 31.75 52.87
CA TYR C 215 21.73 32.17 52.46
C TYR C 215 21.44 32.16 50.99
N ASP C 216 21.02 33.32 50.53
CA ASP C 216 20.69 33.62 49.13
C ASP C 216 19.90 32.58 48.38
N TRP C 217 18.72 32.31 48.90
CA TRP C 217 17.84 31.36 48.28
C TRP C 217 16.90 31.99 47.23
N PRO C 218 15.85 32.64 47.68
CA PRO C 218 14.67 32.88 46.82
C PRO C 218 14.84 33.66 45.52
N GLY C 219 15.84 34.51 45.41
CA GLY C 219 16.11 35.24 44.18
C GLY C 219 17.62 35.06 44.01
N ASN C 220 17.99 33.82 43.88
CA ASN C 220 19.36 33.42 43.78
C ASN C 220 20.38 34.48 43.38
N ILE C 221 20.76 34.62 42.11
CA ILE C 221 21.74 35.66 41.81
C ILE C 221 21.06 37.02 42.02
N ARG C 222 19.96 37.23 41.30
CA ARG C 222 19.20 38.46 41.46
C ARG C 222 19.28 39.00 42.89
N GLU C 223 19.14 38.10 43.87
CA GLU C 223 19.08 38.47 45.28
C GLU C 223 20.43 38.91 45.79
N LEU C 224 21.41 38.00 45.67
CA LEU C 224 22.78 38.24 46.11
C LEU C 224 23.17 39.57 45.50
N GLU C 225 23.13 39.65 44.16
CA GLU C 225 23.56 40.84 43.40
C GLU C 225 22.95 42.13 43.91
N ASN C 226 21.79 42.00 44.53
CA ASN C 226 21.19 43.14 45.17
C ASN C 226 21.96 43.26 46.48
N ALA C 227 21.89 42.24 47.32
CA ALA C 227 22.55 42.31 48.64
C ALA C 227 24.01 42.81 48.62
N ILE C 228 24.75 42.56 47.56
CA ILE C 228 26.10 43.06 47.54
C ILE C 228 26.10 44.52 47.21
N GLU C 229 25.75 44.84 45.97
CA GLU C 229 25.73 46.24 45.57
C GLU C 229 25.31 47.02 46.75
N ARG C 230 24.37 46.51 47.52
CA ARG C 230 23.96 47.25 48.71
C ARG C 230 25.12 47.45 49.69
N ALA C 231 25.81 46.37 50.01
CA ALA C 231 26.86 46.53 50.98
C ALA C 231 27.87 47.58 50.56
N VAL C 232 28.38 47.51 49.33
CA VAL C 232 29.42 48.44 48.90
C VAL C 232 28.97 49.85 49.00
N VAL C 233 27.73 50.10 48.62
CA VAL C 233 27.27 51.48 48.71
C VAL C 233 27.15 51.92 50.14
N LEU C 234 26.88 50.98 51.03
CA LEU C 234 26.71 51.28 52.46
C LEU C 234 28.03 51.30 53.18
N LEU C 235 28.98 50.59 52.62
CA LEU C 235 30.27 50.40 53.26
C LEU C 235 31.08 51.66 53.53
N THR C 236 31.46 51.87 54.80
CA THR C 236 32.36 52.97 55.18
C THR C 236 33.66 52.36 55.66
N GLY C 237 34.47 51.87 54.73
CA GLY C 237 35.73 51.21 55.07
C GLY C 237 36.15 50.30 53.92
N GLU C 238 36.58 49.08 54.20
CA GLU C 238 37.09 48.25 53.11
C GLU C 238 36.56 46.84 52.95
N TYR C 239 36.15 46.20 54.04
CA TYR C 239 35.63 44.85 53.94
C TYR C 239 34.14 44.84 54.24
N ILE C 240 33.30 44.24 53.39
CA ILE C 240 31.88 44.30 53.73
C ILE C 240 31.64 43.31 54.84
N SER C 241 30.91 43.74 55.87
CA SER C 241 30.65 42.88 57.02
C SER C 241 29.19 42.47 57.20
N GLU C 242 28.90 41.86 58.34
CA GLU C 242 27.55 41.40 58.67
C GLU C 242 26.56 42.57 58.72
N ARG C 243 27.01 43.73 59.19
CA ARG C 243 26.10 44.86 59.26
C ARG C 243 26.15 45.75 58.02
N GLU C 244 26.34 45.14 56.86
CA GLU C 244 26.32 45.86 55.59
C GLU C 244 25.42 45.06 54.66
N LEU C 245 25.03 43.91 55.15
CA LEU C 245 24.22 43.02 54.41
C LEU C 245 22.79 43.25 54.76
N PRO C 246 21.91 42.97 53.80
CA PRO C 246 20.48 43.16 53.98
C PRO C 246 19.99 42.45 55.23
N LEU C 247 18.98 43.04 55.87
CA LEU C 247 18.38 42.47 57.05
C LEU C 247 18.11 40.97 56.92
N ALA C 248 17.63 40.53 55.76
CA ALA C 248 17.30 39.12 55.55
C ALA C 248 18.49 38.18 55.70
N ILE C 249 19.61 38.75 56.13
CA ILE C 249 20.80 37.96 56.42
C ILE C 249 20.60 37.34 57.78
N ALA C 250 20.28 38.19 58.73
CA ALA C 250 19.98 37.75 60.08
C ALA C 250 18.50 37.41 60.17
N ALA C 251 17.68 38.23 59.50
CA ALA C 251 16.23 38.03 59.50
C ALA C 251 15.84 36.61 59.11
N THR C 252 16.69 35.87 58.39
CA THR C 252 16.37 34.44 58.23
C THR C 252 16.64 33.30 59.34
N PRO C 253 17.44 33.44 60.41
CA PRO C 253 17.64 32.19 61.23
C PRO C 253 16.58 31.80 62.27
N HIS D 3 -23.16 -21.10 -33.71
CA HIS D 3 -24.44 -21.05 -32.96
C HIS D 3 -24.82 -22.44 -32.47
N MET D 4 -25.05 -22.59 -31.18
CA MET D 4 -25.20 -23.93 -30.61
C MET D 4 -26.55 -24.29 -30.04
N ILE D 5 -26.96 -25.54 -30.33
CA ILE D 5 -28.24 -26.07 -29.86
C ILE D 5 -28.47 -25.75 -28.41
N GLY D 6 -29.63 -25.16 -28.21
CA GLY D 6 -29.93 -24.45 -27.01
C GLY D 6 -30.29 -25.12 -25.73
N SER D 7 -30.79 -24.24 -24.89
CA SER D 7 -30.85 -24.44 -23.46
C SER D 7 -31.51 -25.59 -22.76
N SER D 8 -30.83 -25.80 -21.65
CA SER D 8 -31.14 -26.65 -20.56
C SER D 8 -30.40 -25.64 -19.70
N PRO D 9 -30.42 -25.78 -18.40
CA PRO D 9 -29.73 -24.82 -17.52
C PRO D 9 -28.24 -24.65 -17.87
N ALA D 10 -27.44 -25.70 -17.75
CA ALA D 10 -26.04 -25.54 -18.02
C ALA D 10 -25.83 -24.77 -19.30
N MET D 11 -26.45 -25.23 -20.36
CA MET D 11 -26.23 -24.57 -21.62
C MET D 11 -26.59 -23.10 -21.44
N GLN D 12 -27.61 -22.87 -20.62
CA GLN D 12 -28.02 -21.51 -20.36
C GLN D 12 -26.81 -20.77 -19.83
N HIS D 13 -26.40 -21.07 -18.60
CA HIS D 13 -25.15 -20.55 -18.05
C HIS D 13 -24.07 -20.29 -19.09
N LEU D 14 -23.70 -21.31 -19.88
CA LEU D 14 -22.62 -21.17 -20.86
C LEU D 14 -22.82 -19.95 -21.74
N LEU D 15 -24.02 -19.85 -22.27
CA LEU D 15 -24.35 -18.73 -23.13
C LEU D 15 -24.04 -17.43 -22.40
N ASN D 16 -24.53 -17.36 -21.16
CA ASN D 16 -24.36 -16.18 -20.37
C ASN D 16 -22.93 -15.73 -20.42
N GLU D 17 -22.05 -16.66 -20.13
CA GLU D 17 -20.65 -16.34 -20.09
C GLU D 17 -20.24 -15.76 -21.42
N ILE D 18 -20.41 -16.56 -22.47
CA ILE D 18 -19.93 -16.14 -23.77
C ILE D 18 -20.37 -14.72 -23.94
N ALA D 19 -21.60 -14.53 -23.52
CA ALA D 19 -22.20 -13.24 -23.54
C ALA D 19 -21.32 -12.29 -22.78
N MET D 20 -21.20 -12.61 -21.50
CA MET D 20 -20.54 -11.71 -20.56
C MET D 20 -19.10 -11.43 -20.93
N VAL D 21 -18.42 -12.44 -21.46
CA VAL D 21 -16.99 -12.33 -21.70
C VAL D 21 -16.47 -11.83 -23.03
N ALA D 22 -17.09 -12.28 -24.09
CA ALA D 22 -16.64 -11.94 -25.42
C ALA D 22 -15.86 -10.63 -25.68
N PRO D 23 -16.32 -9.43 -25.25
CA PRO D 23 -15.54 -8.16 -25.39
C PRO D 23 -14.00 -8.29 -25.41
N SER D 24 -13.53 -7.97 -26.61
CA SER D 24 -12.23 -8.34 -27.15
C SER D 24 -11.03 -8.66 -26.30
N ASP D 25 -10.47 -7.67 -25.64
CA ASP D 25 -9.19 -7.88 -24.98
C ASP D 25 -8.92 -9.25 -24.26
N ALA D 26 -9.90 -9.88 -23.64
CA ALA D 26 -9.48 -10.96 -22.74
C ALA D 26 -9.28 -12.33 -23.29
N THR D 27 -8.13 -12.90 -22.92
CA THR D 27 -7.75 -14.24 -23.32
C THR D 27 -8.68 -15.22 -22.66
N VAL D 28 -8.99 -16.29 -23.35
CA VAL D 28 -9.97 -17.22 -22.80
C VAL D 28 -9.58 -18.70 -22.82
N LEU D 29 -9.90 -19.41 -21.74
CA LEU D 29 -9.42 -20.77 -21.66
C LEU D 29 -10.56 -21.71 -21.59
N ILE D 30 -10.73 -22.48 -22.63
CA ILE D 30 -11.85 -23.38 -22.67
C ILE D 30 -11.39 -24.74 -22.23
N HIS D 31 -12.07 -25.21 -21.16
CA HIS D 31 -11.80 -26.42 -20.44
C HIS D 31 -12.97 -27.38 -20.53
N GLY D 32 -12.71 -28.67 -20.60
CA GLY D 32 -13.78 -29.65 -20.72
C GLY D 32 -13.40 -30.86 -21.61
N ASP D 33 -13.94 -32.02 -21.29
CA ASP D 33 -13.52 -33.20 -22.01
C ASP D 33 -13.78 -32.95 -23.42
N SER D 34 -13.06 -33.62 -24.28
CA SER D 34 -13.30 -33.42 -25.70
C SER D 34 -14.53 -34.20 -25.93
N GLY D 35 -15.24 -33.80 -26.96
CA GLY D 35 -16.45 -34.46 -27.30
C GLY D 35 -17.59 -33.48 -27.19
N THR D 36 -17.28 -32.30 -26.65
CA THR D 36 -18.27 -31.25 -26.58
C THR D 36 -17.81 -30.17 -27.50
N GLY D 37 -18.62 -29.14 -27.68
CA GLY D 37 -18.29 -28.15 -28.68
C GLY D 37 -17.34 -27.04 -28.30
N LYS D 38 -16.12 -27.38 -27.85
CA LYS D 38 -15.19 -26.31 -27.47
C LYS D 38 -14.88 -25.40 -28.68
N GLU D 39 -14.53 -25.98 -29.81
CA GLU D 39 -14.30 -25.19 -30.97
C GLU D 39 -15.50 -24.24 -31.08
N LEU D 40 -16.73 -24.75 -31.15
CA LEU D 40 -17.89 -23.84 -31.28
C LEU D 40 -17.77 -22.75 -30.20
N VAL D 41 -17.64 -23.17 -28.97
CA VAL D 41 -17.52 -22.19 -27.95
C VAL D 41 -16.49 -21.18 -28.43
N ALA D 42 -15.51 -21.60 -29.24
CA ALA D 42 -14.58 -20.59 -29.77
C ALA D 42 -15.32 -19.73 -30.76
N ARG D 43 -15.94 -20.35 -31.76
CA ARG D 43 -16.64 -19.59 -32.79
C ARG D 43 -17.48 -18.47 -32.19
N ALA D 44 -18.48 -18.85 -31.41
CA ALA D 44 -19.35 -17.89 -30.78
C ALA D 44 -18.61 -16.81 -30.00
N LEU D 45 -17.53 -17.15 -29.32
CA LEU D 45 -16.83 -16.11 -28.59
C LEU D 45 -16.40 -15.15 -29.65
N HIS D 46 -15.79 -15.68 -30.71
CA HIS D 46 -15.30 -14.79 -31.73
C HIS D 46 -16.48 -14.05 -32.22
N ALA D 47 -17.47 -14.79 -32.70
CA ALA D 47 -18.67 -14.20 -33.27
C ALA D 47 -19.10 -13.01 -32.46
N CYS D 48 -19.26 -13.22 -31.17
CA CYS D 48 -19.91 -12.25 -30.35
C CYS D 48 -19.20 -11.03 -29.84
N SER D 49 -17.92 -10.76 -30.10
CA SER D 49 -17.50 -9.50 -29.47
C SER D 49 -17.11 -8.32 -30.34
N ALA D 50 -15.96 -8.34 -30.97
CA ALA D 50 -15.66 -7.11 -31.66
C ALA D 50 -14.93 -7.34 -32.93
N ARG D 51 -14.37 -8.53 -33.06
CA ARG D 51 -13.62 -8.78 -34.25
C ARG D 51 -14.41 -9.75 -35.08
N SER D 52 -15.73 -9.63 -35.00
CA SER D 52 -16.61 -10.54 -35.69
C SER D 52 -16.20 -10.51 -37.14
N ASP D 53 -15.71 -9.36 -37.57
CA ASP D 53 -15.39 -9.16 -38.97
C ASP D 53 -13.97 -9.54 -39.33
N ARG D 54 -13.06 -9.42 -38.39
CA ARG D 54 -11.70 -9.82 -38.70
C ARG D 54 -11.62 -11.36 -38.81
N PRO D 55 -10.41 -11.88 -39.06
CA PRO D 55 -10.19 -13.31 -39.33
C PRO D 55 -10.21 -14.15 -38.07
N LEU D 56 -10.47 -15.46 -38.19
CA LEU D 56 -10.45 -16.36 -37.03
C LEU D 56 -9.45 -17.48 -37.24
N VAL D 57 -8.17 -17.18 -37.09
CA VAL D 57 -7.16 -18.19 -37.33
C VAL D 57 -7.23 -19.21 -36.21
N THR D 58 -7.06 -20.48 -36.56
CA THR D 58 -7.22 -21.51 -35.57
C THR D 58 -6.33 -22.69 -35.87
N LEU D 59 -5.47 -23.09 -34.93
CA LEU D 59 -4.59 -24.22 -35.18
C LEU D 59 -4.69 -25.18 -34.02
N ASN D 60 -4.45 -26.46 -34.29
CA ASN D 60 -4.63 -27.49 -33.28
C ASN D 60 -3.29 -28.03 -32.79
N CYS D 61 -2.80 -27.60 -31.63
CA CYS D 61 -1.42 -27.98 -31.22
C CYS D 61 -1.14 -29.47 -31.05
N ALA D 62 -2.20 -30.27 -31.11
CA ALA D 62 -2.19 -31.73 -30.92
C ALA D 62 -0.88 -32.55 -30.84
N ALA D 63 -0.15 -32.68 -31.92
CA ALA D 63 1.05 -33.49 -31.78
C ALA D 63 1.97 -33.01 -32.84
N LEU D 64 2.28 -31.73 -32.76
CA LEU D 64 3.18 -31.16 -33.70
C LEU D 64 4.47 -31.14 -32.94
N ASN D 65 5.50 -31.78 -33.45
CA ASN D 65 6.75 -31.78 -32.67
C ASN D 65 7.12 -30.35 -32.33
N GLU D 66 8.03 -30.24 -31.37
CA GLU D 66 8.43 -28.92 -30.91
C GLU D 66 8.64 -28.00 -32.06
N SER D 67 9.24 -28.50 -33.15
CA SER D 67 9.63 -27.62 -34.26
C SER D 67 8.49 -27.22 -35.19
N LEU D 68 7.95 -28.15 -35.97
CA LEU D 68 6.84 -27.75 -36.84
C LEU D 68 6.01 -26.66 -36.11
N LEU D 69 5.58 -26.97 -34.90
CA LEU D 69 4.78 -26.07 -34.11
C LEU D 69 5.40 -24.68 -34.08
N GLU D 70 6.66 -24.60 -33.68
CA GLU D 70 7.32 -23.32 -33.53
C GLU D 70 7.21 -22.60 -34.84
N SER D 71 7.35 -23.34 -35.90
CA SER D 71 7.29 -22.71 -37.16
C SER D 71 5.87 -22.32 -37.38
N GLU D 72 5.01 -23.32 -37.37
CA GLU D 72 3.60 -23.11 -37.64
C GLU D 72 3.00 -21.87 -36.95
N LEU D 73 3.45 -21.60 -35.74
CA LEU D 73 2.88 -20.56 -34.90
C LEU D 73 3.48 -19.25 -35.20
N PHE D 74 4.80 -19.24 -35.18
CA PHE D 74 5.53 -18.00 -35.35
C PHE D 74 6.01 -17.88 -36.78
N GLY D 75 7.11 -17.23 -36.99
CA GLY D 75 7.42 -17.15 -38.38
C GLY D 75 8.37 -18.23 -38.75
N HIS D 76 8.76 -18.23 -40.01
CA HIS D 76 9.99 -18.88 -40.33
C HIS D 76 10.59 -18.34 -41.61
N GLU D 77 11.91 -18.26 -41.58
CA GLU D 77 12.69 -17.62 -42.62
C GLU D 77 13.34 -18.68 -43.49
N LYS D 78 13.91 -18.29 -44.63
CA LYS D 78 14.47 -19.26 -45.55
C LYS D 78 15.62 -20.09 -44.98
N GLY D 79 16.10 -19.72 -43.81
CA GLY D 79 17.23 -20.40 -43.20
C GLY D 79 16.99 -21.66 -42.36
N ALA D 80 15.83 -21.79 -41.70
CA ALA D 80 15.58 -23.03 -40.98
C ALA D 80 15.87 -23.98 -42.11
N PHE D 81 16.45 -25.12 -41.83
CA PHE D 81 16.94 -25.87 -42.96
C PHE D 81 16.64 -27.34 -42.97
N THR D 82 15.37 -27.65 -43.19
CA THR D 82 14.99 -29.02 -43.37
C THR D 82 15.04 -29.24 -44.88
N GLY D 83 15.60 -28.26 -45.59
CA GLY D 83 15.80 -28.40 -47.02
C GLY D 83 15.43 -27.19 -47.87
N ALA D 84 14.14 -27.10 -48.19
CA ALA D 84 13.64 -25.99 -48.96
C ALA D 84 12.74 -25.21 -48.02
N ASP D 85 13.29 -24.11 -47.57
CA ASP D 85 12.48 -23.19 -46.86
C ASP D 85 12.38 -22.05 -47.85
N LYS D 86 11.20 -21.87 -48.44
CA LYS D 86 10.91 -20.56 -48.96
C LYS D 86 10.52 -20.13 -47.57
N ARG D 87 9.94 -18.96 -47.37
CA ARG D 87 9.58 -18.60 -45.99
C ARG D 87 8.07 -18.56 -45.76
N ARG D 88 7.59 -19.11 -44.65
CA ARG D 88 6.15 -19.03 -44.35
C ARG D 88 5.84 -17.92 -43.35
N GLU D 89 4.58 -17.49 -43.27
CA GLU D 89 4.24 -16.34 -42.44
C GLU D 89 4.29 -16.64 -40.99
N GLY D 90 3.33 -17.44 -40.53
CA GLY D 90 3.14 -17.72 -39.11
C GLY D 90 1.66 -17.73 -38.81
N ARG D 91 1.25 -17.97 -37.60
CA ARG D 91 -0.18 -17.99 -37.39
C ARG D 91 -0.64 -16.80 -36.59
N PHE D 92 0.13 -16.43 -35.57
CA PHE D 92 -0.23 -15.24 -34.83
C PHE D 92 -0.41 -14.14 -35.87
N VAL D 93 0.63 -13.90 -36.67
CA VAL D 93 0.54 -12.87 -37.67
C VAL D 93 -0.71 -13.03 -38.55
N GLU D 94 -0.94 -14.24 -39.05
CA GLU D 94 -2.10 -14.53 -39.90
C GLU D 94 -3.35 -13.89 -39.35
N ALA D 95 -3.37 -13.65 -38.05
CA ALA D 95 -4.55 -13.10 -37.46
C ALA D 95 -4.36 -11.65 -37.09
N ASP D 96 -3.22 -11.06 -37.39
CA ASP D 96 -2.96 -9.77 -36.76
C ASP D 96 -4.13 -8.82 -36.85
N GLY D 97 -4.65 -8.42 -35.71
CA GLY D 97 -5.86 -7.62 -35.69
C GLY D 97 -7.04 -8.55 -35.80
N GLY D 98 -6.82 -9.83 -35.59
CA GLY D 98 -7.92 -10.78 -35.56
C GLY D 98 -7.99 -11.58 -34.27
N THR D 99 -8.27 -12.87 -34.41
CA THR D 99 -8.44 -13.74 -33.26
C THR D 99 -7.83 -15.09 -33.55
N LEU D 100 -6.96 -15.54 -32.66
CA LEU D 100 -6.25 -16.79 -32.85
C LEU D 100 -6.69 -17.88 -31.85
N PHE D 101 -6.99 -19.06 -32.38
CA PHE D 101 -7.49 -20.11 -31.51
C PHE D 101 -6.64 -21.38 -31.42
N LEU D 102 -5.97 -21.55 -30.32
CA LEU D 102 -5.17 -22.73 -30.20
C LEU D 102 -5.97 -23.79 -29.43
N ASP D 103 -6.16 -24.93 -30.08
CA ASP D 103 -6.84 -26.05 -29.50
C ASP D 103 -5.81 -26.97 -28.86
N GLU D 104 -6.22 -27.81 -27.91
CA GLU D 104 -5.27 -28.73 -27.23
C GLU D 104 -3.95 -28.11 -26.92
N ILE D 105 -3.87 -27.19 -25.97
CA ILE D 105 -2.66 -26.47 -25.70
C ILE D 105 -1.90 -27.01 -24.51
N GLY D 106 -2.55 -27.83 -23.70
CA GLY D 106 -1.93 -28.33 -22.49
C GLY D 106 -0.77 -29.26 -22.74
N ASP D 107 -0.50 -29.60 -23.97
CA ASP D 107 0.63 -30.48 -24.20
C ASP D 107 1.86 -29.80 -24.88
N ILE D 108 1.81 -28.51 -25.16
CA ILE D 108 2.92 -27.88 -25.80
C ILE D 108 4.19 -27.88 -24.93
N SER D 109 5.32 -28.12 -25.60
CA SER D 109 6.59 -28.29 -24.89
C SER D 109 7.01 -27.03 -24.16
N PRO D 110 7.78 -27.20 -23.10
CA PRO D 110 8.28 -26.09 -22.30
C PRO D 110 8.79 -25.00 -23.17
N LEU D 111 9.70 -25.31 -24.09
CA LEU D 111 10.17 -24.20 -24.92
C LEU D 111 9.01 -23.47 -25.64
N MET D 112 7.94 -24.17 -25.99
CA MET D 112 6.88 -23.37 -26.60
C MET D 112 6.13 -22.53 -25.53
N GLN D 113 6.16 -23.00 -24.29
CA GLN D 113 5.45 -22.25 -23.27
C GLN D 113 6.13 -20.93 -23.23
N VAL D 114 7.44 -20.95 -23.05
CA VAL D 114 8.11 -19.66 -23.06
C VAL D 114 7.77 -18.80 -24.25
N ARG D 115 7.79 -19.38 -25.42
CA ARG D 115 7.53 -18.53 -26.54
C ARG D 115 6.11 -18.02 -26.52
N LEU D 116 5.15 -18.92 -26.48
CA LEU D 116 3.80 -18.43 -26.60
C LEU D 116 3.64 -17.37 -25.53
N LEU D 117 4.50 -17.36 -24.52
CA LEU D 117 4.28 -16.39 -23.45
C LEU D 117 4.66 -15.05 -23.91
N ARG D 118 5.92 -14.90 -24.33
CA ARG D 118 6.42 -13.63 -24.90
C ARG D 118 5.43 -13.14 -25.89
N ALA D 119 5.07 -13.95 -26.87
CA ALA D 119 4.07 -13.44 -27.79
C ALA D 119 2.88 -12.84 -27.06
N ILE D 120 2.47 -13.39 -25.92
CA ILE D 120 1.31 -12.79 -25.31
C ILE D 120 1.70 -11.71 -24.38
N GLN D 121 2.87 -11.86 -23.78
CA GLN D 121 3.30 -10.88 -22.79
C GLN D 121 3.58 -9.57 -23.49
N GLU D 122 4.42 -9.60 -24.52
CA GLU D 122 4.81 -8.41 -25.26
C GLU D 122 4.59 -8.68 -26.73
N ARG D 123 3.59 -8.04 -27.28
CA ARG D 123 3.09 -8.29 -28.63
C ARG D 123 3.98 -8.72 -29.77
N GLU D 124 5.25 -8.97 -29.50
CA GLU D 124 6.15 -9.32 -30.58
C GLU D 124 6.17 -10.81 -30.97
N VAL D 125 6.64 -11.06 -32.18
CA VAL D 125 6.74 -12.39 -32.77
C VAL D 125 7.98 -12.49 -33.64
N GLN D 126 9.07 -13.04 -33.11
CA GLN D 126 10.26 -13.27 -33.89
C GLN D 126 9.93 -14.41 -34.86
N ARG D 127 10.62 -14.47 -35.98
CA ARG D 127 10.38 -15.52 -36.95
C ARG D 127 11.47 -16.58 -36.83
N VAL D 128 11.30 -17.70 -37.52
CA VAL D 128 12.26 -18.79 -37.41
C VAL D 128 13.54 -18.48 -38.16
N GLY D 129 14.55 -18.05 -37.41
CA GLY D 129 15.84 -17.73 -38.01
C GLY D 129 16.44 -16.41 -37.54
N SER D 130 15.88 -15.31 -38.02
CA SER D 130 16.43 -13.98 -37.74
C SER D 130 15.71 -13.27 -36.61
N ASN D 131 16.36 -12.25 -36.04
CA ASN D 131 15.71 -11.42 -35.02
C ASN D 131 14.81 -10.40 -35.70
N GLN D 132 13.85 -10.92 -36.46
CA GLN D 132 12.87 -10.12 -37.17
C GLN D 132 11.77 -9.69 -36.20
N THR D 133 12.06 -8.67 -35.39
CA THR D 133 11.14 -8.18 -34.35
C THR D 133 9.78 -7.77 -34.88
N ILE D 134 8.90 -8.73 -35.12
CA ILE D 134 7.59 -8.38 -35.68
C ILE D 134 6.64 -8.06 -34.56
N SER D 135 5.39 -7.74 -34.87
CA SER D 135 4.46 -7.30 -33.83
C SER D 135 3.00 -7.44 -34.26
N VAL D 136 2.21 -8.03 -33.38
CA VAL D 136 0.84 -8.37 -33.69
C VAL D 136 -0.03 -8.07 -32.57
N ASP D 137 -1.27 -7.81 -32.93
CA ASP D 137 -2.29 -7.53 -31.97
C ASP D 137 -3.31 -8.65 -32.13
N VAL D 138 -3.32 -9.60 -31.21
CA VAL D 138 -4.23 -10.75 -31.32
C VAL D 138 -5.10 -10.97 -30.12
N ARG D 139 -6.32 -11.46 -30.34
CA ARG D 139 -7.17 -11.85 -29.20
C ARG D 139 -7.02 -13.35 -29.10
N LEU D 140 -6.57 -13.86 -27.97
CA LEU D 140 -6.29 -15.28 -27.89
C LEU D 140 -7.42 -16.04 -27.26
N ILE D 141 -7.63 -17.25 -27.73
CA ILE D 141 -8.69 -18.09 -27.22
C ILE D 141 -8.08 -19.44 -27.26
N ALA D 142 -8.11 -20.17 -26.16
CA ALA D 142 -7.38 -21.43 -26.12
C ALA D 142 -8.15 -22.49 -25.37
N ALA D 143 -8.07 -23.75 -25.82
CA ALA D 143 -8.81 -24.78 -25.12
C ALA D 143 -7.99 -26.02 -24.83
N THR D 144 -8.18 -26.62 -23.64
CA THR D 144 -7.50 -27.87 -23.39
C THR D 144 -8.48 -28.77 -22.75
N HIS D 145 -8.24 -30.07 -22.84
CA HIS D 145 -8.98 -30.99 -22.01
C HIS D 145 -8.14 -31.51 -20.85
N ARG D 146 -7.52 -30.65 -20.07
CA ARG D 146 -6.54 -31.17 -19.12
C ARG D 146 -6.47 -30.22 -17.98
N ASP D 147 -6.09 -30.69 -16.80
CA ASP D 147 -6.21 -29.74 -15.77
C ASP D 147 -4.91 -28.94 -15.75
N LEU D 148 -4.96 -27.75 -16.33
CA LEU D 148 -3.76 -26.97 -16.42
C LEU D 148 -3.17 -26.85 -15.01
N ALA D 149 -3.96 -26.48 -14.03
CA ALA D 149 -3.31 -26.32 -12.73
C ALA D 149 -2.44 -27.56 -12.49
N GLU D 150 -3.00 -28.74 -12.73
CA GLU D 150 -2.24 -29.93 -12.40
C GLU D 150 -0.96 -29.79 -13.12
N GLU D 151 -1.17 -29.51 -14.39
CA GLU D 151 -0.05 -29.44 -15.27
C GLU D 151 0.96 -28.42 -14.71
N VAL D 152 0.46 -27.33 -14.12
CA VAL D 152 1.38 -26.38 -13.51
C VAL D 152 1.99 -26.96 -12.25
N SER D 153 1.21 -27.60 -11.41
CA SER D 153 1.84 -28.08 -10.21
C SER D 153 2.72 -29.28 -10.45
N ALA D 154 2.56 -29.96 -11.57
CA ALA D 154 3.48 -31.09 -11.73
C ALA D 154 4.73 -30.66 -12.48
N GLY D 155 5.00 -29.39 -12.61
CA GLY D 155 6.20 -29.02 -13.34
C GLY D 155 6.18 -29.15 -14.87
N ARG D 156 5.06 -29.46 -15.48
CA ARG D 156 5.08 -29.65 -16.92
C ARG D 156 4.80 -28.42 -17.75
N PHE D 157 4.28 -27.37 -17.12
CA PHE D 157 3.67 -26.22 -17.78
C PHE D 157 3.90 -25.06 -16.81
N ARG D 158 4.04 -23.85 -17.25
CA ARG D 158 4.49 -22.87 -16.25
C ARG D 158 3.55 -21.79 -15.71
N GLN D 159 3.75 -21.42 -14.44
CA GLN D 159 2.91 -20.43 -13.77
C GLN D 159 2.60 -19.26 -14.65
N ASP D 160 3.65 -18.50 -15.02
CA ASP D 160 3.52 -17.31 -15.91
C ASP D 160 2.60 -17.51 -17.06
N LEU D 161 2.76 -18.57 -17.81
CA LEU D 161 1.84 -18.72 -18.91
C LEU D 161 0.46 -19.00 -18.44
N TYR D 162 0.32 -19.87 -17.46
CA TYR D 162 -1.03 -20.31 -17.11
C TYR D 162 -1.81 -19.11 -16.68
N TYR D 163 -1.20 -18.37 -15.81
CA TYR D 163 -1.87 -17.20 -15.32
C TYR D 163 -2.17 -16.22 -16.43
N ARG D 164 -1.58 -16.38 -17.61
CA ARG D 164 -1.87 -15.45 -18.71
C ARG D 164 -2.93 -16.01 -19.63
N LEU D 165 -3.22 -17.31 -19.60
CA LEU D 165 -4.29 -17.81 -20.44
C LEU D 165 -5.53 -17.88 -19.53
N ASN D 166 -5.49 -18.57 -18.42
CA ASN D 166 -6.67 -18.71 -17.58
C ASN D 166 -7.13 -17.35 -17.02
N VAL D 167 -7.28 -16.36 -17.87
CA VAL D 167 -7.75 -15.09 -17.41
C VAL D 167 -9.21 -15.20 -17.12
N VAL D 168 -9.95 -15.76 -18.04
CA VAL D 168 -11.39 -15.91 -17.85
C VAL D 168 -11.73 -17.21 -18.46
N ALA D 169 -12.35 -18.04 -17.63
CA ALA D 169 -12.47 -19.43 -18.02
C ALA D 169 -13.89 -19.89 -18.26
N ILE D 170 -14.00 -20.87 -19.15
CA ILE D 170 -15.28 -21.40 -19.50
C ILE D 170 -15.22 -22.89 -19.38
N GLU D 171 -16.17 -23.47 -18.69
CA GLU D 171 -16.15 -24.90 -18.48
C GLU D 171 -17.16 -25.57 -19.41
N MET D 172 -16.71 -26.10 -20.51
CA MET D 172 -17.67 -26.78 -21.33
C MET D 172 -18.32 -27.96 -20.59
N PRO D 173 -19.63 -28.01 -20.55
CA PRO D 173 -20.33 -29.05 -19.82
C PRO D 173 -20.53 -30.27 -20.66
N SER D 174 -20.51 -31.46 -20.01
CA SER D 174 -20.66 -32.78 -20.65
C SER D 174 -22.09 -32.99 -21.04
N LEU D 175 -22.33 -33.82 -22.06
CA LEU D 175 -23.72 -34.01 -22.47
C LEU D 175 -24.50 -34.36 -21.26
N ARG D 176 -24.20 -35.54 -20.76
CA ARG D 176 -24.84 -36.04 -19.54
C ARG D 176 -25.30 -34.93 -18.60
N GLN D 177 -24.53 -33.85 -18.47
CA GLN D 177 -24.98 -32.77 -17.59
C GLN D 177 -25.91 -31.85 -18.32
N ARG D 178 -26.26 -32.17 -19.56
CA ARG D 178 -27.26 -31.36 -20.27
C ARG D 178 -28.33 -32.17 -21.01
N ARG D 179 -28.78 -33.26 -20.38
CA ARG D 179 -29.79 -34.13 -20.95
C ARG D 179 -30.84 -33.35 -21.76
N GLU D 180 -31.48 -32.38 -21.14
CA GLU D 180 -32.54 -31.64 -21.81
C GLU D 180 -32.25 -31.16 -23.23
N ASP D 181 -31.00 -31.13 -23.68
CA ASP D 181 -30.76 -30.73 -25.07
C ASP D 181 -30.80 -31.96 -25.96
N ILE D 182 -30.00 -32.97 -25.60
CA ILE D 182 -29.91 -34.22 -26.34
C ILE D 182 -30.96 -34.31 -27.44
N PRO D 183 -32.22 -34.38 -27.08
CA PRO D 183 -33.24 -34.44 -28.09
C PRO D 183 -33.03 -33.30 -29.05
N LEU D 184 -33.35 -32.10 -28.65
CA LEU D 184 -33.23 -30.98 -29.55
C LEU D 184 -31.90 -31.11 -30.25
N LEU D 185 -30.94 -31.58 -29.49
CA LEU D 185 -29.61 -31.76 -30.01
C LEU D 185 -29.66 -32.87 -31.04
N ALA D 186 -30.36 -33.95 -30.71
CA ALA D 186 -30.46 -35.09 -31.63
C ALA D 186 -31.07 -34.69 -32.95
N ASP D 187 -32.25 -34.13 -32.87
CA ASP D 187 -33.00 -33.74 -34.05
C ASP D 187 -32.08 -33.03 -35.03
N HIS D 188 -31.19 -32.19 -34.50
CA HIS D 188 -30.34 -31.41 -35.36
C HIS D 188 -29.66 -32.28 -36.37
N PHE D 189 -28.96 -33.26 -35.87
CA PHE D 189 -28.22 -34.16 -36.72
C PHE D 189 -29.20 -34.93 -37.60
N LEU D 190 -30.20 -35.56 -36.97
CA LEU D 190 -31.15 -36.34 -37.71
C LEU D 190 -31.44 -35.66 -39.06
N ARG D 191 -31.88 -34.41 -39.03
CA ARG D 191 -31.98 -33.60 -40.24
C ARG D 191 -30.73 -33.37 -41.08
N ARG D 192 -29.56 -33.09 -40.48
CA ARG D 192 -28.39 -32.85 -41.33
C ARG D 192 -28.14 -34.03 -42.23
N PHE D 193 -27.99 -35.19 -41.58
CA PHE D 193 -27.63 -36.42 -42.25
C PHE D 193 -28.76 -36.95 -43.10
N ALA D 194 -29.99 -36.85 -42.62
CA ALA D 194 -31.10 -37.33 -43.43
C ALA D 194 -31.05 -36.68 -44.80
N GLU D 195 -30.43 -35.51 -44.86
CA GLU D 195 -30.29 -34.79 -46.11
C GLU D 195 -29.01 -35.28 -46.79
N ARG D 196 -27.91 -35.24 -46.06
CA ARG D 196 -26.66 -35.68 -46.64
C ARG D 196 -26.84 -37.02 -47.41
N ASN D 197 -27.84 -37.80 -47.02
CA ASN D 197 -28.10 -39.09 -47.66
C ASN D 197 -29.40 -39.12 -48.51
N ARG D 198 -29.97 -37.95 -48.75
CA ARG D 198 -31.22 -37.84 -49.55
C ARG D 198 -32.26 -38.84 -49.13
N LYS D 199 -32.27 -39.14 -47.83
CA LYS D 199 -33.07 -40.19 -47.28
C LYS D 199 -34.21 -39.54 -46.56
N VAL D 200 -35.41 -40.04 -46.80
CA VAL D 200 -36.60 -39.42 -46.22
C VAL D 200 -36.79 -39.88 -44.79
N VAL D 201 -36.18 -39.15 -43.87
CA VAL D 201 -36.27 -39.49 -42.47
C VAL D 201 -36.95 -38.38 -41.72
N LYS D 202 -37.51 -38.74 -40.58
CA LYS D 202 -38.12 -37.75 -39.72
C LYS D 202 -38.70 -38.44 -38.51
N GLY D 203 -38.10 -38.14 -37.36
CA GLY D 203 -38.58 -38.65 -36.10
C GLY D 203 -37.79 -39.81 -35.55
N PHE D 204 -37.72 -39.88 -34.24
CA PHE D 204 -37.10 -40.99 -33.55
C PHE D 204 -38.26 -41.71 -32.90
N THR D 205 -38.08 -42.97 -32.60
CA THR D 205 -39.15 -43.67 -31.93
C THR D 205 -38.98 -43.25 -30.50
N PRO D 206 -40.09 -42.97 -29.83
CA PRO D 206 -40.06 -42.52 -28.43
C PRO D 206 -39.21 -43.43 -27.59
N GLN D 207 -39.14 -44.70 -27.95
CA GLN D 207 -38.27 -45.59 -27.24
C GLN D 207 -36.85 -45.15 -27.56
N ALA D 208 -36.53 -45.07 -28.84
CA ALA D 208 -35.20 -44.65 -29.24
C ALA D 208 -34.74 -43.37 -28.52
N MET D 209 -35.44 -42.28 -28.79
CA MET D 209 -35.14 -41.00 -28.19
C MET D 209 -34.86 -41.12 -26.69
N ASP D 210 -35.61 -41.99 -26.02
CA ASP D 210 -35.44 -42.18 -24.58
C ASP D 210 -34.03 -42.71 -24.26
N LEU D 211 -33.58 -43.70 -25.00
CA LEU D 211 -32.28 -44.21 -24.69
C LEU D 211 -31.23 -43.16 -24.99
N LEU D 212 -31.39 -42.45 -26.09
CA LEU D 212 -30.43 -41.41 -26.38
C LEU D 212 -30.43 -40.41 -25.22
N ILE D 213 -31.61 -40.12 -24.68
CA ILE D 213 -31.66 -39.13 -23.62
C ILE D 213 -30.99 -39.57 -22.34
N HIS D 214 -30.90 -40.87 -22.15
CA HIS D 214 -30.26 -41.38 -20.95
C HIS D 214 -28.94 -42.02 -21.18
N TYR D 215 -28.21 -41.50 -22.15
CA TYR D 215 -26.86 -41.97 -22.46
C TYR D 215 -26.05 -40.91 -23.21
N ASP D 216 -25.37 -41.32 -24.26
CA ASP D 216 -24.49 -40.42 -24.96
C ASP D 216 -23.50 -39.79 -24.00
N TRP D 217 -22.78 -40.62 -23.26
CA TRP D 217 -21.85 -40.07 -22.34
C TRP D 217 -20.45 -39.81 -22.93
N PRO D 218 -19.62 -40.83 -22.94
CA PRO D 218 -18.19 -40.60 -23.03
C PRO D 218 -17.71 -39.72 -24.16
N GLY D 219 -18.34 -39.70 -25.32
CA GLY D 219 -17.82 -38.96 -26.48
C GLY D 219 -18.87 -37.92 -26.79
N ASN D 220 -19.21 -37.23 -25.75
CA ASN D 220 -20.35 -36.38 -25.80
C ASN D 220 -20.89 -36.09 -27.20
N ILE D 221 -20.78 -34.88 -27.72
CA ILE D 221 -21.45 -34.68 -28.98
C ILE D 221 -20.81 -35.66 -29.95
N ARG D 222 -19.50 -35.62 -30.09
CA ARG D 222 -18.88 -36.48 -31.07
C ARG D 222 -19.53 -37.86 -31.17
N GLU D 223 -19.74 -38.53 -30.04
CA GLU D 223 -20.30 -39.86 -30.09
C GLU D 223 -21.72 -39.82 -30.62
N LEU D 224 -22.56 -39.04 -29.95
CA LEU D 224 -23.93 -38.84 -30.41
C LEU D 224 -23.95 -38.62 -31.90
N GLU D 225 -23.18 -37.64 -32.36
CA GLU D 225 -23.15 -37.36 -33.79
C GLU D 225 -22.99 -38.65 -34.52
N ASN D 226 -22.06 -39.46 -34.09
CA ASN D 226 -21.82 -40.72 -34.79
C ASN D 226 -23.02 -41.63 -34.66
N ALA D 227 -23.48 -41.88 -33.43
CA ALA D 227 -24.61 -42.80 -33.27
C ALA D 227 -25.75 -42.48 -34.21
N ILE D 228 -26.01 -41.20 -34.41
CA ILE D 228 -27.08 -40.83 -35.31
C ILE D 228 -26.77 -41.07 -36.77
N GLU D 229 -25.72 -40.45 -37.28
CA GLU D 229 -25.38 -40.61 -38.66
C GLU D 229 -25.48 -42.07 -39.06
N ARG D 230 -25.04 -42.94 -38.16
CA ARG D 230 -25.12 -44.36 -38.44
C ARG D 230 -26.53 -44.77 -38.72
N ALA D 231 -27.39 -44.50 -37.74
CA ALA D 231 -28.78 -44.91 -37.79
C ALA D 231 -29.45 -44.50 -39.07
N VAL D 232 -29.18 -43.29 -39.55
CA VAL D 232 -29.79 -42.85 -40.79
C VAL D 232 -29.24 -43.73 -41.91
N VAL D 233 -27.93 -43.94 -41.97
CA VAL D 233 -27.43 -44.78 -43.05
C VAL D 233 -28.05 -46.16 -43.02
N LEU D 234 -28.30 -46.70 -41.83
CA LEU D 234 -28.94 -48.02 -41.71
C LEU D 234 -30.48 -47.96 -41.79
N LEU D 235 -31.00 -46.76 -41.66
CA LEU D 235 -32.44 -46.66 -41.63
C LEU D 235 -33.05 -47.11 -42.92
N THR D 236 -33.92 -48.11 -42.79
CA THR D 236 -34.70 -48.62 -43.91
C THR D 236 -36.11 -48.25 -43.63
N GLY D 237 -36.47 -46.99 -43.87
CA GLY D 237 -37.83 -46.52 -43.59
C GLY D 237 -37.79 -45.12 -43.00
N GLU D 238 -38.78 -44.80 -42.17
CA GLU D 238 -38.92 -43.41 -41.73
C GLU D 238 -38.43 -42.94 -40.36
N TYR D 239 -38.77 -43.64 -39.29
CA TYR D 239 -38.36 -43.20 -37.95
C TYR D 239 -37.22 -44.02 -37.36
N ILE D 240 -36.11 -43.41 -36.96
CA ILE D 240 -35.01 -44.22 -36.39
C ILE D 240 -35.43 -44.78 -35.01
N SER D 241 -35.09 -46.03 -34.76
CA SER D 241 -35.55 -46.70 -33.55
C SER D 241 -34.43 -47.38 -32.84
N GLU D 242 -34.79 -48.17 -31.84
CA GLU D 242 -33.79 -48.84 -31.04
C GLU D 242 -32.81 -49.68 -31.84
N ARG D 243 -33.30 -50.41 -32.83
CA ARG D 243 -32.39 -51.28 -33.53
C ARG D 243 -31.63 -50.60 -34.65
N GLU D 244 -31.42 -49.30 -34.56
CA GLU D 244 -30.69 -48.62 -35.61
C GLU D 244 -29.60 -47.84 -34.99
N LEU D 245 -29.50 -47.96 -33.67
CA LEU D 245 -28.48 -47.26 -32.89
C LEU D 245 -27.36 -48.19 -32.56
N PRO D 246 -26.22 -47.62 -32.18
CA PRO D 246 -25.03 -48.40 -31.85
C PRO D 246 -25.31 -49.31 -30.67
N LEU D 247 -24.87 -50.55 -30.79
CA LEU D 247 -25.05 -51.55 -29.73
C LEU D 247 -24.92 -50.98 -28.32
N ALA D 248 -23.79 -50.34 -28.02
CA ALA D 248 -23.58 -49.77 -26.68
C ALA D 248 -24.75 -48.93 -26.14
N ILE D 249 -25.53 -48.34 -27.03
CA ILE D 249 -26.72 -47.67 -26.62
C ILE D 249 -27.30 -48.33 -25.36
N ALA D 250 -27.58 -49.64 -25.43
CA ALA D 250 -28.39 -50.39 -24.43
C ALA D 250 -28.18 -50.10 -22.93
N ALA D 251 -28.77 -49.01 -22.45
CA ALA D 251 -28.48 -48.49 -21.11
C ALA D 251 -29.69 -48.48 -20.25
N THR D 252 -29.51 -48.67 -18.95
CA THR D 252 -30.65 -49.14 -18.14
C THR D 252 -31.75 -48.21 -17.57
N PRO D 253 -32.94 -48.29 -18.18
CA PRO D 253 -34.09 -47.48 -17.82
C PRO D 253 -35.05 -48.10 -16.80
N ILE D 254 -36.32 -47.70 -16.90
CA ILE D 254 -37.35 -48.13 -15.95
C ILE D 254 -37.94 -49.50 -16.27
N LYS D 255 -39.00 -49.85 -15.55
CA LYS D 255 -39.72 -51.13 -15.67
C LYS D 255 -39.05 -52.23 -14.85
N GLU D 261 -42.88 -52.91 -4.69
CA GLU D 261 -41.98 -52.92 -5.84
C GLU D 261 -42.01 -54.30 -6.56
N ILE D 262 -42.78 -55.22 -5.98
CA ILE D 262 -43.22 -56.45 -6.64
C ILE D 262 -44.71 -56.41 -6.24
N GLN D 263 -45.59 -56.10 -7.19
CA GLN D 263 -47.01 -55.99 -6.86
C GLN D 263 -47.68 -57.26 -7.31
N PRO D 264 -48.61 -57.79 -6.52
CA PRO D 264 -49.13 -59.13 -6.74
C PRO D 264 -49.74 -59.26 -8.10
N LEU D 265 -49.49 -60.40 -8.75
CA LEU D 265 -50.04 -60.66 -10.07
C LEU D 265 -51.52 -60.30 -10.09
N VAL D 266 -52.28 -61.00 -9.25
CA VAL D 266 -53.71 -60.82 -9.05
C VAL D 266 -54.15 -59.38 -9.35
N ASP D 267 -53.27 -58.43 -9.07
CA ASP D 267 -53.63 -57.06 -9.30
C ASP D 267 -53.07 -56.66 -10.66
N VAL D 268 -51.82 -57.05 -10.89
CA VAL D 268 -51.17 -56.67 -12.12
C VAL D 268 -51.96 -57.08 -13.34
N GLU D 269 -52.65 -58.22 -13.26
CA GLU D 269 -53.42 -58.66 -14.40
C GLU D 269 -54.74 -57.89 -14.58
N LYS D 270 -55.43 -57.63 -13.47
CA LYS D 270 -56.64 -56.82 -13.55
C LYS D 270 -56.23 -55.49 -14.12
N GLU D 271 -54.95 -55.17 -13.93
CA GLU D 271 -54.41 -53.93 -14.47
C GLU D 271 -54.30 -54.07 -15.99
N VAL D 272 -53.77 -55.20 -16.42
CA VAL D 272 -53.61 -55.46 -17.84
C VAL D 272 -54.95 -55.64 -18.54
N ILE D 273 -55.82 -56.46 -17.97
CA ILE D 273 -57.10 -56.74 -18.63
C ILE D 273 -58.10 -55.59 -18.46
N LEU D 274 -57.62 -54.46 -17.97
CA LEU D 274 -58.46 -53.31 -17.84
C LEU D 274 -57.95 -52.36 -18.88
N ALA D 275 -56.66 -52.52 -19.18
CA ALA D 275 -56.03 -51.72 -20.20
C ALA D 275 -56.52 -52.21 -21.54
N ALA D 276 -56.40 -53.52 -21.76
CA ALA D 276 -56.90 -54.13 -23.00
C ALA D 276 -58.30 -53.61 -23.27
N LEU D 277 -59.19 -53.83 -22.31
CA LEU D 277 -60.57 -53.39 -22.42
C LEU D 277 -60.65 -52.00 -22.97
N GLU D 278 -59.87 -51.10 -22.38
CA GLU D 278 -59.89 -49.71 -22.79
C GLU D 278 -59.48 -49.60 -24.25
N LYS D 279 -58.40 -50.30 -24.63
CA LYS D 279 -57.90 -50.23 -25.99
C LYS D 279 -58.84 -50.88 -27.03
N THR D 280 -60.01 -51.31 -26.58
CA THR D 280 -60.97 -51.94 -27.49
C THR D 280 -62.40 -51.49 -27.17
N GLY D 281 -62.51 -50.39 -26.44
CA GLY D 281 -63.81 -49.85 -26.05
C GLY D 281 -64.69 -50.84 -25.31
N GLY D 282 -64.20 -51.37 -24.20
CA GLY D 282 -64.95 -52.29 -23.39
C GLY D 282 -65.45 -53.54 -24.07
N ASN D 283 -64.85 -53.93 -25.18
CA ASN D 283 -65.23 -55.18 -25.85
C ASN D 283 -64.50 -56.38 -25.25
N LYS D 284 -65.19 -57.16 -24.43
CA LYS D 284 -64.54 -58.29 -23.77
C LYS D 284 -63.97 -59.35 -24.70
N THR D 285 -64.81 -59.92 -25.56
CA THR D 285 -64.33 -60.96 -26.46
C THR D 285 -63.06 -60.53 -27.15
N GLU D 286 -63.05 -59.32 -27.69
CA GLU D 286 -61.89 -58.84 -28.39
C GLU D 286 -60.67 -58.80 -27.49
N ALA D 287 -60.74 -57.98 -26.45
CA ALA D 287 -59.63 -57.84 -25.51
C ALA D 287 -59.04 -59.21 -25.18
N ALA D 288 -59.85 -60.10 -24.64
CA ALA D 288 -59.41 -61.44 -24.29
C ALA D 288 -58.68 -62.08 -25.47
N ARG D 289 -59.31 -62.05 -26.64
CA ARG D 289 -58.72 -62.66 -27.81
C ARG D 289 -57.27 -62.30 -27.91
N GLN D 290 -56.99 -61.02 -27.66
CA GLN D 290 -55.66 -60.50 -27.78
C GLN D 290 -54.83 -60.89 -26.57
N LEU D 291 -55.47 -60.95 -25.41
CA LEU D 291 -54.76 -61.34 -24.21
C LEU D 291 -54.46 -62.84 -24.25
N GLY D 292 -55.03 -63.53 -25.23
CA GLY D 292 -54.78 -64.96 -25.36
C GLY D 292 -55.50 -65.80 -24.32
N ILE D 293 -56.69 -65.35 -23.94
CA ILE D 293 -57.44 -66.04 -22.91
C ILE D 293 -58.90 -66.12 -23.30
N THR D 294 -59.56 -67.15 -22.79
CA THR D 294 -60.97 -67.37 -23.00
C THR D 294 -61.73 -66.16 -22.50
N ARG D 295 -62.80 -65.81 -23.21
CA ARG D 295 -63.68 -64.72 -22.79
C ARG D 295 -64.04 -64.98 -21.33
N LYS D 296 -64.50 -66.21 -21.07
CA LYS D 296 -64.89 -66.64 -19.73
C LYS D 296 -63.74 -66.47 -18.75
N THR D 297 -62.52 -66.69 -19.24
CA THR D 297 -61.35 -66.48 -18.41
C THR D 297 -61.31 -65.05 -17.97
N LEU D 298 -61.31 -64.14 -18.95
CA LEU D 298 -61.16 -62.72 -18.66
C LEU D 298 -62.11 -62.34 -17.56
N LEU D 299 -63.35 -62.78 -17.73
CA LEU D 299 -64.37 -62.44 -16.77
C LEU D 299 -63.93 -62.76 -15.35
N ALA D 300 -63.29 -63.91 -15.17
CA ALA D 300 -62.89 -64.35 -13.85
C ALA D 300 -61.70 -63.57 -13.31
N LYS D 301 -60.65 -63.46 -14.11
CA LYS D 301 -59.45 -62.77 -13.67
C LYS D 301 -59.76 -61.41 -13.03
N LEU D 302 -60.89 -60.82 -13.35
CA LEU D 302 -61.22 -59.54 -12.75
C LEU D 302 -62.40 -59.58 -11.78
N SER D 303 -62.77 -60.77 -11.36
CA SER D 303 -63.89 -60.90 -10.42
C SER D 303 -63.50 -61.84 -9.29
N ARG D 304 -62.21 -61.82 -8.96
CA ARG D 304 -61.66 -62.63 -7.87
C ARG D 304 -61.91 -61.93 -6.54
N HIS E 3 12.41 2.38 -7.82
CA HIS E 3 12.13 1.76 -9.15
C HIS E 3 11.07 0.65 -9.08
N MET E 4 10.26 0.71 -8.02
CA MET E 4 9.26 -0.31 -7.71
C MET E 4 8.11 0.31 -6.90
N ILE E 5 7.41 -0.50 -6.08
CA ILE E 5 6.15 0.01 -5.49
C ILE E 5 5.88 0.14 -3.99
N GLY E 6 6.43 -0.70 -3.15
CA GLY E 6 6.06 -0.50 -1.77
C GLY E 6 7.19 0.16 -1.04
N SER E 7 7.21 -0.10 0.25
CA SER E 7 8.36 0.15 1.09
C SER E 7 7.85 -0.37 2.40
N SER E 8 7.15 -1.48 2.34
CA SER E 8 6.64 -2.05 3.54
C SER E 8 7.89 -2.27 4.36
N PRO E 9 7.96 -3.25 5.21
CA PRO E 9 9.22 -3.55 5.83
C PRO E 9 10.05 -4.40 4.92
N ALA E 10 9.47 -5.46 4.39
CA ALA E 10 10.24 -6.43 3.64
C ALA E 10 10.87 -5.70 2.46
N MET E 11 9.99 -5.12 1.71
CA MET E 11 10.44 -4.43 0.56
C MET E 11 11.39 -3.29 0.92
N GLN E 12 11.52 -2.96 2.19
CA GLN E 12 12.43 -1.88 2.56
C GLN E 12 13.82 -2.49 2.64
N HIS E 13 13.99 -3.45 3.56
CA HIS E 13 15.25 -4.16 3.67
C HIS E 13 15.80 -4.37 2.27
N LEU E 14 14.94 -4.83 1.36
CA LEU E 14 15.36 -5.11 -0.01
C LEU E 14 16.06 -3.95 -0.67
N LEU E 15 15.59 -2.73 -0.45
CA LEU E 15 16.20 -1.58 -1.13
C LEU E 15 17.54 -1.30 -0.51
N ASN E 16 17.56 -1.43 0.82
CA ASN E 16 18.77 -1.28 1.58
C ASN E 16 19.88 -2.13 0.94
N GLU E 17 19.63 -3.43 0.80
CA GLU E 17 20.67 -4.27 0.21
C GLU E 17 21.01 -3.76 -1.17
N ILE E 18 20.03 -3.68 -2.06
CA ILE E 18 20.33 -3.16 -3.37
C ILE E 18 21.31 -2.01 -3.30
N ALA E 19 21.00 -1.05 -2.44
CA ALA E 19 21.87 0.10 -2.30
C ALA E 19 23.21 -0.41 -1.92
N MET E 20 23.30 -0.84 -0.67
CA MET E 20 24.57 -1.28 -0.11
C MET E 20 25.36 -2.06 -1.12
N VAL E 21 24.74 -3.03 -1.77
CA VAL E 21 25.47 -3.86 -2.73
C VAL E 21 25.87 -3.23 -4.06
N ALA E 22 24.93 -3.05 -4.97
CA ALA E 22 25.23 -2.54 -6.33
C ALA E 22 26.67 -2.24 -6.74
N PRO E 23 27.45 -1.38 -6.05
CA PRO E 23 28.83 -1.10 -6.48
C PRO E 23 29.41 -2.23 -7.32
N SER E 24 29.78 -1.82 -8.53
CA SER E 24 30.07 -2.69 -9.69
C SER E 24 30.48 -4.17 -9.54
N ASP E 25 31.67 -4.41 -9.02
CA ASP E 25 32.25 -5.75 -9.15
C ASP E 25 31.65 -6.98 -8.45
N ALA E 26 30.66 -6.86 -7.59
CA ALA E 26 30.24 -8.10 -6.93
C ALA E 26 29.13 -8.85 -7.69
N THR E 27 29.37 -10.13 -8.03
CA THR E 27 28.34 -10.92 -8.71
C THR E 27 27.22 -11.07 -7.73
N VAL E 28 25.99 -11.09 -8.23
CA VAL E 28 24.84 -11.17 -7.38
C VAL E 28 23.78 -12.11 -7.95
N LEU E 29 23.17 -12.92 -7.07
CA LEU E 29 22.22 -13.94 -7.47
C LEU E 29 20.92 -13.66 -6.81
N ILE E 30 19.85 -13.52 -7.58
CA ILE E 30 18.60 -13.18 -6.95
C ILE E 30 17.71 -14.36 -6.88
N HIS E 31 17.31 -14.71 -5.64
CA HIS E 31 16.50 -15.87 -5.28
C HIS E 31 15.06 -15.51 -4.91
N GLY E 32 14.12 -16.40 -5.22
CA GLY E 32 12.70 -16.13 -4.93
C GLY E 32 11.65 -16.81 -5.83
N ASP E 33 10.49 -17.18 -5.30
CA ASP E 33 9.55 -17.86 -6.18
C ASP E 33 9.39 -17.01 -7.41
N SER E 34 8.90 -17.56 -8.49
CA SER E 34 8.79 -16.68 -9.61
C SER E 34 7.54 -15.91 -9.40
N GLY E 35 7.54 -14.69 -9.94
CA GLY E 35 6.33 -13.89 -10.02
C GLY E 35 6.49 -12.71 -9.14
N THR E 36 7.75 -12.27 -8.97
CA THR E 36 7.92 -11.32 -7.93
C THR E 36 8.54 -10.03 -8.20
N GLY E 37 9.49 -9.87 -9.07
CA GLY E 37 10.05 -8.53 -9.23
C GLY E 37 11.52 -8.69 -9.55
N LYS E 38 11.93 -9.92 -9.67
CA LYS E 38 13.31 -10.16 -9.87
C LYS E 38 13.82 -9.27 -10.99
N GLU E 39 13.22 -9.32 -12.15
CA GLU E 39 13.74 -8.50 -13.20
C GLU E 39 13.98 -7.04 -12.78
N LEU E 40 13.11 -6.44 -11.96
CA LEU E 40 13.33 -5.05 -11.51
C LEU E 40 14.54 -4.93 -10.56
N VAL E 41 14.58 -5.79 -9.54
CA VAL E 41 15.74 -5.77 -8.63
C VAL E 41 17.01 -5.72 -9.47
N ALA E 42 17.09 -6.54 -10.51
CA ALA E 42 18.25 -6.49 -11.38
C ALA E 42 18.23 -5.12 -12.05
N ARG E 43 17.07 -4.72 -12.56
CA ARG E 43 17.03 -3.42 -13.16
C ARG E 43 17.63 -2.41 -12.14
N ALA E 44 17.12 -2.51 -10.90
CA ALA E 44 17.53 -1.62 -9.83
C ALA E 44 19.02 -1.61 -9.60
N LEU E 45 19.59 -2.80 -9.49
CA LEU E 45 20.99 -2.92 -9.19
C LEU E 45 21.73 -2.18 -10.21
N HIS E 46 21.39 -2.48 -11.46
CA HIS E 46 22.07 -1.89 -12.59
C HIS E 46 22.10 -0.38 -12.48
N ALA E 47 20.91 0.19 -12.36
CA ALA E 47 20.78 1.61 -12.21
C ALA E 47 21.67 2.15 -11.13
N CYS E 48 21.47 1.66 -9.92
CA CYS E 48 22.07 2.27 -8.75
C CYS E 48 23.59 2.28 -8.51
N SER E 49 24.46 1.75 -9.36
CA SER E 49 25.86 1.80 -8.93
C SER E 49 26.95 2.39 -9.80
N ALA E 50 27.26 1.78 -10.94
CA ALA E 50 28.41 2.34 -11.64
C ALA E 50 28.38 2.33 -13.15
N ARG E 51 27.62 1.44 -13.75
CA ARG E 51 27.62 1.36 -15.19
C ARG E 51 26.18 1.64 -15.52
N SER E 52 25.68 2.71 -14.93
CA SER E 52 24.27 2.97 -15.01
C SER E 52 24.04 3.66 -16.32
N ASP E 53 25.12 4.22 -16.84
CA ASP E 53 25.11 4.89 -18.12
C ASP E 53 25.02 3.88 -19.26
N ARG E 54 25.67 2.74 -19.09
CA ARG E 54 25.82 1.81 -20.18
C ARG E 54 24.67 0.83 -20.39
N PRO E 55 24.74 0.04 -21.45
CA PRO E 55 23.66 -0.84 -21.87
C PRO E 55 23.49 -1.97 -20.90
N LEU E 56 22.29 -2.51 -20.80
CA LEU E 56 22.00 -3.57 -19.86
C LEU E 56 21.55 -4.83 -20.59
N VAL E 57 22.50 -5.73 -20.85
CA VAL E 57 22.20 -6.97 -21.58
C VAL E 57 21.51 -7.94 -20.66
N THR E 58 20.56 -8.68 -21.21
CA THR E 58 19.76 -9.55 -20.39
C THR E 58 19.04 -10.54 -21.25
N LEU E 59 19.39 -11.81 -21.08
CA LEU E 59 18.67 -12.87 -21.77
C LEU E 59 18.08 -13.73 -20.71
N ASN E 60 17.08 -14.54 -21.07
CA ASN E 60 16.41 -15.43 -20.11
C ASN E 60 16.60 -16.84 -20.59
N CYS E 61 17.36 -17.59 -19.84
CA CYS E 61 17.74 -18.87 -20.37
C CYS E 61 16.62 -19.88 -20.37
N ALA E 62 15.52 -19.51 -19.75
CA ALA E 62 14.38 -20.38 -19.58
C ALA E 62 14.37 -21.71 -20.29
N ALA E 63 14.17 -21.75 -21.59
CA ALA E 63 14.19 -23.10 -22.11
C ALA E 63 15.09 -23.37 -23.28
N LEU E 64 15.88 -22.39 -23.69
CA LEU E 64 16.67 -22.49 -24.92
C LEU E 64 17.68 -23.67 -24.96
N ASN E 65 17.56 -24.48 -26.00
CA ASN E 65 18.35 -25.70 -26.06
C ASN E 65 19.82 -25.42 -25.84
N GLU E 66 20.44 -26.26 -25.01
CA GLU E 66 21.86 -26.08 -24.69
C GLU E 66 22.55 -25.37 -25.85
N SER E 67 22.09 -25.61 -27.07
CA SER E 67 22.76 -25.04 -28.22
C SER E 67 22.39 -23.57 -28.42
N LEU E 68 21.11 -23.33 -28.68
CA LEU E 68 20.66 -21.99 -28.94
C LEU E 68 21.24 -21.09 -27.88
N LEU E 69 21.24 -21.58 -26.65
CA LEU E 69 21.79 -20.78 -25.59
C LEU E 69 23.30 -20.52 -25.81
N GLU E 70 24.03 -21.54 -26.24
CA GLU E 70 25.48 -21.42 -26.41
C GLU E 70 25.72 -20.17 -27.20
N SER E 71 25.11 -20.16 -28.38
CA SER E 71 25.24 -19.05 -29.28
C SER E 71 24.84 -17.79 -28.57
N GLU E 72 23.54 -17.55 -28.57
CA GLU E 72 22.99 -16.35 -27.95
C GLU E 72 23.85 -15.79 -26.82
N LEU E 73 24.49 -16.66 -26.05
CA LEU E 73 25.26 -16.18 -24.90
C LEU E 73 26.66 -15.78 -25.27
N PHE E 74 27.33 -16.65 -26.00
CA PHE E 74 28.69 -16.36 -26.33
C PHE E 74 28.64 -15.73 -27.71
N GLY E 75 29.53 -16.04 -28.63
CA GLY E 75 29.39 -15.45 -29.92
C GLY E 75 29.82 -16.53 -30.86
N HIS E 76 29.48 -16.46 -32.15
CA HIS E 76 29.67 -17.65 -32.96
C HIS E 76 30.09 -17.51 -34.39
N GLU E 77 31.24 -18.12 -34.60
CA GLU E 77 32.23 -17.82 -35.66
C GLU E 77 31.99 -17.29 -37.08
N LYS E 78 31.51 -18.13 -37.99
CA LYS E 78 31.28 -17.81 -39.40
C LYS E 78 30.23 -18.78 -39.87
N GLY E 79 30.20 -19.95 -39.23
CA GLY E 79 29.25 -20.98 -39.56
C GLY E 79 29.01 -21.94 -38.42
N ALA E 80 27.79 -21.97 -37.94
CA ALA E 80 27.43 -22.84 -36.83
C ALA E 80 25.94 -22.81 -36.54
N PHE E 81 25.14 -23.03 -37.58
CA PHE E 81 23.68 -23.05 -37.46
C PHE E 81 23.00 -23.40 -38.77
N THR E 82 22.12 -22.51 -39.22
CA THR E 82 21.37 -22.71 -40.44
C THR E 82 21.25 -21.42 -41.24
N LYS E 86 26.05 -15.46 -41.14
CA LYS E 86 26.90 -14.32 -40.79
C LYS E 86 27.64 -14.62 -39.49
N ARG E 87 27.54 -13.72 -38.54
CA ARG E 87 28.19 -13.89 -37.25
C ARG E 87 27.50 -13.00 -36.23
N ARG E 88 26.60 -13.61 -35.46
CA ARG E 88 25.87 -12.91 -34.39
C ARG E 88 26.75 -12.82 -33.16
N GLU E 89 27.28 -11.63 -32.93
CA GLU E 89 28.21 -11.36 -31.85
C GLU E 89 28.06 -12.24 -30.60
N GLY E 90 26.97 -12.06 -29.87
CA GLY E 90 26.79 -12.81 -28.64
C GLY E 90 26.26 -11.88 -27.57
N ARG E 91 26.08 -12.40 -26.37
CA ARG E 91 25.49 -11.59 -25.33
C ARG E 91 26.50 -11.02 -24.35
N PHE E 92 27.46 -11.84 -23.94
CA PHE E 92 28.45 -11.35 -23.02
C PHE E 92 29.09 -10.12 -23.59
N VAL E 93 29.66 -10.26 -24.79
CA VAL E 93 30.33 -9.15 -25.49
C VAL E 93 29.40 -7.97 -25.60
N GLU E 94 28.20 -8.20 -26.08
CA GLU E 94 27.23 -7.14 -26.23
C GLU E 94 27.18 -6.35 -24.95
N ALA E 95 27.62 -6.98 -23.86
CA ALA E 95 27.60 -6.33 -22.57
C ALA E 95 28.99 -5.91 -22.12
N ASP E 96 30.00 -6.20 -22.92
CA ASP E 96 31.35 -5.91 -22.44
C ASP E 96 31.45 -4.50 -21.87
N GLY E 97 31.92 -4.43 -20.63
CA GLY E 97 32.00 -3.19 -19.91
C GLY E 97 30.61 -2.77 -19.50
N GLY E 98 29.71 -3.72 -19.36
CA GLY E 98 28.34 -3.39 -19.02
C GLY E 98 27.83 -4.24 -17.89
N THR E 99 26.55 -4.56 -17.92
CA THR E 99 25.96 -5.45 -16.91
C THR E 99 25.11 -6.53 -17.56
N LEU E 100 25.48 -7.79 -17.38
CA LEU E 100 24.69 -8.88 -17.94
C LEU E 100 23.73 -9.44 -16.92
N PHE E 101 22.55 -9.82 -17.38
CA PHE E 101 21.53 -10.36 -16.50
C PHE E 101 20.86 -11.62 -17.02
N LEU E 102 21.21 -12.74 -16.46
CA LEU E 102 20.60 -13.95 -16.95
C LEU E 102 19.56 -14.43 -15.95
N ASP E 103 18.35 -14.61 -16.45
CA ASP E 103 17.20 -15.04 -15.69
C ASP E 103 16.93 -16.50 -15.94
N GLU E 104 16.44 -17.16 -14.89
CA GLU E 104 16.15 -18.59 -14.86
C GLU E 104 17.42 -19.37 -15.20
N ILE E 105 18.39 -19.36 -14.30
CA ILE E 105 19.71 -19.91 -14.62
C ILE E 105 19.81 -21.25 -14.00
N GLY E 106 18.79 -21.60 -13.26
CA GLY E 106 18.86 -22.83 -12.53
C GLY E 106 18.68 -24.06 -13.37
N ASP E 107 18.66 -23.93 -14.68
CA ASP E 107 18.44 -25.14 -15.44
C ASP E 107 19.42 -25.31 -16.57
N ILE E 108 20.31 -24.34 -16.73
CA ILE E 108 21.22 -24.45 -17.82
C ILE E 108 21.94 -25.72 -17.67
N SER E 109 22.05 -26.46 -18.76
CA SER E 109 22.82 -27.71 -18.78
C SER E 109 24.18 -27.63 -18.08
N PRO E 110 24.70 -28.79 -17.76
CA PRO E 110 26.06 -28.88 -17.26
C PRO E 110 27.06 -28.16 -18.18
N LEU E 111 27.06 -28.48 -19.46
CA LEU E 111 28.07 -27.87 -20.33
C LEU E 111 27.97 -26.36 -20.24
N MET E 112 26.75 -25.86 -20.34
CA MET E 112 26.57 -24.43 -20.23
C MET E 112 27.00 -23.95 -18.85
N GLN E 113 26.90 -24.82 -17.85
CA GLN E 113 27.38 -24.44 -16.54
C GLN E 113 28.90 -24.15 -16.70
N VAL E 114 29.63 -25.16 -17.15
CA VAL E 114 31.08 -25.03 -17.32
C VAL E 114 31.51 -23.73 -17.91
N ARG E 115 31.02 -23.55 -19.14
CA ARG E 115 31.27 -22.39 -19.97
C ARG E 115 31.00 -21.14 -19.21
N LEU E 116 29.78 -21.04 -18.71
CA LEU E 116 29.43 -19.83 -18.02
C LEU E 116 30.49 -19.57 -16.93
N LEU E 117 31.00 -20.63 -16.34
CA LEU E 117 32.00 -20.41 -15.30
C LEU E 117 33.13 -19.68 -15.98
N ARG E 118 33.76 -20.36 -16.92
CA ARG E 118 34.90 -19.76 -17.62
C ARG E 118 34.63 -18.29 -17.88
N ALA E 119 33.43 -17.99 -18.34
CA ALA E 119 33.08 -16.61 -18.63
C ALA E 119 33.13 -15.77 -17.36
N ILE E 120 33.01 -16.42 -16.22
CA ILE E 120 33.09 -15.70 -14.96
C ILE E 120 34.51 -15.77 -14.42
N GLN E 121 35.09 -16.96 -14.46
CA GLN E 121 36.44 -17.22 -13.92
C GLN E 121 37.54 -16.37 -14.56
N GLU E 122 37.71 -16.51 -15.86
CA GLU E 122 38.71 -15.76 -16.59
C GLU E 122 38.05 -15.11 -17.78
N ARG E 123 37.91 -13.80 -17.69
CA ARG E 123 37.19 -12.92 -18.63
C ARG E 123 36.92 -13.30 -20.09
N GLU E 124 37.64 -14.28 -20.62
CA GLU E 124 37.52 -14.63 -22.03
C GLU E 124 36.20 -15.25 -22.44
N VAL E 125 35.96 -15.28 -23.75
CA VAL E 125 34.73 -15.79 -24.30
C VAL E 125 34.96 -16.40 -25.68
N GLN E 126 34.75 -17.72 -25.79
CA GLN E 126 34.92 -18.39 -27.08
C GLN E 126 33.66 -18.18 -27.92
N ARG E 127 33.62 -18.79 -29.11
CA ARG E 127 32.47 -18.65 -29.99
C ARG E 127 32.10 -20.01 -30.55
N VAL E 128 30.87 -20.13 -31.05
CA VAL E 128 30.42 -21.40 -31.57
C VAL E 128 31.25 -21.80 -32.78
N GLY E 129 32.56 -21.93 -32.58
CA GLY E 129 33.45 -22.33 -33.65
C GLY E 129 34.90 -21.90 -33.53
N SER E 130 35.18 -20.65 -33.83
CA SER E 130 36.53 -20.09 -33.81
C SER E 130 37.16 -20.13 -32.42
N ASN E 131 38.49 -20.04 -32.36
CA ASN E 131 39.19 -20.09 -31.08
C ASN E 131 39.51 -18.69 -30.59
N GLN E 132 39.08 -17.71 -31.37
CA GLN E 132 39.17 -16.32 -31.01
C GLN E 132 38.56 -16.15 -29.63
N THR E 133 39.35 -15.53 -28.77
CA THR E 133 39.03 -15.33 -27.39
C THR E 133 38.84 -13.85 -27.13
N ILE E 134 37.60 -13.45 -26.86
CA ILE E 134 37.29 -12.06 -26.58
C ILE E 134 37.21 -11.80 -25.08
N SER E 135 38.36 -11.49 -24.48
CA SER E 135 38.46 -11.22 -23.05
C SER E 135 37.66 -9.98 -22.67
N VAL E 136 36.47 -10.22 -22.15
CA VAL E 136 35.56 -9.16 -21.78
C VAL E 136 35.45 -8.92 -20.27
N ASP E 137 34.80 -7.82 -19.90
CA ASP E 137 34.62 -7.47 -18.50
C ASP E 137 33.17 -7.11 -18.33
N VAL E 138 32.42 -7.99 -17.66
CA VAL E 138 31.00 -7.80 -17.49
C VAL E 138 30.61 -8.09 -16.04
N ARG E 139 29.64 -7.31 -15.53
CA ARG E 139 29.15 -7.50 -14.19
C ARG E 139 27.94 -8.34 -14.34
N LEU E 140 27.94 -9.45 -13.62
CA LEU E 140 26.90 -10.45 -13.72
C LEU E 140 25.85 -10.29 -12.67
N ILE E 141 24.60 -10.53 -13.08
CA ILE E 141 23.50 -10.59 -12.15
C ILE E 141 22.63 -11.73 -12.68
N ALA E 142 22.36 -12.71 -11.83
CA ALA E 142 21.56 -13.83 -12.29
C ALA E 142 20.48 -14.14 -11.30
N ALA E 143 19.44 -14.80 -11.75
CA ALA E 143 18.37 -15.07 -10.81
C ALA E 143 17.71 -16.36 -11.12
N THR E 144 17.21 -17.04 -10.08
CA THR E 144 16.42 -18.26 -10.28
C THR E 144 15.34 -18.52 -9.26
N HIS E 145 14.39 -19.34 -9.64
CA HIS E 145 13.48 -19.78 -8.64
C HIS E 145 13.86 -21.12 -8.05
N ARG E 146 15.11 -21.50 -8.11
CA ARG E 146 15.35 -22.77 -7.46
C ARG E 146 16.22 -22.65 -6.24
N ASP E 147 16.46 -23.77 -5.59
CA ASP E 147 17.33 -23.77 -4.43
C ASP E 147 18.72 -24.21 -4.92
N LEU E 148 19.43 -23.28 -5.56
CA LEU E 148 20.67 -23.67 -6.15
C LEU E 148 21.37 -24.73 -5.32
N ALA E 149 21.51 -24.50 -4.01
CA ALA E 149 22.39 -25.40 -3.27
C ALA E 149 21.90 -26.80 -3.39
N GLU E 150 20.59 -26.95 -3.22
CA GLU E 150 20.03 -28.28 -3.32
C GLU E 150 20.32 -28.83 -4.69
N GLU E 151 20.30 -27.97 -5.72
CA GLU E 151 20.57 -28.42 -7.06
C GLU E 151 22.02 -28.90 -7.13
N VAL E 152 22.88 -28.24 -6.37
CA VAL E 152 24.27 -28.62 -6.37
C VAL E 152 24.34 -29.95 -5.72
N SER E 153 23.70 -30.05 -4.56
CA SER E 153 23.81 -31.29 -3.82
C SER E 153 23.08 -32.38 -4.54
N ALA E 154 22.29 -32.04 -5.53
CA ALA E 154 21.58 -33.08 -6.25
C ALA E 154 22.50 -33.63 -7.33
N GLY E 155 23.62 -32.95 -7.51
CA GLY E 155 24.52 -33.28 -8.58
C GLY E 155 24.00 -32.74 -9.90
N ARG E 156 23.05 -31.81 -9.87
CA ARG E 156 22.51 -31.29 -11.09
C ARG E 156 23.16 -29.96 -11.48
N PHE E 157 23.85 -29.37 -10.53
CA PHE E 157 24.43 -28.06 -10.75
C PHE E 157 25.74 -28.11 -10.03
N ARG E 158 26.72 -27.28 -10.40
CA ARG E 158 28.03 -27.42 -9.78
C ARG E 158 28.56 -26.32 -8.83
N GLN E 159 29.27 -26.78 -7.79
CA GLN E 159 29.82 -25.92 -6.73
C GLN E 159 30.55 -24.69 -7.20
N ASP E 160 31.60 -24.94 -7.98
CA ASP E 160 32.37 -23.85 -8.57
C ASP E 160 31.47 -22.75 -9.15
N LEU E 161 30.46 -23.12 -9.96
CA LEU E 161 29.58 -22.12 -10.54
C LEU E 161 28.81 -21.49 -9.45
N TYR E 162 28.28 -22.34 -8.60
CA TYR E 162 27.42 -21.90 -7.52
C TYR E 162 28.12 -20.86 -6.71
N TYR E 163 29.27 -21.25 -6.19
CA TYR E 163 30.07 -20.34 -5.38
C TYR E 163 30.58 -19.10 -6.12
N ARG E 164 30.57 -19.14 -7.44
CA ARG E 164 30.97 -17.96 -8.21
C ARG E 164 29.74 -17.13 -8.47
N LEU E 165 28.58 -17.75 -8.27
CA LEU E 165 27.35 -17.06 -8.52
C LEU E 165 26.79 -16.46 -7.23
N ASN E 166 26.41 -17.34 -6.32
CA ASN E 166 25.83 -16.95 -5.07
C ASN E 166 26.79 -16.12 -4.23
N VAL E 167 27.49 -15.19 -4.86
CA VAL E 167 28.39 -14.42 -4.06
C VAL E 167 27.59 -13.55 -3.15
N VAL E 168 26.81 -12.66 -3.73
CA VAL E 168 26.00 -11.84 -2.86
C VAL E 168 24.55 -12.06 -3.15
N ALA E 169 23.86 -12.64 -2.17
CA ALA E 169 22.50 -13.14 -2.32
C ALA E 169 21.41 -12.19 -1.90
N ILE E 170 20.46 -11.96 -2.80
CA ILE E 170 19.33 -11.12 -2.53
C ILE E 170 18.05 -11.92 -2.66
N GLU E 171 17.24 -11.93 -1.62
CA GLU E 171 16.05 -12.75 -1.54
C GLU E 171 14.75 -12.02 -1.95
N MET E 172 14.31 -12.07 -3.20
CA MET E 172 13.07 -11.34 -3.46
C MET E 172 12.00 -11.88 -2.57
N PRO E 173 11.37 -11.03 -1.82
CA PRO E 173 10.28 -11.49 -0.98
C PRO E 173 9.00 -11.71 -1.78
N SER E 174 8.23 -12.69 -1.33
CA SER E 174 6.94 -13.07 -1.86
C SER E 174 5.80 -12.08 -1.61
N LEU E 175 4.69 -12.17 -2.34
CA LEU E 175 3.66 -11.19 -2.12
C LEU E 175 3.24 -11.19 -0.69
N ARG E 176 2.96 -12.36 -0.13
CA ARG E 176 2.51 -12.46 1.26
C ARG E 176 3.49 -11.86 2.20
N GLN E 177 4.73 -11.65 1.78
CA GLN E 177 5.71 -11.00 2.67
C GLN E 177 5.66 -9.51 2.42
N ARG E 178 4.70 -9.09 1.61
CA ARG E 178 4.68 -7.66 1.38
C ARG E 178 3.33 -7.04 1.25
N ARG E 179 2.45 -7.49 2.15
CA ARG E 179 1.07 -7.04 2.23
C ARG E 179 0.97 -5.54 2.02
N GLU E 180 1.61 -4.78 2.89
CA GLU E 180 1.56 -3.33 2.80
C GLU E 180 1.66 -2.75 1.36
N ASP E 181 2.04 -3.58 0.42
CA ASP E 181 2.16 -3.15 -0.93
C ASP E 181 0.88 -3.43 -1.70
N ILE E 182 0.44 -4.66 -1.66
CA ILE E 182 -0.77 -5.10 -2.33
C ILE E 182 -1.75 -4.09 -2.90
N PRO E 183 -2.33 -3.31 -2.03
CA PRO E 183 -3.31 -2.29 -2.48
C PRO E 183 -2.68 -1.40 -3.54
N LEU E 184 -1.51 -0.98 -3.24
CA LEU E 184 -0.95 0.00 -4.12
C LEU E 184 -0.39 -0.76 -5.29
N LEU E 185 -0.13 -2.03 -5.13
CA LEU E 185 0.27 -2.85 -6.28
C LEU E 185 -1.02 -3.16 -6.99
N ALA E 186 -2.11 -3.36 -6.26
CA ALA E 186 -3.36 -3.63 -6.93
C ALA E 186 -3.78 -2.45 -7.84
N ASP E 187 -4.06 -1.28 -7.28
CA ASP E 187 -4.55 -0.15 -8.08
C ASP E 187 -3.87 -0.11 -9.43
N HIS E 188 -2.57 -0.32 -9.39
CA HIS E 188 -1.82 -0.30 -10.60
C HIS E 188 -2.53 -1.16 -11.65
N PHE E 189 -2.53 -2.48 -11.51
CA PHE E 189 -3.19 -3.24 -12.57
C PHE E 189 -4.62 -2.80 -12.81
N LEU E 190 -5.28 -2.24 -11.79
CA LEU E 190 -6.67 -1.83 -11.96
C LEU E 190 -6.69 -0.70 -12.93
N ARG E 191 -5.70 0.18 -12.85
CA ARG E 191 -5.66 1.27 -13.82
C ARG E 191 -5.22 0.78 -15.18
N ARG E 192 -4.40 -0.28 -15.21
CA ARG E 192 -3.93 -0.77 -16.47
C ARG E 192 -5.05 -1.47 -17.20
N PHE E 193 -5.80 -2.32 -16.54
CA PHE E 193 -6.81 -3.02 -17.28
C PHE E 193 -8.07 -2.25 -17.50
N ALA E 194 -8.34 -1.29 -16.64
CA ALA E 194 -9.52 -0.53 -16.81
C ALA E 194 -9.39 0.30 -18.09
N GLU E 195 -8.19 0.75 -18.38
CA GLU E 195 -7.99 1.51 -19.59
C GLU E 195 -8.03 0.60 -20.80
N ARG E 196 -7.34 -0.53 -20.72
CA ARG E 196 -7.22 -1.49 -21.81
C ARG E 196 -8.56 -2.06 -22.26
N ASN E 197 -9.59 -2.02 -21.41
CA ASN E 197 -10.92 -2.50 -21.80
C ASN E 197 -11.88 -1.34 -21.91
N ARG E 198 -11.35 -0.13 -21.74
CA ARG E 198 -12.16 1.04 -21.91
C ARG E 198 -13.28 1.06 -20.93
N LYS E 199 -13.14 0.28 -19.86
CA LYS E 199 -14.14 0.33 -18.78
C LYS E 199 -13.89 1.42 -17.76
N VAL E 200 -14.96 2.09 -17.38
CA VAL E 200 -14.92 3.04 -16.32
C VAL E 200 -14.93 2.23 -15.06
N VAL E 201 -13.86 2.32 -14.28
CA VAL E 201 -13.73 1.52 -13.06
C VAL E 201 -12.90 2.35 -12.16
N LYS E 202 -13.28 2.47 -10.89
CA LYS E 202 -12.34 3.19 -10.06
C LYS E 202 -12.53 2.96 -8.66
N GLY E 203 -11.71 2.08 -8.08
CA GLY E 203 -11.83 1.67 -6.70
C GLY E 203 -12.13 0.18 -6.41
N PHE E 204 -11.72 -0.32 -5.21
CA PHE E 204 -12.04 -1.65 -4.79
C PHE E 204 -12.94 -1.52 -3.63
N THR E 205 -14.00 -2.30 -3.48
CA THR E 205 -14.71 -2.23 -2.21
C THR E 205 -13.76 -2.75 -1.09
N PRO E 206 -13.92 -2.18 0.08
CA PRO E 206 -13.05 -2.51 1.22
C PRO E 206 -13.00 -3.96 1.49
N GLN E 207 -14.07 -4.67 1.23
CA GLN E 207 -14.04 -6.12 1.49
C GLN E 207 -13.11 -6.75 0.53
N ALA E 208 -13.35 -6.49 -0.74
CA ALA E 208 -12.49 -7.01 -1.76
C ALA E 208 -11.06 -6.63 -1.50
N MET E 209 -10.82 -5.43 -1.07
CA MET E 209 -9.40 -5.16 -0.88
C MET E 209 -8.90 -5.98 0.21
N ASP E 210 -9.77 -6.14 1.20
CA ASP E 210 -9.24 -6.84 2.37
C ASP E 210 -8.82 -8.18 2.03
N LEU E 211 -9.55 -8.90 1.16
CA LEU E 211 -9.09 -10.25 0.87
C LEU E 211 -7.82 -10.15 0.01
N LEU E 212 -7.80 -9.32 -1.04
CA LEU E 212 -6.49 -9.22 -1.75
C LEU E 212 -5.34 -8.98 -0.73
N ILE E 213 -5.47 -8.08 0.21
CA ILE E 213 -4.32 -7.95 1.11
C ILE E 213 -3.91 -9.30 1.74
N HIS E 214 -4.88 -10.14 2.11
CA HIS E 214 -4.39 -11.38 2.90
C HIS E 214 -4.40 -12.72 2.03
N TYR E 215 -4.11 -12.57 0.78
CA TYR E 215 -3.98 -13.66 -0.11
C TYR E 215 -3.15 -13.08 -1.32
N ASP E 216 -3.07 -13.85 -2.38
CA ASP E 216 -2.25 -13.35 -3.45
C ASP E 216 -0.91 -13.82 -3.15
N TRP E 217 -0.86 -15.11 -2.84
CA TRP E 217 0.29 -15.75 -2.44
C TRP E 217 0.92 -16.57 -3.58
N PRO E 218 0.27 -17.65 -3.91
CA PRO E 218 0.94 -18.83 -4.44
C PRO E 218 1.64 -18.60 -5.70
N GLY E 219 1.38 -17.47 -6.27
CA GLY E 219 1.83 -17.23 -7.62
C GLY E 219 1.80 -15.75 -7.53
N ASN E 220 2.61 -15.24 -6.65
CA ASN E 220 2.61 -13.88 -6.36
C ASN E 220 2.04 -12.86 -7.35
N ILE E 221 2.86 -12.01 -7.96
CA ILE E 221 2.33 -10.93 -8.66
C ILE E 221 1.49 -11.35 -9.79
N ARG E 222 2.03 -12.19 -10.62
CA ARG E 222 1.33 -12.63 -11.75
C ARG E 222 -0.01 -13.07 -11.35
N GLU E 223 -0.16 -13.84 -10.29
CA GLU E 223 -1.53 -14.27 -9.91
C GLU E 223 -2.46 -13.14 -9.63
N LEU E 224 -1.95 -12.10 -8.96
CA LEU E 224 -2.73 -10.90 -8.68
C LEU E 224 -3.08 -10.29 -9.99
N GLU E 225 -2.06 -10.17 -10.85
CA GLU E 225 -2.28 -9.53 -12.16
C GLU E 225 -3.46 -10.18 -12.81
N ASN E 226 -3.56 -11.50 -12.75
CA ASN E 226 -4.67 -12.15 -13.41
C ASN E 226 -5.97 -11.94 -12.64
N ALA E 227 -5.91 -11.99 -11.33
CA ALA E 227 -7.14 -11.72 -10.57
C ALA E 227 -7.81 -10.43 -11.02
N ILE E 228 -7.02 -9.38 -11.14
CA ILE E 228 -7.61 -8.09 -11.40
C ILE E 228 -8.05 -7.98 -12.84
N GLU E 229 -7.14 -8.14 -13.77
CA GLU E 229 -7.61 -8.20 -15.15
C GLU E 229 -8.95 -8.97 -15.28
N ARG E 230 -9.12 -10.11 -14.62
CA ARG E 230 -10.41 -10.78 -14.79
C ARG E 230 -11.48 -9.81 -14.34
N ALA E 231 -11.24 -9.24 -13.18
CA ALA E 231 -12.25 -8.49 -12.49
C ALA E 231 -12.64 -7.38 -13.41
N VAL E 232 -11.66 -6.69 -13.90
CA VAL E 232 -12.09 -5.55 -14.64
C VAL E 232 -13.02 -6.10 -15.67
N VAL E 233 -12.64 -7.19 -16.30
CA VAL E 233 -13.38 -7.70 -17.42
C VAL E 233 -14.72 -8.18 -17.05
N LEU E 234 -14.92 -8.53 -15.80
CA LEU E 234 -16.23 -9.04 -15.43
C LEU E 234 -17.09 -7.97 -14.80
N LEU E 235 -16.44 -6.96 -14.25
CA LEU E 235 -17.11 -5.90 -13.52
C LEU E 235 -18.23 -5.30 -14.32
N THR E 236 -19.44 -5.47 -13.80
CA THR E 236 -20.59 -4.82 -14.41
C THR E 236 -20.95 -3.69 -13.47
N GLY E 237 -20.03 -2.79 -13.19
CA GLY E 237 -20.32 -1.72 -12.25
C GLY E 237 -19.12 -0.83 -12.14
N GLU E 238 -18.97 -0.12 -11.04
CA GLU E 238 -17.80 0.75 -10.93
C GLU E 238 -16.68 0.29 -9.97
N TYR E 239 -17.03 -0.34 -8.85
CA TYR E 239 -16.01 -0.77 -7.94
C TYR E 239 -15.85 -2.30 -7.90
N ILE E 240 -14.65 -2.84 -8.14
CA ILE E 240 -14.51 -4.28 -8.24
C ILE E 240 -14.75 -4.77 -6.84
N SER E 241 -15.51 -5.85 -6.65
CA SER E 241 -15.85 -6.39 -5.31
C SER E 241 -15.68 -7.90 -5.13
N GLU E 242 -16.15 -8.39 -4.02
CA GLU E 242 -15.89 -9.76 -3.66
C GLU E 242 -16.25 -10.66 -4.81
N ARG E 243 -17.33 -10.38 -5.51
CA ARG E 243 -17.77 -11.37 -6.45
C ARG E 243 -17.32 -11.14 -7.85
N GLU E 244 -16.06 -10.82 -8.00
CA GLU E 244 -15.50 -10.69 -9.32
C GLU E 244 -14.11 -11.25 -9.10
N LEU E 245 -13.68 -11.25 -7.85
CA LEU E 245 -12.42 -11.87 -7.56
C LEU E 245 -12.55 -13.35 -7.82
N PRO E 246 -11.47 -13.96 -8.21
CA PRO E 246 -11.47 -15.38 -8.52
C PRO E 246 -11.83 -16.23 -7.27
N LEU E 247 -12.61 -17.30 -7.51
CA LEU E 247 -13.05 -18.20 -6.44
C LEU E 247 -12.02 -18.33 -5.41
N ALA E 248 -10.86 -18.84 -5.76
CA ALA E 248 -9.79 -18.95 -4.77
C ALA E 248 -9.60 -17.76 -3.79
N ILE E 249 -10.31 -16.64 -3.95
CA ILE E 249 -10.17 -15.49 -3.03
C ILE E 249 -11.48 -14.89 -2.66
N PRO E 264 -35.58 -21.50 8.50
CA PRO E 264 -35.63 -21.67 9.96
C PRO E 264 -36.81 -22.52 10.45
N LEU E 265 -36.51 -23.64 11.08
CA LEU E 265 -37.53 -24.53 11.60
C LEU E 265 -38.87 -23.84 11.81
N VAL E 266 -38.91 -22.86 12.70
CA VAL E 266 -40.12 -22.13 13.04
C VAL E 266 -41.04 -21.99 11.85
N ASP E 267 -40.44 -21.62 10.73
CA ASP E 267 -41.22 -21.45 9.52
C ASP E 267 -41.39 -22.80 8.82
N VAL E 268 -40.29 -23.50 8.58
CA VAL E 268 -40.38 -24.78 7.90
C VAL E 268 -41.55 -25.61 8.41
N GLU E 269 -41.74 -25.66 9.73
CA GLU E 269 -42.84 -26.43 10.25
C GLU E 269 -44.12 -25.73 9.89
N LYS E 270 -44.28 -24.47 10.27
CA LYS E 270 -45.48 -23.78 9.84
C LYS E 270 -45.77 -24.24 8.43
N GLU E 271 -44.70 -24.49 7.68
CA GLU E 271 -44.84 -24.99 6.32
C GLU E 271 -45.38 -26.43 6.27
N VAL E 272 -44.80 -27.35 7.04
CA VAL E 272 -45.26 -28.72 6.94
C VAL E 272 -46.69 -28.86 7.45
N ILE E 273 -46.95 -28.25 8.60
CA ILE E 273 -48.23 -28.42 9.29
C ILE E 273 -49.33 -27.63 8.59
N LEU E 274 -48.96 -26.91 7.55
CA LEU E 274 -49.98 -26.29 6.75
C LEU E 274 -50.27 -27.19 5.57
N ALA E 275 -49.25 -27.89 5.07
CA ALA E 275 -49.52 -28.81 3.96
C ALA E 275 -50.35 -29.95 4.49
N ALA E 276 -49.97 -30.51 5.67
CA ALA E 276 -50.77 -31.58 6.26
C ALA E 276 -52.20 -31.14 6.32
N LEU E 277 -52.42 -30.02 6.99
CA LEU E 277 -53.77 -29.50 7.11
C LEU E 277 -54.49 -29.69 5.81
N GLU E 278 -53.84 -29.29 4.72
CA GLU E 278 -54.45 -29.32 3.39
C GLU E 278 -54.75 -30.74 2.90
N LYS E 279 -53.88 -31.68 3.20
CA LYS E 279 -54.06 -33.04 2.72
C LYS E 279 -55.13 -33.74 3.53
N THR E 280 -55.74 -33.05 4.47
CA THR E 280 -56.82 -33.66 5.25
C THR E 280 -58.00 -32.75 5.41
N GLY E 281 -58.19 -31.84 4.46
CA GLY E 281 -59.31 -30.93 4.52
C GLY E 281 -59.29 -30.10 5.80
N GLY E 282 -58.14 -29.58 6.17
CA GLY E 282 -58.06 -28.71 7.32
C GLY E 282 -58.68 -29.34 8.55
N ASN E 283 -58.48 -30.65 8.68
CA ASN E 283 -58.87 -31.33 9.92
C ASN E 283 -57.73 -31.44 10.94
N LYS E 284 -57.63 -30.46 11.81
CA LYS E 284 -56.50 -30.39 12.72
C LYS E 284 -56.23 -31.70 13.40
N THR E 285 -57.21 -32.24 14.09
CA THR E 285 -56.93 -33.45 14.82
C THR E 285 -56.23 -34.44 13.95
N GLU E 286 -56.74 -34.62 12.73
CA GLU E 286 -56.16 -35.61 11.87
C GLU E 286 -54.76 -35.22 11.46
N ALA E 287 -54.64 -34.14 10.70
CA ALA E 287 -53.31 -33.72 10.30
C ALA E 287 -52.39 -33.88 11.51
N ALA E 288 -52.71 -33.21 12.61
CA ALA E 288 -52.06 -33.50 13.86
C ALA E 288 -51.61 -34.97 14.04
N ARG E 289 -52.59 -35.86 14.14
CA ARG E 289 -52.31 -37.28 14.40
C ARG E 289 -51.18 -37.85 13.58
N GLN E 290 -51.19 -37.47 12.30
CA GLN E 290 -50.29 -38.01 11.32
C GLN E 290 -48.94 -37.35 11.40
N LEU E 291 -48.95 -36.10 11.84
CA LEU E 291 -47.74 -35.34 12.00
C LEU E 291 -47.09 -35.82 13.27
N GLY E 292 -47.81 -36.56 14.09
CA GLY E 292 -47.18 -37.10 15.27
C GLY E 292 -47.17 -36.19 16.46
N ILE E 293 -48.13 -35.27 16.53
CA ILE E 293 -48.20 -34.35 17.66
C ILE E 293 -49.67 -34.07 18.02
N THR E 294 -49.90 -33.84 19.30
CA THR E 294 -51.18 -33.45 19.82
C THR E 294 -51.78 -32.34 18.99
N ARG E 295 -53.10 -32.35 18.85
CA ARG E 295 -53.80 -31.25 18.23
C ARG E 295 -53.37 -30.01 18.95
N LYS E 296 -53.50 -30.02 20.31
CA LYS E 296 -53.13 -28.82 21.10
C LYS E 296 -51.78 -28.23 20.69
N THR E 297 -50.75 -29.07 20.55
CA THR E 297 -49.48 -28.61 20.03
C THR E 297 -49.63 -27.93 18.65
N LEU E 298 -50.13 -28.67 17.68
CA LEU E 298 -50.19 -28.16 16.32
C LEU E 298 -50.72 -26.73 16.29
N LEU E 299 -51.79 -26.49 17.05
CA LEU E 299 -52.35 -25.16 17.05
C LEU E 299 -51.26 -24.15 17.40
N ALA E 300 -50.31 -24.61 18.22
CA ALA E 300 -49.28 -23.74 18.75
C ALA E 300 -48.18 -23.54 17.76
N LYS E 301 -47.67 -24.66 17.27
CA LYS E 301 -46.53 -24.57 16.43
C LYS E 301 -46.77 -23.56 15.39
N LEU E 302 -48.03 -23.26 15.10
CA LEU E 302 -48.28 -22.27 14.06
C LEU E 302 -49.01 -21.05 14.51
N SER E 303 -48.89 -20.72 15.78
CA SER E 303 -49.47 -19.49 16.29
C SER E 303 -48.34 -18.80 17.01
N ARG E 304 -47.14 -18.93 16.44
CA ARG E 304 -45.93 -18.40 17.08
C ARG E 304 -45.72 -16.93 16.76
N HIS F 3 53.68 -20.17 -3.50
CA HIS F 3 52.27 -19.81 -3.85
C HIS F 3 51.19 -20.44 -2.96
N MET F 4 51.32 -20.41 -1.63
CA MET F 4 50.23 -20.97 -0.83
C MET F 4 50.38 -20.88 0.67
N ILE F 5 49.34 -20.38 1.31
CA ILE F 5 49.44 -20.11 2.71
C ILE F 5 49.62 -21.22 3.67
N GLY F 6 50.41 -20.89 4.66
CA GLY F 6 50.33 -21.56 5.92
C GLY F 6 51.03 -22.83 6.19
N SER F 7 51.12 -23.09 7.47
CA SER F 7 51.48 -24.41 7.88
C SER F 7 50.70 -24.77 9.12
N SER F 8 49.92 -25.83 8.97
CA SER F 8 49.29 -26.53 10.08
C SER F 8 49.42 -27.99 9.65
N PRO F 9 49.52 -28.90 10.61
CA PRO F 9 49.98 -30.27 10.35
C PRO F 9 49.71 -30.74 8.93
N ALA F 10 48.43 -30.78 8.59
CA ALA F 10 48.09 -31.22 7.27
C ALA F 10 48.92 -30.44 6.28
N MET F 11 48.77 -29.13 6.27
CA MET F 11 49.55 -28.39 5.31
C MET F 11 51.05 -28.71 5.37
N GLN F 12 51.53 -29.10 6.55
CA GLN F 12 52.93 -29.46 6.63
C GLN F 12 53.13 -30.69 5.80
N HIS F 13 52.37 -31.72 6.12
CA HIS F 13 52.51 -32.97 5.42
C HIS F 13 52.60 -32.76 3.91
N LEU F 14 51.59 -32.12 3.32
CA LEU F 14 51.51 -31.87 1.87
C LEU F 14 52.78 -31.36 1.24
N LEU F 15 53.49 -30.49 1.95
CA LEU F 15 54.72 -29.92 1.41
C LEU F 15 55.77 -31.02 1.39
N ASN F 16 55.92 -31.69 2.52
CA ASN F 16 56.81 -32.83 2.61
C ASN F 16 56.65 -33.66 1.35
N GLU F 17 55.41 -33.98 1.03
CA GLU F 17 55.11 -34.78 -0.14
C GLU F 17 55.60 -34.11 -1.42
N ILE F 18 55.03 -32.95 -1.75
CA ILE F 18 55.46 -32.26 -2.96
C ILE F 18 56.96 -32.35 -3.10
N ALA F 19 57.64 -32.08 -2.01
CA ALA F 19 59.10 -32.07 -2.00
C ALA F 19 59.62 -33.41 -2.39
N MET F 20 59.37 -34.41 -1.57
CA MET F 20 59.79 -35.76 -1.86
C MET F 20 59.57 -36.08 -3.33
N VAL F 21 58.32 -36.11 -3.70
CA VAL F 21 57.95 -36.54 -5.02
C VAL F 21 58.39 -35.74 -6.25
N ALA F 22 58.49 -34.42 -6.14
CA ALA F 22 58.59 -33.62 -7.35
C ALA F 22 59.52 -34.07 -8.49
N PRO F 23 60.77 -34.45 -8.20
CA PRO F 23 61.71 -34.98 -9.20
C PRO F 23 61.04 -35.66 -10.44
N SER F 24 61.53 -35.27 -11.61
CA SER F 24 60.86 -35.45 -12.90
C SER F 24 59.88 -36.59 -13.23
N ASP F 25 60.38 -37.77 -13.44
CA ASP F 25 59.60 -38.78 -14.14
C ASP F 25 58.20 -39.23 -13.74
N ALA F 26 57.66 -38.91 -12.58
CA ALA F 26 56.40 -39.63 -12.37
C ALA F 26 55.18 -38.84 -12.77
N THR F 27 54.05 -39.50 -13.01
CA THR F 27 52.82 -38.79 -13.21
C THR F 27 52.36 -38.72 -11.80
N VAL F 28 51.33 -37.94 -11.50
CA VAL F 28 51.01 -37.65 -10.12
C VAL F 28 49.63 -37.10 -10.08
N LEU F 29 48.76 -37.82 -9.39
CA LEU F 29 47.32 -37.52 -9.37
C LEU F 29 47.00 -36.81 -8.11
N ILE F 30 46.28 -35.70 -8.19
CA ILE F 30 45.96 -34.98 -6.98
C ILE F 30 44.52 -35.17 -6.70
N HIS F 31 44.21 -35.74 -5.55
CA HIS F 31 42.83 -35.97 -5.22
C HIS F 31 42.39 -34.88 -4.23
N GLY F 32 41.10 -34.54 -4.25
CA GLY F 32 40.60 -33.62 -3.26
C GLY F 32 39.33 -32.87 -3.62
N ASP F 33 38.43 -32.69 -2.66
CA ASP F 33 37.22 -31.93 -2.97
C ASP F 33 37.68 -30.76 -3.76
N SER F 34 36.89 -30.32 -4.70
CA SER F 34 37.34 -29.15 -5.43
C SER F 34 37.15 -28.02 -4.47
N GLY F 35 38.00 -27.01 -4.63
CA GLY F 35 37.87 -25.81 -3.83
C GLY F 35 39.00 -25.68 -2.86
N THR F 36 39.99 -26.51 -3.07
CA THR F 36 41.17 -26.44 -2.27
C THR F 36 42.29 -26.08 -3.24
N GLY F 37 43.48 -25.80 -2.78
CA GLY F 37 44.51 -25.40 -3.71
C GLY F 37 45.10 -26.43 -4.66
N LYS F 38 44.29 -27.23 -5.33
CA LYS F 38 44.91 -28.24 -6.18
C LYS F 38 45.79 -27.62 -7.25
N GLU F 39 45.21 -26.74 -8.06
CA GLU F 39 45.97 -26.02 -9.07
C GLU F 39 47.29 -25.54 -8.48
N LEU F 40 47.26 -24.88 -7.33
CA LEU F 40 48.51 -24.50 -6.70
C LEU F 40 49.44 -25.73 -6.52
N VAL F 41 48.95 -26.75 -5.85
CA VAL F 41 49.75 -27.95 -5.63
C VAL F 41 50.39 -28.38 -6.93
N ALA F 42 49.73 -28.09 -8.04
CA ALA F 42 50.32 -28.47 -9.31
C ALA F 42 51.48 -27.53 -9.63
N ARG F 43 51.25 -26.26 -9.39
CA ARG F 43 52.26 -25.24 -9.64
C ARG F 43 53.50 -25.59 -8.82
N ALA F 44 53.29 -25.91 -7.55
CA ALA F 44 54.40 -26.25 -6.66
C ALA F 44 55.16 -27.41 -7.25
N LEU F 45 54.42 -28.42 -7.69
CA LEU F 45 55.02 -29.59 -8.31
C LEU F 45 55.93 -29.11 -9.40
N HIS F 46 55.38 -28.34 -10.33
CA HIS F 46 56.17 -27.85 -11.46
C HIS F 46 57.43 -27.15 -11.02
N ALA F 47 57.26 -26.16 -10.13
CA ALA F 47 58.39 -25.39 -9.62
C ALA F 47 59.49 -26.26 -9.04
N CYS F 48 59.09 -27.25 -8.24
CA CYS F 48 60.00 -28.04 -7.39
C CYS F 48 61.06 -29.02 -7.86
N SER F 49 60.86 -29.85 -8.88
CA SER F 49 62.11 -30.49 -9.30
C SER F 49 62.86 -30.19 -10.63
N ALA F 50 62.40 -30.57 -11.82
CA ALA F 50 63.39 -30.37 -12.89
C ALA F 50 63.17 -29.53 -14.15
N ARG F 51 61.93 -29.22 -14.51
CA ARG F 51 61.74 -28.39 -15.69
C ARG F 51 61.20 -27.06 -15.20
N SER F 52 61.80 -26.61 -14.10
CA SER F 52 61.40 -25.41 -13.41
C SER F 52 61.32 -24.28 -14.41
N ASP F 53 62.15 -24.35 -15.43
CA ASP F 53 62.30 -23.28 -16.41
C ASP F 53 61.39 -23.40 -17.63
N ARG F 54 61.05 -24.63 -18.03
CA ARG F 54 60.18 -24.84 -19.18
C ARG F 54 58.77 -24.37 -18.89
N PRO F 55 57.99 -24.15 -19.94
CA PRO F 55 56.61 -23.67 -19.80
C PRO F 55 55.83 -24.64 -18.94
N LEU F 56 54.58 -24.30 -18.62
CA LEU F 56 53.73 -25.19 -17.83
C LEU F 56 52.30 -25.19 -18.37
N VAL F 57 52.09 -25.90 -19.48
CA VAL F 57 50.76 -25.96 -20.07
C VAL F 57 49.78 -26.57 -19.10
N THR F 58 48.58 -26.02 -19.06
CA THR F 58 47.55 -26.49 -18.14
C THR F 58 46.15 -26.27 -18.70
N LEU F 59 45.43 -27.35 -19.01
CA LEU F 59 44.06 -27.14 -19.42
C LEU F 59 43.10 -27.78 -18.45
N ASN F 60 41.93 -27.16 -18.26
CA ASN F 60 40.92 -27.73 -17.37
C ASN F 60 39.94 -28.59 -18.13
N CYS F 61 39.93 -29.88 -17.89
CA CYS F 61 39.11 -30.75 -18.73
C CYS F 61 37.63 -30.55 -18.55
N ALA F 62 37.32 -29.74 -17.52
CA ALA F 62 36.01 -29.28 -17.13
C ALA F 62 34.80 -29.94 -17.75
N ALA F 63 34.53 -29.54 -18.98
CA ALA F 63 33.41 -30.12 -19.71
C ALA F 63 33.41 -29.43 -21.06
N LEU F 64 34.31 -29.85 -21.90
CA LEU F 64 34.35 -29.29 -23.23
C LEU F 64 34.06 -30.57 -23.97
N ASN F 65 33.01 -30.56 -24.76
CA ASN F 65 32.55 -31.78 -25.40
C ASN F 65 33.68 -32.65 -25.90
N GLU F 66 33.44 -33.95 -25.84
CA GLU F 66 34.41 -34.93 -26.25
C GLU F 66 35.30 -34.41 -27.38
N SER F 67 34.69 -33.70 -28.34
CA SER F 67 35.48 -33.22 -29.49
C SER F 67 36.38 -32.05 -29.12
N LEU F 68 35.81 -30.94 -28.70
CA LEU F 68 36.67 -29.82 -28.38
C LEU F 68 37.87 -30.28 -27.57
N LEU F 69 37.62 -31.07 -26.54
CA LEU F 69 38.73 -31.52 -25.72
C LEU F 69 39.78 -32.34 -26.52
N GLU F 70 39.30 -33.18 -27.43
CA GLU F 70 40.21 -34.00 -28.23
C GLU F 70 41.20 -33.11 -28.98
N SER F 71 40.66 -32.09 -29.64
CA SER F 71 41.46 -31.15 -30.37
C SER F 71 42.35 -30.36 -29.41
N GLU F 72 41.72 -29.52 -28.62
CA GLU F 72 42.47 -28.75 -27.65
C GLU F 72 43.63 -29.50 -27.02
N LEU F 73 43.43 -30.79 -26.76
CA LEU F 73 44.43 -31.54 -26.04
C LEU F 73 45.51 -32.07 -26.95
N PHE F 74 45.12 -32.57 -28.10
CA PHE F 74 46.10 -33.10 -29.03
C PHE F 74 46.25 -32.11 -30.16
N GLY F 75 45.31 -32.13 -31.08
CA GLY F 75 45.36 -31.15 -32.13
C GLY F 75 44.53 -31.57 -33.30
N HIS F 76 44.04 -30.57 -34.00
CA HIS F 76 43.32 -30.74 -35.23
C HIS F 76 43.93 -29.70 -36.16
N GLU F 77 43.93 -29.97 -37.45
CA GLU F 77 44.47 -29.01 -38.41
C GLU F 77 43.49 -28.93 -39.56
N LYS F 78 43.58 -27.89 -40.38
CA LYS F 78 42.60 -27.69 -41.45
C LYS F 78 41.71 -28.91 -41.72
N GLY F 79 42.33 -30.07 -41.81
CA GLY F 79 41.70 -31.37 -41.97
C GLY F 79 40.28 -31.73 -41.53
N ALA F 80 40.13 -32.49 -40.45
CA ALA F 80 38.82 -33.07 -40.13
C ALA F 80 37.57 -32.24 -39.69
N PHE F 81 37.72 -31.19 -38.90
CA PHE F 81 36.52 -30.50 -38.35
C PHE F 81 36.66 -28.98 -38.09
N THR F 82 35.88 -28.19 -38.82
CA THR F 82 35.94 -26.72 -38.79
C THR F 82 36.32 -26.09 -37.45
N LYS F 86 41.38 -24.14 -41.43
CA LYS F 86 41.69 -24.74 -40.14
C LYS F 86 43.19 -24.86 -39.90
N ARG F 87 43.56 -24.82 -38.63
CA ARG F 87 44.93 -25.00 -38.15
C ARG F 87 44.86 -24.98 -36.63
N ARG F 88 45.67 -25.80 -35.97
CA ARG F 88 45.76 -25.82 -34.49
C ARG F 88 46.83 -26.80 -34.03
N GLU F 89 47.58 -26.47 -32.98
CA GLU F 89 48.66 -27.36 -32.56
C GLU F 89 48.21 -28.48 -31.64
N GLY F 90 48.01 -28.15 -30.38
CA GLY F 90 47.64 -29.13 -29.39
C GLY F 90 48.25 -28.74 -28.06
N ARG F 91 47.77 -29.36 -26.99
CA ARG F 91 48.21 -29.05 -25.65
C ARG F 91 49.44 -29.83 -25.23
N PHE F 92 49.49 -31.09 -25.65
CA PHE F 92 50.58 -31.95 -25.26
C PHE F 92 51.79 -31.39 -25.92
N VAL F 93 51.72 -31.37 -27.24
CA VAL F 93 52.81 -30.85 -28.01
C VAL F 93 53.22 -29.57 -27.32
N GLU F 94 52.23 -28.73 -27.01
CA GLU F 94 52.52 -27.42 -26.43
C GLU F 94 53.44 -27.56 -25.26
N ALA F 95 53.48 -28.76 -24.71
CA ALA F 95 54.29 -29.00 -23.54
C ALA F 95 55.61 -29.67 -23.83
N ASP F 96 55.75 -30.30 -25.01
CA ASP F 96 56.96 -31.09 -25.31
C ASP F 96 58.08 -30.71 -24.37
N GLY F 97 58.68 -31.69 -23.72
CA GLY F 97 59.73 -31.39 -22.76
C GLY F 97 59.29 -30.52 -21.59
N GLY F 98 57.99 -30.30 -21.48
CA GLY F 98 57.46 -29.47 -20.40
C GLY F 98 56.72 -30.32 -19.39
N THR F 99 55.69 -29.74 -18.77
CA THR F 99 54.82 -30.46 -17.84
C THR F 99 53.40 -30.06 -18.08
N LEU F 100 52.57 -31.06 -18.22
CA LEU F 100 51.19 -30.85 -18.57
C LEU F 100 50.32 -31.03 -17.37
N PHE F 101 49.32 -30.18 -17.28
CA PHE F 101 48.42 -30.26 -16.14
C PHE F 101 46.96 -30.22 -16.52
N LEU F 102 46.33 -31.39 -16.47
CA LEU F 102 44.93 -31.48 -16.77
C LEU F 102 44.15 -31.55 -15.48
N ASP F 103 43.20 -30.65 -15.35
CA ASP F 103 42.41 -30.54 -14.15
C ASP F 103 41.07 -31.17 -14.32
N GLU F 104 40.59 -31.72 -13.23
CA GLU F 104 39.30 -32.36 -13.24
C GLU F 104 39.27 -33.32 -14.37
N ILE F 105 40.14 -34.33 -14.32
CA ILE F 105 40.19 -35.35 -15.35
C ILE F 105 39.25 -36.51 -15.10
N GLY F 106 38.43 -36.45 -14.05
CA GLY F 106 37.56 -37.57 -13.71
C GLY F 106 36.39 -37.83 -14.62
N ASP F 107 36.09 -36.90 -15.49
CA ASP F 107 34.90 -37.10 -16.29
C ASP F 107 35.19 -37.22 -17.78
N ILE F 108 36.44 -37.43 -18.13
CA ILE F 108 36.72 -37.46 -19.54
C ILE F 108 35.96 -38.66 -20.13
N SER F 109 35.62 -38.60 -21.39
CA SER F 109 34.87 -39.69 -21.97
C SER F 109 35.80 -40.81 -22.14
N PRO F 110 35.23 -41.99 -22.29
CA PRO F 110 35.96 -43.20 -22.61
C PRO F 110 36.83 -43.08 -23.83
N LEU F 111 36.40 -42.36 -24.84
CA LEU F 111 37.26 -42.23 -26.02
C LEU F 111 38.51 -41.44 -25.62
N MET F 112 38.27 -40.47 -24.75
CA MET F 112 39.35 -39.63 -24.32
C MET F 112 40.30 -40.44 -23.50
N GLN F 113 39.77 -41.29 -22.64
CA GLN F 113 40.66 -42.09 -21.80
C GLN F 113 41.57 -42.89 -22.71
N VAL F 114 41.02 -43.46 -23.76
CA VAL F 114 41.88 -44.27 -24.60
C VAL F 114 43.02 -43.45 -25.15
N ARG F 115 42.71 -42.29 -25.71
CA ARG F 115 43.74 -41.43 -26.28
C ARG F 115 44.70 -41.03 -25.20
N LEU F 116 44.24 -40.21 -24.28
CA LEU F 116 45.12 -39.80 -23.19
C LEU F 116 46.10 -40.93 -22.89
N LEU F 117 45.58 -42.15 -22.86
CA LEU F 117 46.40 -43.31 -22.55
C LEU F 117 47.52 -43.36 -23.55
N ARG F 118 47.18 -43.64 -24.80
CA ARG F 118 48.18 -43.70 -25.87
C ARG F 118 49.21 -42.56 -25.65
N ALA F 119 48.73 -41.33 -25.55
CA ALA F 119 49.67 -40.28 -25.33
C ALA F 119 50.66 -40.64 -24.20
N ILE F 120 50.16 -41.08 -23.06
CA ILE F 120 51.05 -41.39 -21.97
C ILE F 120 51.90 -42.64 -22.25
N GLN F 121 51.23 -43.69 -22.71
CA GLN F 121 51.83 -45.02 -22.96
C GLN F 121 53.04 -44.94 -23.88
N GLU F 122 52.77 -44.71 -25.17
CA GLU F 122 53.80 -44.52 -26.17
C GLU F 122 53.74 -43.06 -26.60
N ARG F 123 54.85 -42.36 -26.45
CA ARG F 123 54.87 -40.91 -26.49
C ARG F 123 54.27 -40.12 -27.64
N GLU F 124 53.68 -40.78 -28.62
CA GLU F 124 53.20 -40.06 -29.80
C GLU F 124 51.88 -39.33 -29.58
N VAL F 125 51.52 -38.48 -30.55
CA VAL F 125 50.26 -37.72 -30.57
C VAL F 125 49.63 -37.61 -31.95
N GLN F 126 48.55 -38.35 -32.20
CA GLN F 126 47.88 -38.27 -33.51
C GLN F 126 46.77 -37.23 -33.42
N ARG F 127 46.53 -36.52 -34.52
CA ARG F 127 45.52 -35.46 -34.55
C ARG F 127 44.18 -36.10 -34.88
N VAL F 128 43.10 -35.38 -34.66
CA VAL F 128 41.78 -35.96 -34.85
C VAL F 128 41.60 -36.53 -36.25
N GLY F 129 42.37 -37.57 -36.59
CA GLY F 129 42.24 -38.21 -37.90
C GLY F 129 43.48 -38.69 -38.64
N SER F 130 44.27 -37.75 -39.15
CA SER F 130 45.47 -38.02 -39.97
C SER F 130 46.66 -38.59 -39.19
N ASN F 131 47.71 -39.00 -39.90
CA ASN F 131 48.89 -39.58 -39.25
C ASN F 131 50.03 -38.61 -38.96
N GLN F 132 49.76 -37.68 -38.06
CA GLN F 132 50.76 -36.72 -37.63
C GLN F 132 51.37 -37.24 -36.33
N THR F 133 52.13 -38.32 -36.42
CA THR F 133 52.72 -38.87 -35.20
C THR F 133 53.92 -38.01 -34.77
N ILE F 134 53.70 -37.28 -33.68
CA ILE F 134 54.61 -36.26 -33.17
C ILE F 134 55.10 -36.65 -31.78
N SER F 135 56.35 -37.07 -31.69
CA SER F 135 56.88 -37.48 -30.40
C SER F 135 56.88 -36.30 -29.44
N VAL F 136 56.55 -36.55 -28.19
CA VAL F 136 56.51 -35.48 -27.23
C VAL F 136 56.79 -36.00 -25.83
N ASP F 137 57.73 -35.34 -25.15
CA ASP F 137 58.11 -35.74 -23.80
C ASP F 137 57.43 -34.85 -22.79
N VAL F 138 56.45 -35.39 -22.07
CA VAL F 138 55.70 -34.59 -21.12
C VAL F 138 55.62 -35.18 -19.72
N ARG F 139 55.82 -34.34 -18.71
CA ARG F 139 55.62 -34.80 -17.35
C ARG F 139 54.17 -34.52 -17.10
N LEU F 140 53.43 -35.54 -16.69
CA LEU F 140 52.00 -35.41 -16.48
C LEU F 140 51.61 -35.23 -15.03
N ILE F 141 50.81 -34.22 -14.78
CA ILE F 141 50.27 -33.98 -13.46
C ILE F 141 48.79 -33.76 -13.65
N ALA F 142 47.95 -34.63 -13.08
CA ALA F 142 46.52 -34.41 -13.17
C ALA F 142 45.83 -34.55 -11.83
N ALA F 143 44.63 -34.01 -11.75
CA ALA F 143 43.85 -34.18 -10.52
C ALA F 143 42.32 -34.28 -10.72
N THR F 144 41.72 -35.08 -9.85
CA THR F 144 40.29 -35.24 -9.83
C THR F 144 39.82 -35.10 -8.43
N HIS F 145 38.59 -34.64 -8.31
CA HIS F 145 37.86 -34.66 -7.07
C HIS F 145 36.97 -35.86 -7.12
N ARG F 146 37.51 -37.02 -7.47
CA ARG F 146 36.66 -38.18 -7.67
C ARG F 146 37.42 -39.38 -7.36
N ASP F 147 36.70 -40.42 -6.96
CA ASP F 147 37.41 -41.61 -6.50
C ASP F 147 37.68 -42.52 -7.71
N LEU F 148 38.82 -42.26 -8.32
CA LEU F 148 39.14 -42.99 -9.52
C LEU F 148 38.87 -44.48 -9.28
N ALA F 149 39.46 -45.05 -8.26
CA ALA F 149 39.12 -46.47 -8.07
C ALA F 149 37.63 -46.77 -8.35
N GLU F 150 36.72 -46.05 -7.70
CA GLU F 150 35.32 -46.43 -7.89
C GLU F 150 35.01 -46.29 -9.33
N GLU F 151 35.44 -45.16 -9.88
CA GLU F 151 35.12 -44.94 -11.25
C GLU F 151 35.61 -46.15 -12.05
N VAL F 152 36.86 -46.53 -11.88
CA VAL F 152 37.20 -47.71 -12.64
C VAL F 152 36.23 -48.80 -12.26
N SER F 153 36.05 -49.06 -10.97
CA SER F 153 35.22 -50.21 -10.67
C SER F 153 33.85 -50.11 -11.30
N ALA F 154 33.33 -48.89 -11.42
CA ALA F 154 31.99 -48.71 -11.99
C ALA F 154 31.93 -48.93 -13.47
N GLY F 155 33.04 -49.11 -14.14
CA GLY F 155 32.97 -49.13 -15.59
C GLY F 155 32.97 -47.75 -16.25
N ARG F 156 33.21 -46.66 -15.52
CA ARG F 156 33.24 -45.40 -16.25
C ARG F 156 34.64 -44.95 -16.55
N PHE F 157 35.62 -45.36 -15.75
CA PHE F 157 37.02 -45.01 -16.01
C PHE F 157 37.73 -46.32 -16.28
N ARG F 158 38.99 -46.31 -16.63
CA ARG F 158 39.56 -47.60 -16.94
C ARG F 158 40.95 -47.94 -16.35
N GLN F 159 41.17 -49.20 -16.04
CA GLN F 159 42.39 -49.61 -15.40
C GLN F 159 43.61 -48.98 -16.07
N ASP F 160 43.95 -49.44 -17.27
CA ASP F 160 45.20 -48.93 -17.90
C ASP F 160 45.51 -47.49 -17.63
N LEU F 161 44.54 -46.62 -17.78
CA LEU F 161 44.84 -45.24 -17.48
C LEU F 161 45.09 -45.06 -16.02
N TYR F 162 44.13 -45.52 -15.25
CA TYR F 162 44.18 -45.32 -13.82
C TYR F 162 45.52 -45.72 -13.29
N TYR F 163 45.90 -46.92 -13.61
CA TYR F 163 47.20 -47.44 -13.18
C TYR F 163 48.30 -46.60 -13.71
N ARG F 164 48.02 -45.82 -14.75
CA ARG F 164 49.09 -44.99 -15.31
C ARG F 164 49.02 -43.64 -14.69
N LEU F 165 47.85 -43.19 -14.28
CA LEU F 165 47.76 -41.87 -13.67
C LEU F 165 48.13 -41.93 -12.22
N ASN F 166 47.67 -42.94 -11.49
CA ASN F 166 47.90 -43.02 -10.06
C ASN F 166 49.24 -43.64 -9.62
N VAL F 167 50.33 -43.18 -10.22
CA VAL F 167 51.64 -43.69 -9.82
C VAL F 167 52.03 -43.20 -8.44
N VAL F 168 52.01 -41.87 -8.30
CA VAL F 168 52.32 -41.18 -7.06
C VAL F 168 51.15 -40.29 -6.85
N ALA F 169 50.49 -40.43 -5.70
CA ALA F 169 49.31 -39.63 -5.50
C ALA F 169 49.37 -38.75 -4.28
N ILE F 170 48.94 -37.50 -4.48
CA ILE F 170 48.86 -36.51 -3.42
C ILE F 170 47.41 -36.23 -3.13
N GLU F 171 47.07 -36.22 -1.85
CA GLU F 171 45.74 -36.00 -1.40
C GLU F 171 45.63 -34.58 -0.86
N MET F 172 44.82 -33.73 -1.49
CA MET F 172 44.69 -32.34 -1.07
C MET F 172 43.77 -32.26 0.11
N PRO F 173 44.21 -31.64 1.17
CA PRO F 173 43.43 -31.53 2.40
C PRO F 173 42.35 -30.49 2.34
N SER F 174 41.18 -30.71 2.93
CA SER F 174 40.09 -29.71 2.94
C SER F 174 40.36 -28.63 3.94
N LEU F 175 39.55 -27.57 3.97
CA LEU F 175 39.86 -26.49 4.91
C LEU F 175 39.70 -26.98 6.34
N ARG F 176 38.56 -27.59 6.64
CA ARG F 176 38.32 -28.10 7.98
C ARG F 176 39.53 -28.87 8.45
N GLN F 177 40.29 -29.40 7.52
CA GLN F 177 41.48 -30.11 7.92
C GLN F 177 42.68 -29.19 8.05
N ARG F 178 42.50 -27.88 7.93
CA ARG F 178 43.64 -27.02 8.16
C ARG F 178 43.25 -25.68 8.76
N ARG F 179 42.49 -25.74 9.85
CA ARG F 179 41.92 -24.54 10.43
C ARG F 179 43.02 -23.56 10.62
N GLU F 180 44.09 -24.06 11.22
CA GLU F 180 45.21 -23.21 11.58
C GLU F 180 45.53 -22.20 10.51
N ASP F 181 45.22 -22.48 9.24
CA ASP F 181 45.49 -21.47 8.23
C ASP F 181 44.35 -20.47 8.06
N ILE F 182 43.12 -20.95 8.06
CA ILE F 182 41.97 -20.06 7.87
C ILE F 182 42.24 -18.59 8.14
N PRO F 183 42.63 -18.28 9.35
CA PRO F 183 42.82 -16.88 9.72
C PRO F 183 43.77 -16.27 8.75
N LEU F 184 44.93 -16.92 8.58
CA LEU F 184 45.96 -16.34 7.75
C LEU F 184 45.41 -16.32 6.35
N LEU F 185 44.56 -17.30 6.10
CA LEU F 185 43.96 -17.49 4.81
C LEU F 185 42.92 -16.40 4.65
N ALA F 186 42.11 -16.20 5.69
CA ALA F 186 41.06 -15.17 5.65
C ALA F 186 41.58 -13.78 5.37
N ASP F 187 42.60 -13.38 6.15
CA ASP F 187 43.12 -12.05 6.02
C ASP F 187 43.40 -11.92 4.55
N HIS F 188 44.27 -12.76 4.01
CA HIS F 188 44.60 -12.68 2.59
C HIS F 188 43.43 -12.13 1.72
N PHE F 189 42.26 -12.78 1.67
CA PHE F 189 41.17 -12.26 0.84
C PHE F 189 40.68 -10.93 1.41
N LEU F 190 40.47 -10.89 2.72
CA LEU F 190 40.05 -9.66 3.34
C LEU F 190 40.96 -8.51 2.89
N ARG F 191 42.13 -8.83 2.36
CA ARG F 191 43.00 -7.77 1.89
C ARG F 191 42.79 -7.56 0.40
N ARG F 192 42.66 -8.65 -0.34
CA ARG F 192 42.44 -8.53 -1.77
C ARG F 192 41.19 -7.70 -2.07
N PHE F 193 40.10 -8.02 -1.39
CA PHE F 193 38.85 -7.37 -1.70
C PHE F 193 38.68 -6.00 -1.04
N ALA F 194 39.38 -5.77 0.06
CA ALA F 194 39.24 -4.47 0.66
C ALA F 194 39.80 -3.50 -0.37
N GLU F 195 40.77 -3.96 -1.15
CA GLU F 195 41.37 -3.08 -2.14
C GLU F 195 40.49 -2.96 -3.35
N ARG F 196 40.10 -4.10 -3.90
CA ARG F 196 39.29 -4.12 -5.11
C ARG F 196 38.07 -3.24 -4.97
N ASN F 197 37.65 -3.03 -3.74
CA ASN F 197 36.49 -2.18 -3.48
C ASN F 197 36.89 -0.84 -2.89
N ARG F 198 38.17 -0.52 -2.93
CA ARG F 198 38.62 0.76 -2.38
C ARG F 198 37.97 1.01 -1.03
N LYS F 199 37.81 0.01 -0.21
CA LYS F 199 37.17 0.23 1.06
C LYS F 199 38.21 0.12 2.14
N VAL F 200 38.01 0.86 3.22
CA VAL F 200 39.02 0.83 4.26
C VAL F 200 38.69 -0.26 5.19
N VAL F 201 39.23 -1.43 4.99
CA VAL F 201 38.87 -2.47 5.92
C VAL F 201 40.07 -2.97 6.61
N LYS F 202 39.94 -3.28 7.90
CA LYS F 202 41.10 -3.87 8.60
C LYS F 202 40.83 -4.62 9.89
N GLY F 203 41.07 -5.93 9.81
CA GLY F 203 40.80 -6.90 10.86
C GLY F 203 39.37 -7.46 10.90
N PHE F 204 39.22 -8.67 11.48
CA PHE F 204 37.88 -9.23 11.77
C PHE F 204 37.64 -9.11 13.29
N THR F 205 36.41 -8.93 13.74
CA THR F 205 36.13 -8.97 15.16
C THR F 205 36.41 -10.37 15.53
N PRO F 206 37.03 -10.56 16.68
CA PRO F 206 37.42 -11.88 17.20
C PRO F 206 36.28 -12.87 17.28
N GLN F 207 35.05 -12.38 17.31
CA GLN F 207 33.91 -13.25 17.31
C GLN F 207 33.92 -13.83 15.91
N ALA F 208 33.71 -12.94 14.94
CA ALA F 208 33.64 -13.32 13.54
C ALA F 208 34.70 -14.33 13.16
N MET F 209 35.94 -13.90 13.36
CA MET F 209 37.11 -14.70 13.04
C MET F 209 36.94 -16.06 13.65
N ASP F 210 36.33 -16.11 14.83
CA ASP F 210 36.12 -17.37 15.52
C ASP F 210 35.23 -18.33 14.72
N LEU F 211 34.15 -17.83 14.11
CA LEU F 211 33.29 -18.68 13.28
C LEU F 211 34.07 -19.09 12.03
N LEU F 212 34.39 -18.14 11.17
CA LEU F 212 35.23 -18.49 10.04
C LEU F 212 36.16 -19.71 10.32
N ILE F 213 36.89 -19.66 11.42
CA ILE F 213 37.81 -20.73 11.77
C ILE F 213 37.12 -22.05 11.98
N HIS F 214 35.88 -22.03 12.44
CA HIS F 214 35.18 -23.28 12.72
C HIS F 214 34.22 -23.73 11.68
N TYR F 215 34.03 -22.95 10.65
CA TYR F 215 33.29 -23.59 9.59
C TYR F 215 33.93 -23.79 8.19
N ASP F 216 33.66 -22.93 7.20
CA ASP F 216 34.08 -23.04 5.76
C ASP F 216 34.40 -24.39 5.24
N TRP F 217 33.47 -25.31 5.43
CA TRP F 217 33.85 -26.65 5.13
C TRP F 217 33.60 -26.89 3.69
N PRO F 218 32.34 -27.17 3.45
CA PRO F 218 31.80 -27.69 2.19
C PRO F 218 32.20 -27.02 0.90
N GLY F 219 32.75 -25.82 0.90
CA GLY F 219 33.12 -25.20 -0.37
C GLY F 219 34.51 -24.66 -0.11
N ASN F 220 35.35 -25.60 0.25
CA ASN F 220 36.56 -25.21 0.83
C ASN F 220 37.03 -23.76 0.60
N ILE F 221 37.92 -23.48 -0.34
CA ILE F 221 38.43 -22.11 -0.37
C ILE F 221 37.52 -21.18 -1.14
N ARG F 222 36.90 -21.70 -2.18
CA ARG F 222 36.04 -20.84 -2.97
C ARG F 222 34.93 -20.28 -2.09
N GLU F 223 34.57 -20.98 -1.03
CA GLU F 223 33.43 -20.55 -0.30
C GLU F 223 33.86 -19.52 0.67
N LEU F 224 35.07 -19.69 1.20
CA LEU F 224 35.56 -18.73 2.16
C LEU F 224 35.84 -17.49 1.33
N GLU F 225 36.47 -17.71 0.18
CA GLU F 225 36.69 -16.58 -0.69
C GLU F 225 35.41 -15.82 -0.87
N ASN F 226 34.38 -16.51 -1.30
CA ASN F 226 33.14 -15.80 -1.54
C ASN F 226 32.61 -15.08 -0.29
N ALA F 227 32.59 -15.78 0.84
CA ALA F 227 32.04 -15.20 2.06
C ALA F 227 32.79 -13.94 2.41
N ILE F 228 34.07 -13.92 2.16
CA ILE F 228 34.73 -12.69 2.50
C ILE F 228 34.43 -11.61 1.51
N GLU F 229 34.63 -11.86 0.24
CA GLU F 229 34.23 -10.81 -0.69
C GLU F 229 32.85 -10.30 -0.36
N ARG F 230 31.98 -11.20 0.08
CA ARG F 230 30.63 -10.70 0.43
C ARG F 230 30.71 -9.71 1.55
N ALA F 231 31.36 -10.11 2.64
CA ALA F 231 31.41 -9.28 3.82
C ALA F 231 31.95 -7.90 3.50
N VAL F 232 33.08 -7.84 2.85
CA VAL F 232 33.66 -6.55 2.54
C VAL F 232 32.60 -5.71 1.85
N VAL F 233 32.10 -6.22 0.74
CA VAL F 233 31.10 -5.45 -0.01
C VAL F 233 29.98 -4.92 0.85
N LEU F 234 29.56 -5.69 1.84
CA LEU F 234 28.50 -5.27 2.75
C LEU F 234 28.95 -4.38 3.91
N LEU F 235 30.18 -4.59 4.36
CA LEU F 235 30.74 -3.89 5.51
C LEU F 235 30.62 -2.36 5.52
N THR F 236 29.89 -1.80 6.48
CA THR F 236 29.83 -0.34 6.62
C THR F 236 30.60 -0.04 7.87
N GLY F 237 31.89 0.18 7.74
CA GLY F 237 32.75 0.44 8.89
C GLY F 237 34.06 -0.29 8.68
N GLU F 238 34.75 -0.64 9.76
CA GLU F 238 36.11 -1.15 9.59
C GLU F 238 36.47 -2.60 9.89
N TYR F 239 35.74 -3.24 10.79
CA TYR F 239 36.07 -4.62 11.09
C TYR F 239 34.94 -5.53 10.64
N ILE F 240 35.20 -6.54 9.81
CA ILE F 240 34.10 -7.37 9.35
C ILE F 240 33.70 -8.22 10.55
N SER F 241 32.41 -8.36 10.77
CA SER F 241 31.87 -9.05 11.96
C SER F 241 30.81 -10.10 11.68
N GLU F 242 30.35 -10.73 12.75
CA GLU F 242 29.29 -11.71 12.62
C GLU F 242 28.23 -11.29 11.61
N ARG F 243 27.69 -10.09 11.73
CA ARG F 243 26.60 -9.76 10.83
C ARG F 243 27.01 -9.20 9.50
N GLU F 244 28.04 -9.77 8.90
CA GLU F 244 28.49 -9.35 7.60
C GLU F 244 28.88 -10.59 6.84
N LEU F 245 28.87 -11.70 7.54
CA LEU F 245 29.23 -12.97 6.97
C LEU F 245 28.00 -13.64 6.38
N PRO F 246 28.22 -14.59 5.51
CA PRO F 246 27.09 -15.29 4.90
C PRO F 246 26.28 -15.91 6.02
N LEU F 247 24.97 -15.96 5.80
CA LEU F 247 24.05 -16.49 6.76
C LEU F 247 24.45 -17.87 7.24
N ALA F 248 24.69 -18.76 6.27
CA ALA F 248 24.98 -20.17 6.52
C ALA F 248 26.06 -20.40 7.55
N ILE F 249 26.35 -19.37 8.34
CA ILE F 249 27.37 -19.48 9.36
C ILE F 249 26.79 -19.01 10.69
N ALA F 250 25.52 -19.34 10.90
CA ALA F 250 24.83 -18.99 12.12
C ALA F 250 24.68 -20.21 13.05
N ALA F 251 25.80 -20.88 13.33
CA ALA F 251 25.86 -22.02 14.25
C ALA F 251 27.34 -22.31 14.54
N THR F 252 27.64 -23.03 15.61
CA THR F 252 29.03 -23.32 15.97
C THR F 252 29.32 -24.81 15.97
#